data_3GJP
# 
_entry.id   3GJP 
# 
_audit_conform.dict_name       mmcif_pdbx.dic 
_audit_conform.dict_version    5.380 
_audit_conform.dict_location   http://mmcif.pdb.org/dictionaries/ascii/mmcif_pdbx.dic 
# 
loop_
_database_2.database_id 
_database_2.database_code 
_database_2.pdbx_database_accession 
_database_2.pdbx_DOI 
PDB   3GJP         pdb_00003gjp 10.2210/pdb3gjp/pdb 
RCSB  RCSB051945   ?            ?                   
WWPDB D_1000051945 ?            ?                   
# 
_pdbx_database_status.status_code                     REL 
_pdbx_database_status.entry_id                        3GJP 
_pdbx_database_status.recvd_initial_deposition_date   2009-03-09 
_pdbx_database_status.deposit_site                    RCSB 
_pdbx_database_status.process_site                    PDBJ 
_pdbx_database_status.status_code_sf                  REL 
_pdbx_database_status.status_code_mr                  ? 
_pdbx_database_status.SG_entry                        ? 
_pdbx_database_status.status_code_cs                  ? 
_pdbx_database_status.methods_development_category    ? 
_pdbx_database_status.pdb_format_compatible           Y 
_pdbx_database_status.status_code_nmr_data            ? 
# 
loop_
_audit_author.name 
_audit_author.pdbx_ordinal 
'Honnappa, S.'    1 
'Steinmetz, M.O.' 2 
# 
_citation.id                        primary 
_citation.title                     'Molecular basis of coiled-coil oligomerization-state specificity' 
_citation.journal_abbrev            Proc.Natl.Acad.Sci.USA 
_citation.journal_volume            107 
_citation.page_first                19850 
_citation.page_last                 19855 
_citation.year                      2010 
_citation.journal_id_ASTM           PNASA6 
_citation.country                   US 
_citation.journal_id_ISSN           0027-8424 
_citation.journal_id_CSD            0040 
_citation.book_publisher            ? 
_citation.pdbx_database_id_PubMed   21045134 
_citation.pdbx_database_id_DOI      10.1073/pnas.1008502107 
# 
loop_
_citation_author.citation_id 
_citation_author.name 
_citation_author.ordinal 
_citation_author.identifier_ORCID 
primary 'Ciani, B.'       1 ? 
primary 'Bjelic, S.'      2 ? 
primary 'Honnappa, S.'    3 ? 
primary 'Jawhari, H.'     4 ? 
primary 'Jaussi, R.'      5 ? 
primary 'Payapilly, A.'   6 ? 
primary 'Jowitt, T.'      7 ? 
primary 'Steinmetz, M.O.' 8 ? 
primary 'Kammerer, R.A.'  9 ? 
# 
_cell.entry_id           3GJP 
_cell.length_a           42.246 
_cell.length_b           45.936 
_cell.length_c           47.156 
_cell.angle_alpha        90.00 
_cell.angle_beta         90.00 
_cell.angle_gamma        90.00 
_cell.Z_PDB              12 
_cell.pdbx_unique_axis   ? 
_cell.length_a_esd       ? 
_cell.length_b_esd       ? 
_cell.length_c_esd       ? 
_cell.angle_alpha_esd    ? 
_cell.angle_beta_esd     ? 
_cell.angle_gamma_esd    ? 
# 
_symmetry.entry_id                         3GJP 
_symmetry.space_group_name_H-M             'P 21 21 21' 
_symmetry.pdbx_full_space_group_name_H-M   ? 
_symmetry.cell_setting                     ? 
_symmetry.Int_Tables_number                19 
_symmetry.space_group_name_Hall            ? 
# 
loop_
_entity.id 
_entity.type 
_entity.src_method 
_entity.pdbx_description 
_entity.formula_weight 
_entity.pdbx_number_of_molecules 
_entity.pdbx_ec 
_entity.pdbx_mutation 
_entity.pdbx_fragment 
_entity.details 
1 polymer man 'General control protein GCN4' 4163.820 3  ? V271I,L274I 'Leucine zipper' ? 
2 water   nat water                          18.015   62 ? ?           ?                ? 
# 
_entity_name_com.entity_id   1 
_entity_name_com.name        'Amino acid biosynthesis regulatory protein' 
# 
_entity_poly.entity_id                      1 
_entity_poly.type                           'polypeptide(L)' 
_entity_poly.nstd_linkage                   no 
_entity_poly.nstd_monomer                   no 
_entity_poly.pdbx_seq_one_letter_code       GSRMKQLEDKVEELLSKNYHLENEIARIKKLVGER 
_entity_poly.pdbx_seq_one_letter_code_can   GSRMKQLEDKVEELLSKNYHLENEIARIKKLVGER 
_entity_poly.pdbx_strand_id                 A,B,C 
_entity_poly.pdbx_target_identifier         ? 
# 
loop_
_entity_poly_seq.entity_id 
_entity_poly_seq.num 
_entity_poly_seq.mon_id 
_entity_poly_seq.hetero 
1 1  GLY n 
1 2  SER n 
1 3  ARG n 
1 4  MET n 
1 5  LYS n 
1 6  GLN n 
1 7  LEU n 
1 8  GLU n 
1 9  ASP n 
1 10 LYS n 
1 11 VAL n 
1 12 GLU n 
1 13 GLU n 
1 14 LEU n 
1 15 LEU n 
1 16 SER n 
1 17 LYS n 
1 18 ASN n 
1 19 TYR n 
1 20 HIS n 
1 21 LEU n 
1 22 GLU n 
1 23 ASN n 
1 24 GLU n 
1 25 ILE n 
1 26 ALA n 
1 27 ARG n 
1 28 ILE n 
1 29 LYS n 
1 30 LYS n 
1 31 LEU n 
1 32 VAL n 
1 33 GLY n 
1 34 GLU n 
1 35 ARG n 
# 
_entity_src_gen.entity_id                          1 
_entity_src_gen.pdbx_src_id                        1 
_entity_src_gen.pdbx_alt_source_flag               sample 
_entity_src_gen.pdbx_seq_type                      ? 
_entity_src_gen.pdbx_beg_seq_num                   ? 
_entity_src_gen.pdbx_end_seq_num                   ? 
_entity_src_gen.gene_src_common_name               yeast 
_entity_src_gen.gene_src_genus                     ? 
_entity_src_gen.pdbx_gene_src_gene                 GCN4 
_entity_src_gen.gene_src_species                   ? 
_entity_src_gen.gene_src_strain                    ? 
_entity_src_gen.gene_src_tissue                    ? 
_entity_src_gen.gene_src_tissue_fraction           ? 
_entity_src_gen.gene_src_details                   ? 
_entity_src_gen.pdbx_gene_src_fragment             ? 
_entity_src_gen.pdbx_gene_src_scientific_name      'Saccharomyces cerevisiae' 
_entity_src_gen.pdbx_gene_src_ncbi_taxonomy_id     4932 
_entity_src_gen.pdbx_gene_src_variant              ? 
_entity_src_gen.pdbx_gene_src_cell_line            ? 
_entity_src_gen.pdbx_gene_src_atcc                 ? 
_entity_src_gen.pdbx_gene_src_organ                ? 
_entity_src_gen.pdbx_gene_src_organelle            ? 
_entity_src_gen.pdbx_gene_src_cell                 ? 
_entity_src_gen.pdbx_gene_src_cellular_location    ? 
_entity_src_gen.host_org_common_name               ? 
_entity_src_gen.pdbx_host_org_scientific_name      'ESCHERICHIA COLI' 
_entity_src_gen.pdbx_host_org_ncbi_taxonomy_id     562 
_entity_src_gen.host_org_genus                     ? 
_entity_src_gen.pdbx_host_org_gene                 ? 
_entity_src_gen.pdbx_host_org_organ                ? 
_entity_src_gen.host_org_species                   ? 
_entity_src_gen.pdbx_host_org_tissue               ? 
_entity_src_gen.pdbx_host_org_tissue_fraction      ? 
_entity_src_gen.pdbx_host_org_strain               'BL21(DE3)' 
_entity_src_gen.pdbx_host_org_variant              ? 
_entity_src_gen.pdbx_host_org_cell_line            ? 
_entity_src_gen.pdbx_host_org_atcc                 ? 
_entity_src_gen.pdbx_host_org_culture_collection   ? 
_entity_src_gen.pdbx_host_org_cell                 ? 
_entity_src_gen.pdbx_host_org_organelle            ? 
_entity_src_gen.pdbx_host_org_cellular_location    ? 
_entity_src_gen.pdbx_host_org_vector_type          PLASMID 
_entity_src_gen.pdbx_host_org_vector               ? 
_entity_src_gen.host_org_details                   ? 
_entity_src_gen.expression_system_id               ? 
_entity_src_gen.plasmid_name                       'Pet 15b-his-theoredoxin' 
_entity_src_gen.plasmid_details                    ? 
_entity_src_gen.pdbx_description                   ? 
# 
_struct_ref.id                         1 
_struct_ref.db_name                    UNP 
_struct_ref.db_code                    GCN4_YEAST 
_struct_ref.entity_id                  1 
_struct_ref.pdbx_seq_one_letter_code   RMKQLEDKVEELLSKNYHLENEVARLKKLVGER 
_struct_ref.pdbx_align_begin           249 
_struct_ref.pdbx_db_accession          P03069 
_struct_ref.pdbx_db_isoform            ? 
# 
loop_
_struct_ref_seq.align_id 
_struct_ref_seq.ref_id 
_struct_ref_seq.pdbx_PDB_id_code 
_struct_ref_seq.pdbx_strand_id 
_struct_ref_seq.seq_align_beg 
_struct_ref_seq.pdbx_seq_align_beg_ins_code 
_struct_ref_seq.seq_align_end 
_struct_ref_seq.pdbx_seq_align_end_ins_code 
_struct_ref_seq.pdbx_db_accession 
_struct_ref_seq.db_align_beg 
_struct_ref_seq.pdbx_db_align_beg_ins_code 
_struct_ref_seq.db_align_end 
_struct_ref_seq.pdbx_db_align_end_ins_code 
_struct_ref_seq.pdbx_auth_seq_align_beg 
_struct_ref_seq.pdbx_auth_seq_align_end 
1 1 3GJP A 3 ? 35 ? P03069 249 ? 281 ? 1 33 
2 1 3GJP B 3 ? 35 ? P03069 249 ? 281 ? 1 33 
3 1 3GJP C 3 ? 35 ? P03069 249 ? 281 ? 1 33 
# 
loop_
_struct_ref_seq_dif.align_id 
_struct_ref_seq_dif.pdbx_pdb_id_code 
_struct_ref_seq_dif.mon_id 
_struct_ref_seq_dif.pdbx_pdb_strand_id 
_struct_ref_seq_dif.seq_num 
_struct_ref_seq_dif.pdbx_pdb_ins_code 
_struct_ref_seq_dif.pdbx_seq_db_name 
_struct_ref_seq_dif.pdbx_seq_db_accession_code 
_struct_ref_seq_dif.db_mon_id 
_struct_ref_seq_dif.pdbx_seq_db_seq_num 
_struct_ref_seq_dif.details 
_struct_ref_seq_dif.pdbx_auth_seq_num 
_struct_ref_seq_dif.pdbx_ordinal 
1 3GJP GLY A 1  ? UNP P03069 ?   ?   'expression tag'      -1 1  
1 3GJP SER A 2  ? UNP P03069 ?   ?   'expression tag'      0  2  
1 3GJP ILE A 25 ? UNP P03069 VAL 271 'engineered mutation' 23 3  
1 3GJP ILE A 28 ? UNP P03069 LEU 274 'engineered mutation' 26 4  
2 3GJP GLY B 1  ? UNP P03069 ?   ?   'expression tag'      -1 5  
2 3GJP SER B 2  ? UNP P03069 ?   ?   'expression tag'      0  6  
2 3GJP ILE B 25 ? UNP P03069 VAL 271 'engineered mutation' 23 7  
2 3GJP ILE B 28 ? UNP P03069 LEU 274 'engineered mutation' 26 8  
3 3GJP GLY C 1  ? UNP P03069 ?   ?   'expression tag'      -1 9  
3 3GJP SER C 2  ? UNP P03069 ?   ?   'expression tag'      0  10 
3 3GJP ILE C 25 ? UNP P03069 VAL 271 'engineered mutation' 23 11 
3 3GJP ILE C 28 ? UNP P03069 LEU 274 'engineered mutation' 26 12 
# 
loop_
_chem_comp.id 
_chem_comp.type 
_chem_comp.mon_nstd_flag 
_chem_comp.name 
_chem_comp.pdbx_synonyms 
_chem_comp.formula 
_chem_comp.formula_weight 
ALA 'L-peptide linking' y ALANINE         ? 'C3 H7 N O2'     89.093  
ARG 'L-peptide linking' y ARGININE        ? 'C6 H15 N4 O2 1' 175.209 
ASN 'L-peptide linking' y ASPARAGINE      ? 'C4 H8 N2 O3'    132.118 
ASP 'L-peptide linking' y 'ASPARTIC ACID' ? 'C4 H7 N O4'     133.103 
GLN 'L-peptide linking' y GLUTAMINE       ? 'C5 H10 N2 O3'   146.144 
GLU 'L-peptide linking' y 'GLUTAMIC ACID' ? 'C5 H9 N O4'     147.129 
GLY 'peptide linking'   y GLYCINE         ? 'C2 H5 N O2'     75.067  
HIS 'L-peptide linking' y HISTIDINE       ? 'C6 H10 N3 O2 1' 156.162 
HOH non-polymer         . WATER           ? 'H2 O'           18.015  
ILE 'L-peptide linking' y ISOLEUCINE      ? 'C6 H13 N O2'    131.173 
LEU 'L-peptide linking' y LEUCINE         ? 'C6 H13 N O2'    131.173 
LYS 'L-peptide linking' y LYSINE          ? 'C6 H15 N2 O2 1' 147.195 
MET 'L-peptide linking' y METHIONINE      ? 'C5 H11 N O2 S'  149.211 
SER 'L-peptide linking' y SERINE          ? 'C3 H7 N O3'     105.093 
TYR 'L-peptide linking' y TYROSINE        ? 'C9 H11 N O3'    181.189 
VAL 'L-peptide linking' y VALINE          ? 'C5 H11 N O2'    117.146 
# 
_exptl.entry_id          3GJP 
_exptl.method            'X-RAY DIFFRACTION' 
_exptl.crystals_number   1 
# 
_exptl_crystal.id                    1 
_exptl_crystal.density_meas          ? 
_exptl_crystal.density_Matthews      1.83 
_exptl_crystal.density_percent_sol   32.84 
_exptl_crystal.description           ? 
_exptl_crystal.F_000                 ? 
_exptl_crystal.preparation           ? 
# 
_diffrn.id                     1 
_diffrn.ambient_temp           100.0 
_diffrn.ambient_temp_details   ? 
_diffrn.crystal_id             1 
# 
_diffrn_detector.diffrn_id              1 
_diffrn_detector.detector               'IMAGE PLATE' 
_diffrn_detector.type                   'RIGAKU RAXIS IV++' 
_diffrn_detector.pdbx_collection_date   2007-09-27 
_diffrn_detector.details                'OSMIC MIRRORS' 
# 
_diffrn_radiation.diffrn_id                        1 
_diffrn_radiation.wavelength_id                    1 
_diffrn_radiation.pdbx_monochromatic_or_laue_m_l   M 
_diffrn_radiation.monochromator                    'CONFOCAL MIRROR MICROMAX' 
_diffrn_radiation.pdbx_diffrn_protocol             'SINGLE WAVELENGTH' 
_diffrn_radiation.pdbx_scattering_type             x-ray 
# 
_diffrn_radiation_wavelength.id           1 
_diffrn_radiation_wavelength.wavelength   1.514 
_diffrn_radiation_wavelength.wt           1.0 
# 
_diffrn_source.diffrn_id                   1 
_diffrn_source.source                      'ROTATING ANODE' 
_diffrn_source.type                        'RIGAKU MICROMAX-007' 
_diffrn_source.pdbx_synchrotron_site       ? 
_diffrn_source.pdbx_synchrotron_beamline   ? 
_diffrn_source.pdbx_wavelength             1.514 
_diffrn_source.pdbx_wavelength_list        ? 
# 
_reflns.entry_id                     3GJP 
_reflns.observed_criterion_sigma_I   -3.000 
_reflns.observed_criterion_sigma_F   ? 
_reflns.d_resolution_low             45.000 
_reflns.d_resolution_high            2.000 
_reflns.number_obs                   6442 
_reflns.number_all                   ? 
_reflns.percent_possible_obs         98.1 
_reflns.pdbx_Rmerge_I_obs            ? 
_reflns.pdbx_Rsym_value              0.04900 
_reflns.pdbx_netI_over_sigmaI        15.7000 
_reflns.B_iso_Wilson_estimate        ? 
_reflns.pdbx_redundancy              ? 
_reflns.R_free_details               ? 
_reflns.limit_h_max                  ? 
_reflns.limit_h_min                  ? 
_reflns.limit_k_max                  ? 
_reflns.limit_k_min                  ? 
_reflns.limit_l_max                  ? 
_reflns.limit_l_min                  ? 
_reflns.observed_criterion_F_max     ? 
_reflns.observed_criterion_F_min     ? 
_reflns.pdbx_chi_squared             ? 
_reflns.pdbx_scaling_rejects         ? 
_reflns.pdbx_ordinal                 1 
_reflns.pdbx_diffrn_id               1 
# 
_reflns_shell.d_res_high             2.00 
_reflns_shell.d_res_low              2.15 
_reflns_shell.percent_possible_all   98.6 
_reflns_shell.Rmerge_I_obs           ? 
_reflns_shell.pdbx_Rsym_value        0.12900 
_reflns_shell.meanI_over_sigI_obs    7.600 
_reflns_shell.pdbx_redundancy        ? 
_reflns_shell.percent_possible_obs   ? 
_reflns_shell.number_unique_all      ? 
_reflns_shell.number_measured_all    ? 
_reflns_shell.number_measured_obs    ? 
_reflns_shell.number_unique_obs      ? 
_reflns_shell.pdbx_chi_squared       ? 
_reflns_shell.pdbx_ordinal           1 
_reflns_shell.pdbx_diffrn_id         1 
# 
_refine.entry_id                                 3GJP 
_refine.ls_number_reflns_obs                     6139 
_refine.ls_number_reflns_all                     ? 
_refine.pdbx_ls_sigma_I                          ? 
_refine.pdbx_ls_sigma_F                          0.000 
_refine.pdbx_data_cutoff_high_absF               ? 
_refine.pdbx_data_cutoff_low_absF                ? 
_refine.pdbx_data_cutoff_high_rms_absF           ? 
_refine.ls_d_res_low                             32.90 
_refine.ls_d_res_high                            2.00 
_refine.ls_percent_reflns_obs                    98.1 
_refine.ls_R_factor_obs                          0.215 
_refine.ls_R_factor_all                          ? 
_refine.ls_R_factor_R_work                       0.212 
_refine.ls_R_factor_R_free                       0.269 
_refine.ls_R_factor_R_free_error                 ? 
_refine.ls_R_factor_R_free_error_details         ? 
_refine.ls_percent_reflns_R_free                 4.700 
_refine.ls_number_reflns_R_free                  302 
_refine.ls_number_parameters                     ? 
_refine.ls_number_restraints                     ? 
_refine.occupancy_min                            ? 
_refine.occupancy_max                            ? 
_refine.correlation_coeff_Fo_to_Fc               0.919 
_refine.correlation_coeff_Fo_to_Fc_free          0.894 
_refine.B_iso_mean                               17.51 
_refine.aniso_B[1][1]                            0.48000 
_refine.aniso_B[2][2]                            0.68000 
_refine.aniso_B[3][3]                            -1.16000 
_refine.aniso_B[1][2]                            0.00000 
_refine.aniso_B[1][3]                            0.00000 
_refine.aniso_B[2][3]                            0.00000 
_refine.solvent_model_details                    MASK 
_refine.solvent_model_param_ksol                 ? 
_refine.solvent_model_param_bsol                 ? 
_refine.pdbx_solvent_vdw_probe_radii             1.20 
_refine.pdbx_solvent_ion_probe_radii             0.80 
_refine.pdbx_solvent_shrinkage_radii             0.80 
_refine.pdbx_ls_cross_valid_method               THROUGHOUT 
_refine.details                                  'HYDROGENS HAVE BEEN ADDED IN THE RIDING POSITIONS' 
_refine.pdbx_starting_model                      2O7H 
_refine.pdbx_method_to_determine_struct          'MOLECULAR REPLACEMENT' 
_refine.pdbx_isotropic_thermal_model             ? 
_refine.pdbx_stereochemistry_target_values       'MAXIMUM LIKELIHOOD' 
_refine.pdbx_stereochem_target_val_spec_case     ? 
_refine.pdbx_R_Free_selection_details            RANDOM 
_refine.pdbx_overall_ESU_R                       0.267 
_refine.pdbx_overall_ESU_R_Free                  0.213 
_refine.overall_SU_ML                            0.155 
_refine.overall_SU_B                             10.499 
_refine.ls_redundancy_reflns_obs                 ? 
_refine.B_iso_min                                ? 
_refine.B_iso_max                                ? 
_refine.overall_SU_R_Cruickshank_DPI             ? 
_refine.overall_SU_R_free                        ? 
_refine.ls_wR_factor_R_free                      ? 
_refine.ls_wR_factor_R_work                      ? 
_refine.overall_FOM_free_R_set                   ? 
_refine.overall_FOM_work_R_set                   ? 
_refine.pdbx_refine_id                           'X-RAY DIFFRACTION' 
_refine.pdbx_overall_phase_error                 ? 
_refine.pdbx_TLS_residual_ADP_flag               'LIKELY RESIDUAL' 
_refine.pdbx_diffrn_id                           1 
_refine.pdbx_overall_SU_R_free_Cruickshank_DPI   ? 
_refine.pdbx_overall_SU_R_Blow_DPI               ? 
_refine.pdbx_overall_SU_R_free_Blow_DPI          ? 
# 
_refine_hist.pdbx_refine_id                   'X-RAY DIFFRACTION' 
_refine_hist.cycle_id                         LAST 
_refine_hist.pdbx_number_atoms_protein        861 
_refine_hist.pdbx_number_atoms_nucleic_acid   0 
_refine_hist.pdbx_number_atoms_ligand         0 
_refine_hist.number_atoms_solvent             62 
_refine_hist.number_atoms_total               923 
_refine_hist.d_res_high                       2.00 
_refine_hist.d_res_low                        32.90 
# 
loop_
_refine_ls_restr.type 
_refine_ls_restr.dev_ideal 
_refine_ls_restr.dev_ideal_target 
_refine_ls_restr.weight 
_refine_ls_restr.number 
_refine_ls_restr.pdbx_refine_id 
_refine_ls_restr.pdbx_restraint_function 
r_bond_refined_d             0.010  0.022  ? 864  'X-RAY DIFFRACTION' ? 
r_bond_other_d               ?      ?      ? ?    'X-RAY DIFFRACTION' ? 
r_angle_refined_deg          1.090  2.012  ? 1142 'X-RAY DIFFRACTION' ? 
r_angle_other_deg            ?      ?      ? ?    'X-RAY DIFFRACTION' ? 
r_dihedral_angle_1_deg       4.204  5.000  ? 101  'X-RAY DIFFRACTION' ? 
r_dihedral_angle_2_deg       39.263 25.000 ? 44   'X-RAY DIFFRACTION' ? 
r_dihedral_angle_3_deg       15.976 15.000 ? 204  'X-RAY DIFFRACTION' ? 
r_dihedral_angle_4_deg       17.857 15.000 ? 8    'X-RAY DIFFRACTION' ? 
r_chiral_restr               0.067  0.200  ? 125  'X-RAY DIFFRACTION' ? 
r_gen_planes_refined         0.004  0.020  ? 614  'X-RAY DIFFRACTION' ? 
r_gen_planes_other           ?      ?      ? ?    'X-RAY DIFFRACTION' ? 
r_nbd_refined                0.188  0.200  ? 381  'X-RAY DIFFRACTION' ? 
r_nbd_other                  ?      ?      ? ?    'X-RAY DIFFRACTION' ? 
r_nbtor_refined              0.282  0.200  ? 597  'X-RAY DIFFRACTION' ? 
r_nbtor_other                ?      ?      ? ?    'X-RAY DIFFRACTION' ? 
r_xyhbond_nbd_refined        0.154  0.200  ? 47   'X-RAY DIFFRACTION' ? 
r_xyhbond_nbd_other          ?      ?      ? ?    'X-RAY DIFFRACTION' ? 
r_metal_ion_refined          ?      ?      ? ?    'X-RAY DIFFRACTION' ? 
r_metal_ion_other            ?      ?      ? ?    'X-RAY DIFFRACTION' ? 
r_symmetry_vdw_refined       0.204  0.200  ? 49   'X-RAY DIFFRACTION' ? 
r_symmetry_vdw_other         ?      ?      ? ?    'X-RAY DIFFRACTION' ? 
r_symmetry_hbond_refined     0.203  0.200  ? 11   'X-RAY DIFFRACTION' ? 
r_symmetry_hbond_other       ?      ?      ? ?    'X-RAY DIFFRACTION' ? 
r_symmetry_metal_ion_refined ?      ?      ? ?    'X-RAY DIFFRACTION' ? 
r_symmetry_metal_ion_other   ?      ?      ? ?    'X-RAY DIFFRACTION' ? 
r_mcbond_it                  2.284  2.000  ? 534  'X-RAY DIFFRACTION' ? 
r_mcbond_other               ?      ?      ? ?    'X-RAY DIFFRACTION' ? 
r_mcangle_it                 3.210  3.000  ? 818  'X-RAY DIFFRACTION' ? 
r_scbond_it                  6.140  4.500  ? 363  'X-RAY DIFFRACTION' ? 
r_scangle_it                 8.745  6.000  ? 324  'X-RAY DIFFRACTION' ? 
r_rigid_bond_restr           ?      ?      ? ?    'X-RAY DIFFRACTION' ? 
r_sphericity_free            ?      ?      ? ?    'X-RAY DIFFRACTION' ? 
r_sphericity_bonded          ?      ?      ? ?    'X-RAY DIFFRACTION' ? 
# 
_refine_ls_shell.pdbx_total_number_of_bins_used   20 
_refine_ls_shell.d_res_high                       2.00 
_refine_ls_shell.d_res_low                        2.05 
_refine_ls_shell.number_reflns_R_work             441 
_refine_ls_shell.R_factor_R_work                  0.1970 
_refine_ls_shell.percent_reflns_obs               97.68 
_refine_ls_shell.R_factor_R_free                  0.3470 
_refine_ls_shell.R_factor_R_free_error            ? 
_refine_ls_shell.percent_reflns_R_free            ? 
_refine_ls_shell.number_reflns_R_free             23 
_refine_ls_shell.number_reflns_all                ? 
_refine_ls_shell.R_factor_all                     ? 
_refine_ls_shell.number_reflns_obs                ? 
_refine_ls_shell.redundancy_reflns_obs            ? 
_refine_ls_shell.pdbx_refine_id                   'X-RAY DIFFRACTION' 
# 
_struct.entry_id                  3GJP 
_struct.title                     'Crystal structure of mutant coiled coil GCN4 leucine zipper' 
_struct.pdbx_model_details        ? 
_struct.pdbx_CASP_flag            ? 
_struct.pdbx_model_type_details   ? 
# 
_struct_keywords.entry_id        3GJP 
_struct_keywords.pdbx_keywords   TRANSCRIPTION 
_struct_keywords.text            
;Transcription regulation, nuclear protein, DNA-binding, amino-acid biosynthesis, activator, trimeric coiled coil, trigger site, nucleus, phosphoprotein, transcription
;
# 
loop_
_struct_asym.id 
_struct_asym.pdbx_blank_PDB_chainid_flag 
_struct_asym.pdbx_modified 
_struct_asym.entity_id 
_struct_asym.details 
A N N 1 ? 
B N N 1 ? 
C N N 1 ? 
D N N 2 ? 
E N N 2 ? 
F N N 2 ? 
# 
_struct_biol.id        1 
_struct_biol.details   ? 
# 
loop_
_struct_conf.conf_type_id 
_struct_conf.id 
_struct_conf.pdbx_PDB_helix_id 
_struct_conf.beg_label_comp_id 
_struct_conf.beg_label_asym_id 
_struct_conf.beg_label_seq_id 
_struct_conf.pdbx_beg_PDB_ins_code 
_struct_conf.end_label_comp_id 
_struct_conf.end_label_asym_id 
_struct_conf.end_label_seq_id 
_struct_conf.pdbx_end_PDB_ins_code 
_struct_conf.beg_auth_comp_id 
_struct_conf.beg_auth_asym_id 
_struct_conf.beg_auth_seq_id 
_struct_conf.end_auth_comp_id 
_struct_conf.end_auth_asym_id 
_struct_conf.end_auth_seq_id 
_struct_conf.pdbx_PDB_helix_class 
_struct_conf.details 
_struct_conf.pdbx_PDB_helix_length 
HELX_P HELX_P1 1 SER A 2 ? VAL A 32 ? SER A 0 VAL A 30 1 ? 31 
HELX_P HELX_P2 2 SER B 2 ? GLY B 33 ? SER B 0 GLY B 31 1 ? 32 
HELX_P HELX_P3 3 SER C 2 ? VAL C 32 ? SER C 0 VAL C 30 1 ? 31 
# 
_struct_conf_type.id          HELX_P 
_struct_conf_type.criteria    ? 
_struct_conf_type.reference   ? 
# 
_atom_sites.entry_id                    3GJP 
_atom_sites.fract_transf_matrix[1][1]   0.01972540 
_atom_sites.fract_transf_matrix[1][2]   0.01245195 
_atom_sites.fract_transf_matrix[1][3]   -0.00402165 
_atom_sites.fract_transf_matrix[2][1]   -0.00349626 
_atom_sites.fract_transf_matrix[2][2]   0.01141726 
_atom_sites.fract_transf_matrix[2][3]   0.01820197 
_atom_sites.fract_transf_matrix[3][1]   0.01121697 
_atom_sites.fract_transf_matrix[3][2]   -0.01419705 
_atom_sites.fract_transf_matrix[3][3]   0.01105973 
_atom_sites.fract_transf_vector[1]      0.969138 
_atom_sites.fract_transf_vector[2]      0.630376 
_atom_sites.fract_transf_vector[3]      -0.005668 
# 
loop_
_atom_type.symbol 
C 
N 
O 
S 
# 
loop_
_atom_site.group_PDB 
_atom_site.id 
_atom_site.type_symbol 
_atom_site.label_atom_id 
_atom_site.label_alt_id 
_atom_site.label_comp_id 
_atom_site.label_asym_id 
_atom_site.label_entity_id 
_atom_site.label_seq_id 
_atom_site.pdbx_PDB_ins_code 
_atom_site.Cartn_x 
_atom_site.Cartn_y 
_atom_site.Cartn_z 
_atom_site.occupancy 
_atom_site.B_iso_or_equiv 
_atom_site.pdbx_formal_charge 
_atom_site.auth_seq_id 
_atom_site.auth_comp_id 
_atom_site.auth_asym_id 
_atom_site.auth_atom_id 
_atom_site.pdbx_PDB_model_num 
ATOM   1   N N   . GLY A 1 1  ? 9.037   -6.793  21.882  1.00 4.55  ? -1 GLY A N   1 
ATOM   2   C CA  . GLY A 1 1  ? 9.349   -8.228  21.668  1.00 3.76  ? -1 GLY A CA  1 
ATOM   3   C C   . GLY A 1 1  ? 10.640  -8.405  20.889  1.00 6.48  ? -1 GLY A C   1 
ATOM   4   O O   . GLY A 1 1  ? 11.476  -7.492  20.822  1.00 6.96  ? -1 GLY A O   1 
ATOM   5   N N   . SER A 1 2  ? 10.797  -9.583  20.302  1.00 3.32  ? 0  SER A N   1 
ATOM   6   C CA  . SER A 1 2  ? 11.998  -9.950  19.549  1.00 6.08  ? 0  SER A CA  1 
ATOM   7   C C   . SER A 1 2  ? 12.135  -9.204  18.213  1.00 7.43  ? 0  SER A C   1 
ATOM   8   O O   . SER A 1 2  ? 11.166  -8.636  17.693  1.00 5.48  ? 0  SER A O   1 
ATOM   9   C CB  . SER A 1 2  ? 12.011  -11.458 19.281  1.00 8.47  ? 0  SER A CB  1 
ATOM   10  O OG  . SER A 1 2  ? 10.972  -11.827 18.384  1.00 9.36  ? 0  SER A OG  1 
ATOM   11  N N   . ARG A 1 3  ? 13.348  -9.224  17.668  1.00 5.30  ? 1  ARG A N   1 
ATOM   12  C CA  . ARG A 1 3  ? 13.599  -8.718  16.333  1.00 8.80  ? 1  ARG A CA  1 
ATOM   13  C C   . ARG A 1 3  ? 12.591  -9.264  15.327  1.00 5.82  ? 1  ARG A C   1 
ATOM   14  O O   . ARG A 1 3  ? 12.031  -8.505  14.547  1.00 5.98  ? 1  ARG A O   1 
ATOM   15  C CB  . ARG A 1 3  ? 15.000  -9.090  15.882  1.00 9.25  ? 1  ARG A CB  1 
ATOM   16  C CG  . ARG A 1 3  ? 15.362  -8.461  14.543  1.00 13.73 ? 1  ARG A CG  1 
ATOM   17  C CD  . ARG A 1 3  ? 16.823  -8.697  14.214  1.00 7.06  ? 1  ARG A CD  1 
ATOM   18  N NE  . ARG A 1 3  ? 17.085  -8.330  12.822  1.00 6.22  ? 1  ARG A NE  1 
ATOM   19  C CZ  . ARG A 1 3  ? 18.089  -8.810  12.089  1.00 5.16  ? 1  ARG A CZ  1 
ATOM   20  N NH1 . ARG A 1 3  ? 18.926  -9.708  12.588  1.00 13.29 ? 1  ARG A NH1 1 
ATOM   21  N NH2 . ARG A 1 3  ? 18.230  -8.414  10.839  1.00 3.44  ? 1  ARG A NH2 1 
ATOM   22  N N   . MET A 1 4  ? 12.365  -10.576 15.352  1.00 7.04  ? 2  MET A N   1 
ATOM   23  C CA  . MET A 1 4  ? 11.408  -11.194 14.432  1.00 10.12 ? 2  MET A CA  1 
ATOM   24  C C   . MET A 1 4  ? 9.980   -10.729 14.710  1.00 7.02  ? 2  MET A C   1 
ATOM   25  O O   . MET A 1 4  ? 9.258   -10.447 13.769  1.00 7.78  ? 2  MET A O   1 
ATOM   26  C CB  . MET A 1 4  ? 11.470  -12.718 14.466  1.00 8.80  ? 2  MET A CB  1 
ATOM   27  C CG  . MET A 1 4  ? 10.855  -13.355 13.208  1.00 12.76 ? 2  MET A CG  1 
ATOM   28  S SD  . MET A 1 4  ? 10.762  -15.153 13.224  1.00 20.44 ? 2  MET A SD  1 
ATOM   29  C CE  . MET A 1 4  ? 12.467  -15.625 12.981  1.00 22.99 ? 2  MET A CE  1 
ATOM   30  N N   . LYS A 1 5  ? 9.583   -10.638 15.984  1.00 5.45  ? 3  LYS A N   1 
ATOM   31  C CA  . LYS A 1 5  ? 8.201   -10.202 16.344  1.00 7.49  ? 3  LYS A CA  1 
ATOM   32  C C   . LYS A 1 5  ? 7.950   -8.779  15.894  1.00 6.42  ? 3  LYS A C   1 
ATOM   33  O O   . LYS A 1 5  ? 6.885   -8.455  15.377  1.00 9.48  ? 3  LYS A O   1 
ATOM   34  C CB  . LYS A 1 5  ? 7.916   -10.292 17.847  1.00 5.79  ? 3  LYS A CB  1 
ATOM   35  C CG  . LYS A 1 5  ? 6.403   -10.129 18.177  1.00 13.58 ? 3  LYS A CG  1 
ATOM   36  C CD  . LYS A 1 5  ? 6.152   -9.702  19.610  1.00 13.08 ? 3  LYS A CD  1 
ATOM   37  C CE  . LYS A 1 5  ? 4.661   -9.684  20.007  1.00 13.64 ? 3  LYS A CE  1 
ATOM   38  N NZ  . LYS A 1 5  ? 3.761   -9.145  18.955  1.00 10.91 ? 3  LYS A NZ  1 
ATOM   39  N N   . GLN A 1 6  ? 8.945   -7.928  16.099  1.00 6.38  ? 4  GLN A N   1 
ATOM   40  C CA  . GLN A 1 6  ? 8.808   -6.522  15.793  1.00 8.42  ? 4  GLN A CA  1 
ATOM   41  C C   . GLN A 1 6  ? 8.569   -6.303  14.291  1.00 9.11  ? 4  GLN A C   1 
ATOM   42  O O   . GLN A 1 6  ? 7.753   -5.452  13.907  1.00 7.23  ? 4  GLN A O   1 
ATOM   43  C CB  . GLN A 1 6  ? 10.021  -5.741  16.354  1.00 6.41  ? 4  GLN A CB  1 
ATOM   44  C CG  . GLN A 1 6  ? 10.004  -5.738  17.890  1.00 12.40 ? 4  GLN A CG  1 
ATOM   45  C CD  . GLN A 1 6  ? 10.292  -4.377  18.522  1.00 23.30 ? 4  GLN A CD  1 
ATOM   46  O OE1 . GLN A 1 6  ? 11.204  -3.653  18.093  1.00 18.86 ? 4  GLN A OE1 1 
ATOM   47  N NE2 . GLN A 1 6  ? 9.507   -4.015  19.528  1.00 29.20 ? 4  GLN A NE2 1 
ATOM   48  N N   . LEU A 1 7  ? 9.268   -7.083  13.464  1.00 7.45  ? 5  LEU A N   1 
ATOM   49  C CA  . LEU A 1 7  ? 9.066   -7.098  12.009  1.00 8.95  ? 5  LEU A CA  1 
ATOM   50  C C   . LEU A 1 7  ? 7.698   -7.664  11.625  1.00 7.80  ? 5  LEU A C   1 
ATOM   51  O O   . LEU A 1 7  ? 7.029   -7.138  10.729  1.00 7.87  ? 5  LEU A O   1 
ATOM   52  C CB  . LEU A 1 7  ? 10.181  -7.889  11.301  1.00 10.32 ? 5  LEU A CB  1 
ATOM   53  C CG  . LEU A 1 7  ? 10.181  -8.009  9.760   1.00 14.65 ? 5  LEU A CG  1 
ATOM   54  C CD1 . LEU A 1 7  ? 10.132  -6.647  9.056   1.00 18.99 ? 5  LEU A CD1 1 
ATOM   55  C CD2 . LEU A 1 7  ? 11.370  -8.810  9.257   1.00 14.18 ? 5  LEU A CD2 1 
ATOM   56  N N   . GLU A 1 8  ? 7.286   -8.747  12.279  1.00 6.68  ? 6  GLU A N   1 
ATOM   57  C CA  . GLU A 1 8  ? 5.936   -9.284  12.057  1.00 7.19  ? 6  GLU A CA  1 
ATOM   58  C C   . GLU A 1 8  ? 4.850   -8.240  12.322  1.00 7.71  ? 6  GLU A C   1 
ATOM   59  O O   . GLU A 1 8  ? 3.914   -8.088  11.523  1.00 4.72  ? 6  GLU A O   1 
ATOM   60  C CB  . GLU A 1 8  ? 5.698   -10.538 12.902  1.00 5.07  ? 6  GLU A CB  1 
ATOM   61  C CG  . GLU A 1 8  ? 6.458   -11.747 12.338  1.00 2.40  ? 6  GLU A CG  1 
ATOM   62  C CD  . GLU A 1 8  ? 6.649   -12.865 13.349  1.00 9.98  ? 6  GLU A CD  1 
ATOM   63  O OE1 . GLU A 1 8  ? 6.614   -12.595 14.573  1.00 17.96 ? 6  GLU A OE1 1 
ATOM   64  O OE2 . GLU A 1 8  ? 6.823   -14.030 12.917  1.00 5.89  ? 6  GLU A OE2 1 
ATOM   65  N N   . ASP A 1 9  ? 4.981   -7.536  13.447  1.00 6.48  ? 7  ASP A N   1 
ATOM   66  C CA  . ASP A 1 9  ? 4.063   -6.455  13.816  1.00 9.74  ? 7  ASP A CA  1 
ATOM   67  C C   . ASP A 1 9  ? 4.067   -5.280  12.828  1.00 6.84  ? 7  ASP A C   1 
ATOM   68  O O   . ASP A 1 9  ? 3.009   -4.702  12.514  1.00 5.43  ? 7  ASP A O   1 
ATOM   69  C CB  . ASP A 1 9  ? 4.379   -5.973  15.238  1.00 8.96  ? 7  ASP A CB  1 
ATOM   70  C CG  . ASP A 1 9  ? 3.920   -6.964  16.310  1.00 14.35 ? 7  ASP A CG  1 
ATOM   71  O OD1 . ASP A 1 9  ? 3.247   -7.968  15.981  1.00 10.80 ? 7  ASP A OD1 1 
ATOM   72  O OD2 . ASP A 1 9  ? 4.238   -6.736  17.490  1.00 17.42 ? 7  ASP A OD2 1 
ATOM   73  N N   . LYS A 1 10 ? 5.242   -4.914  12.328  1.00 8.75  ? 8  LYS A N   1 
ATOM   74  C CA  . LYS A 1 10 ? 5.291   -3.838  11.339  1.00 12.10 ? 8  LYS A CA  1 
ATOM   75  C C   . LYS A 1 10 ? 4.612   -4.269  10.021  1.00 12.82 ? 8  LYS A C   1 
ATOM   76  O O   . LYS A 1 10 ? 3.987   -3.460  9.341   1.00 13.91 ? 8  LYS A O   1 
ATOM   77  C CB  . LYS A 1 10 ? 6.723   -3.341  11.133  1.00 17.77 ? 8  LYS A CB  1 
ATOM   78  C CG  . LYS A 1 10 ? 6.825   -2.072  10.291  1.00 26.62 ? 8  LYS A CG  1 
ATOM   79  C CD  . LYS A 1 10 ? 5.891   -0.961  10.786  1.00 33.23 ? 8  LYS A CD  1 
ATOM   80  C CE  . LYS A 1 10 ? 5.295   -0.197  9.609   1.00 30.73 ? 8  LYS A CE  1 
ATOM   81  N NZ  . LYS A 1 10 ? 4.451   0.981   9.995   1.00 35.05 ? 8  LYS A NZ  1 
ATOM   82  N N   . VAL A 1 11 ? 4.719   -5.553  9.674   1.00 10.42 ? 9  VAL A N   1 
ATOM   83  C CA  . VAL A 1 11 ? 4.077   -6.069  8.455   1.00 8.68  ? 9  VAL A CA  1 
ATOM   84  C C   . VAL A 1 11 ? 2.534   -6.033  8.575   1.00 9.84  ? 9  VAL A C   1 
ATOM   85  O O   . VAL A 1 11 ? 1.838   -5.625  7.643   1.00 9.70  ? 9  VAL A O   1 
ATOM   86  C CB  . VAL A 1 11 ? 4.630   -7.471  8.088   1.00 6.75  ? 9  VAL A CB  1 
ATOM   87  C CG1 . VAL A 1 11 ? 3.678   -8.238  7.170   1.00 7.33  ? 9  VAL A CG1 1 
ATOM   88  C CG2 . VAL A 1 11 ? 6.057   -7.327  7.461   1.00 2.14  ? 9  VAL A CG2 1 
ATOM   89  N N   . GLU A 1 12 ? 2.017   -6.449  9.727   1.00 10.28 ? 10 GLU A N   1 
ATOM   90  C CA  . GLU A 1 12 ? 0.581   -6.374  9.981   1.00 12.40 ? 10 GLU A CA  1 
ATOM   91  C C   . GLU A 1 12 ? 0.082   -4.942  9.832   1.00 12.79 ? 10 GLU A C   1 
ATOM   92  O O   . GLU A 1 12 ? -0.893  -4.710  9.107   1.00 11.43 ? 10 GLU A O   1 
ATOM   93  C CB  . GLU A 1 12 ? 0.228   -6.961  11.363  1.00 14.72 ? 10 GLU A CB  1 
ATOM   94  C CG  . GLU A 1 12 ? 0.447   -8.470  11.477  1.00 17.92 ? 10 GLU A CG  1 
ATOM   95  C CD  . GLU A 1 12 ? -0.342  -9.273  10.437  1.00 25.69 ? 10 GLU A CD  1 
ATOM   96  O OE1 . GLU A 1 12 ? -1.585  -9.306  10.525  1.00 29.24 ? 10 GLU A OE1 1 
ATOM   97  O OE2 . GLU A 1 12 ? 0.279   -9.872  9.531   1.00 25.74 ? 10 GLU A OE2 1 
ATOM   98  N N   . GLU A 1 13 ? 0.761   -3.987  10.486  1.00 11.98 ? 11 GLU A N   1 
ATOM   99  C CA  . GLU A 1 13 ? 0.422   -2.547  10.382  1.00 12.92 ? 11 GLU A CA  1 
ATOM   100 C C   . GLU A 1 13 ? 0.412   -2.055  8.934   1.00 11.37 ? 11 GLU A C   1 
ATOM   101 O O   . GLU A 1 13 ? -0.456  -1.259  8.549   1.00 11.82 ? 11 GLU A O   1 
ATOM   102 C CB  . GLU A 1 13 ? 1.407   -1.672  11.174  1.00 14.48 ? 11 GLU A CB  1 
ATOM   103 C CG  . GLU A 1 13 ? 1.372   -1.831  12.697  1.00 25.05 ? 11 GLU A CG  1 
ATOM   104 C CD  . GLU A 1 13 ? 0.395   -0.900  13.407  1.00 41.71 ? 11 GLU A CD  1 
ATOM   105 O OE1 . GLU A 1 13 ? -0.342  -0.148  12.728  1.00 49.98 ? 11 GLU A OE1 1 
ATOM   106 O OE2 . GLU A 1 13 ? 0.372   -0.922  14.665  1.00 45.64 ? 11 GLU A OE2 1 
ATOM   107 N N   . LEU A 1 14 ? 1.401   -2.493  8.153   1.00 10.46 ? 12 LEU A N   1 
ATOM   108 C CA  . LEU A 1 14 ? 1.472   -2.170  6.730   1.00 10.00 ? 12 LEU A CA  1 
ATOM   109 C C   . LEU A 1 14 ? 0.300   -2.769  5.924   1.00 11.96 ? 12 LEU A C   1 
ATOM   110 O O   . LEU A 1 14 ? -0.205  -2.151  4.983   1.00 12.52 ? 12 LEU A O   1 
ATOM   111 C CB  . LEU A 1 14 ? 2.813   -2.590  6.153   1.00 9.03  ? 12 LEU A CB  1 
ATOM   112 C CG  . LEU A 1 14 ? 3.944   -1.561  6.358   1.00 7.45  ? 12 LEU A CG  1 
ATOM   113 C CD1 . LEU A 1 14 ? 5.287   -2.209  6.077   1.00 7.06  ? 12 LEU A CD1 1 
ATOM   114 C CD2 . LEU A 1 14 ? 3.765   -0.334  5.502   1.00 13.49 ? 12 LEU A CD2 1 
ATOM   115 N N   . LEU A 1 15 ? -0.144  -3.958  6.320   1.00 10.95 ? 13 LEU A N   1 
ATOM   116 C CA  . LEU A 1 15 ? -1.345  -4.550  5.727   1.00 11.05 ? 13 LEU A CA  1 
ATOM   117 C C   . LEU A 1 15 ? -2.586  -3.760  6.147   1.00 14.61 ? 13 LEU A C   1 
ATOM   118 O O   . LEU A 1 15 ? -3.534  -3.651  5.367   1.00 12.94 ? 13 LEU A O   1 
ATOM   119 C CB  . LEU A 1 15 ? -1.476  -6.028  6.105   1.00 12.60 ? 13 LEU A CB  1 
ATOM   120 C CG  . LEU A 1 15 ? -0.458  -7.021  5.501   1.00 12.63 ? 13 LEU A CG  1 
ATOM   121 C CD1 . LEU A 1 15 ? -0.324  -8.253  6.382   1.00 18.04 ? 13 LEU A CD1 1 
ATOM   122 C CD2 . LEU A 1 15 ? -0.819  -7.414  4.062   1.00 11.43 ? 13 LEU A CD2 1 
ATOM   123 N N   . SER A 1 16 ? -2.573  -3.204  7.369   1.00 13.02 ? 14 SER A N   1 
ATOM   124 C CA  . SER A 1 16 ? -3.668  -2.345  7.841   1.00 16.60 ? 14 SER A CA  1 
ATOM   125 C C   . SER A 1 16 ? -3.712  -1.068  7.010   1.00 14.26 ? 14 SER A C   1 
ATOM   126 O O   . SER A 1 16 ? -4.772  -0.676  6.528   1.00 11.22 ? 14 SER A O   1 
ATOM   127 C CB  . SER A 1 16 ? -3.528  -2.012  9.332   1.00 16.23 ? 14 SER A CB  1 
ATOM   128 O OG  . SER A 1 16 ? -3.853  -3.134  10.126  1.00 20.89 ? 14 SER A OG  1 
ATOM   129 N N   . LYS A 1 17 ? -2.542  -0.453  6.838   1.00 12.03 ? 15 LYS A N   1 
ATOM   130 C CA  . LYS A 1 17 ? -2.383  0.735   6.022   1.00 15.22 ? 15 LYS A CA  1 
ATOM   131 C C   . LYS A 1 17 ? -2.834  0.528   4.576   1.00 12.85 ? 15 LYS A C   1 
ATOM   132 O O   . LYS A 1 17 ? -3.469  1.403   4.006   1.00 8.99  ? 15 LYS A O   1 
ATOM   133 C CB  . LYS A 1 17 ? -0.940  1.265   6.108   1.00 14.44 ? 15 LYS A CB  1 
ATOM   134 C CG  . LYS A 1 17 ? -0.652  1.930   7.468   1.00 21.73 ? 15 LYS A CG  1 
ATOM   135 C CD  . LYS A 1 17 ? 0.842   2.087   7.796   1.00 21.24 ? 15 LYS A CD  1 
ATOM   136 C CE  . LYS A 1 17 ? 1.018   2.528   9.246   1.00 31.68 ? 15 LYS A CE  1 
ATOM   137 N NZ  . LYS A 1 17 ? 2.296   3.261   9.481   1.00 39.32 ? 15 LYS A NZ  1 
ATOM   138 N N   . ASN A 1 18 ? -2.521  -0.632  3.997   1.00 12.34 ? 16 ASN A N   1 
ATOM   139 C CA  . ASN A 1 18 ? -2.869  -0.905  2.613   1.00 11.24 ? 16 ASN A CA  1 
ATOM   140 C C   . ASN A 1 18 ? -4.355  -1.105  2.452   1.00 12.68 ? 16 ASN A C   1 
ATOM   141 O O   . ASN A 1 18 ? -4.929  -0.691  1.451   1.00 13.47 ? 16 ASN A O   1 
ATOM   142 C CB  . ASN A 1 18 ? -2.166  -2.154  2.097   1.00 15.12 ? 16 ASN A CB  1 
ATOM   143 C CG  . ASN A 1 18 ? -2.344  -2.337  0.615   1.00 19.52 ? 16 ASN A CG  1 
ATOM   144 O OD1 . ASN A 1 18 ? -1.648  -1.707  -0.190  1.00 22.14 ? 16 ASN A OD1 1 
ATOM   145 N ND2 . ASN A 1 18 ? -3.293  -3.184  0.235   1.00 25.81 ? 16 ASN A ND2 1 
ATOM   146 N N   . TYR A 1 19 ? -4.976  -1.784  3.417   1.00 12.50 ? 17 TYR A N   1 
ATOM   147 C CA  . TYR A 1 19 ? -6.431  -1.928  3.400   1.00 12.93 ? 17 TYR A CA  1 
ATOM   148 C C   . TYR A 1 19 ? -7.115  -0.551  3.408   1.00 10.28 ? 17 TYR A C   1 
ATOM   149 O O   . TYR A 1 19 ? -8.055  -0.316  2.623   1.00 7.48  ? 17 TYR A O   1 
ATOM   150 C CB  . TYR A 1 19 ? -6.932  -2.822  4.546   1.00 14.65 ? 17 TYR A CB  1 
ATOM   151 C CG  . TYR A 1 19 ? -8.441  -3.009  4.527   1.00 15.58 ? 17 TYR A CG  1 
ATOM   152 C CD1 . TYR A 1 19 ? -9.052  -3.825  3.567   1.00 16.96 ? 17 TYR A CD1 1 
ATOM   153 C CD2 . TYR A 1 19 ? -9.254  -2.356  5.445   1.00 14.39 ? 17 TYR A CD2 1 
ATOM   154 C CE1 . TYR A 1 19 ? -10.443 -3.988  3.533   1.00 17.27 ? 17 TYR A CE1 1 
ATOM   155 C CE2 . TYR A 1 19 ? -10.635 -2.501  5.417   1.00 11.17 ? 17 TYR A CE2 1 
ATOM   156 C CZ  . TYR A 1 19 ? -11.226 -3.319  4.461   1.00 17.13 ? 17 TYR A CZ  1 
ATOM   157 O OH  . TYR A 1 19 ? -12.597 -3.467  4.439   1.00 22.64 ? 17 TYR A OH  1 
ATOM   158 N N   . HIS A 1 20 ? -6.638  0.349   4.276   1.00 7.41  ? 18 HIS A N   1 
ATOM   159 C CA  . HIS A 1 20 ? -7.163  1.728   4.344   1.00 10.10 ? 18 HIS A CA  1 
ATOM   160 C C   . HIS A 1 20 ? -7.021  2.492   3.025   1.00 9.37  ? 18 HIS A C   1 
ATOM   161 O O   . HIS A 1 20 ? -7.942  3.205   2.592   1.00 9.64  ? 18 HIS A O   1 
ATOM   162 C CB  . HIS A 1 20 ? -6.514  2.531   5.486   1.00 11.46 ? 18 HIS A CB  1 
ATOM   163 C CG  . HIS A 1 20 ? -6.946  2.101   6.855   1.00 22.45 ? 18 HIS A CG  1 
ATOM   164 N ND1 . HIS A 1 20 ? -8.211  1.619   7.123   1.00 32.30 ? 18 HIS A ND1 1 
ATOM   165 C CD2 . HIS A 1 20 ? -6.284  2.093   8.036   1.00 30.23 ? 18 HIS A CD2 1 
ATOM   166 C CE1 . HIS A 1 20 ? -8.303  1.319   8.406   1.00 23.62 ? 18 HIS A CE1 1 
ATOM   167 N NE2 . HIS A 1 20 ? -7.151  1.606   8.985   1.00 33.71 ? 18 HIS A NE2 1 
ATOM   168 N N   . LEU A 1 21 ? -5.860  2.366   2.389   1.00 10.09 ? 19 LEU A N   1 
ATOM   169 C CA  . LEU A 1 21 ? -5.654  3.018   1.084   1.00 9.99  ? 19 LEU A CA  1 
ATOM   170 C C   . LEU A 1 21 ? -6.555  2.430   -0.002  1.00 8.11  ? 19 LEU A C   1 
ATOM   171 O O   . LEU A 1 21 ? -7.031  3.160   -0.874  1.00 12.09 ? 19 LEU A O   1 
ATOM   172 C CB  . LEU A 1 21 ? -4.183  2.948   0.654   1.00 8.94  ? 19 LEU A CB  1 
ATOM   173 C CG  . LEU A 1 21 ? -3.127  3.608   1.532   1.00 14.47 ? 19 LEU A CG  1 
ATOM   174 C CD1 . LEU A 1 21 ? -1.762  3.421   0.864   1.00 17.61 ? 19 LEU A CD1 1 
ATOM   175 C CD2 . LEU A 1 21 ? -3.424  5.081   1.758   1.00 13.56 ? 19 LEU A CD2 1 
ATOM   176 N N   . GLU A 1 22 ? -6.776  1.120   0.043   1.00 10.40 ? 20 GLU A N   1 
ATOM   177 C CA  . GLU A 1 22 ? -7.661  0.458   -0.924  1.00 13.66 ? 20 GLU A CA  1 
ATOM   178 C C   . GLU A 1 22 ? -9.062  1.089   -0.848  1.00 12.00 ? 20 GLU A C   1 
ATOM   179 O O   . GLU A 1 22 ? -9.641  1.444   -1.865  1.00 15.11 ? 20 GLU A O   1 
ATOM   180 C CB  . GLU A 1 22 ? -7.705  -1.059  -0.674  1.00 12.35 ? 20 GLU A CB  1 
ATOM   181 C CG  . GLU A 1 22 ? -8.132  -1.880  -1.887  1.00 26.64 ? 20 GLU A CG  1 
ATOM   182 C CD  . GLU A 1 22 ? -9.450  -2.631  -1.696  1.00 37.98 ? 20 GLU A CD  1 
ATOM   183 O OE1 . GLU A 1 22 ? -9.600  -3.348  -0.671  1.00 30.85 ? 20 GLU A OE1 1 
ATOM   184 O OE2 . GLU A 1 22 ? -10.327 -2.529  -2.596  1.00 43.69 ? 20 GLU A OE2 1 
ATOM   185 N N   . ASN A 1 23 ? -9.569  1.257   0.367   1.00 10.91 ? 21 ASN A N   1 
ATOM   186 C CA  . ASN A 1 23 ? -10.855 1.926   0.612   1.00 12.58 ? 21 ASN A CA  1 
ATOM   187 C C   . ASN A 1 23 ? -10.900 3.387   0.172   1.00 10.76 ? 21 ASN A C   1 
ATOM   188 O O   . ASN A 1 23 ? -11.861 3.816   -0.472  1.00 10.01 ? 21 ASN A O   1 
ATOM   189 C CB  . ASN A 1 23 ? -11.274 1.761   2.084   1.00 12.62 ? 21 ASN A CB  1 
ATOM   190 C CG  . ASN A 1 23 ? -11.801 0.357   2.390   1.00 15.43 ? 21 ASN A CG  1 
ATOM   191 O OD1 . ASN A 1 23 ? -12.149 -0.411  1.479   1.00 15.26 ? 21 ASN A OD1 1 
ATOM   192 N ND2 . ASN A 1 23 ? -11.854 0.015   3.675   1.00 9.26  ? 21 ASN A ND2 1 
ATOM   193 N N   . GLU A 1 24 ? -9.856  4.156   0.487   1.00 10.29 ? 22 GLU A N   1 
ATOM   194 C CA  . GLU A 1 24 ? -9.767  5.529   -0.014  1.00 10.20 ? 22 GLU A CA  1 
ATOM   195 C C   . GLU A 1 24 ? -9.798  5.591   -1.549  1.00 11.28 ? 22 GLU A C   1 
ATOM   196 O O   . GLU A 1 24 ? -10.499 6.432   -2.130  1.00 9.35  ? 22 GLU A O   1 
ATOM   197 C CB  . GLU A 1 24 ? -8.495  6.190   0.485   1.00 9.21  ? 22 GLU A CB  1 
ATOM   198 C CG  . GLU A 1 24 ? -8.548  6.683   1.885   1.00 18.11 ? 22 GLU A CG  1 
ATOM   199 C CD  . GLU A 1 24 ? -7.989  8.074   1.954   1.00 33.16 ? 22 GLU A CD  1 
ATOM   200 O OE1 . GLU A 1 24 ? -6.784  8.209   2.256   1.00 32.25 ? 22 GLU A OE1 1 
ATOM   201 O OE2 . GLU A 1 24 ? -8.744  9.020   1.636   1.00 31.16 ? 22 GLU A OE2 1 
ATOM   202 N N   . ILE A 1 25 ? -9.023  4.713   -2.193  1.00 12.07 ? 23 ILE A N   1 
ATOM   203 C CA  . ILE A 1 25 ? -9.004  4.590   -3.653  1.00 14.06 ? 23 ILE A CA  1 
ATOM   204 C C   . ILE A 1 25 ? -10.404 4.283   -4.209  1.00 13.91 ? 23 ILE A C   1 
ATOM   205 O O   . ILE A 1 25 ? -10.870 4.925   -5.178  1.00 11.87 ? 23 ILE A O   1 
ATOM   206 C CB  . ILE A 1 25 ? -7.979  3.499   -4.107  1.00 17.87 ? 23 ILE A CB  1 
ATOM   207 C CG1 . ILE A 1 25 ? -6.550  4.014   -3.980  1.00 16.79 ? 23 ILE A CG1 1 
ATOM   208 C CG2 . ILE A 1 25 ? -8.253  3.000   -5.540  1.00 14.04 ? 23 ILE A CG2 1 
ATOM   209 C CD1 . ILE A 1 25 ? -6.051  4.721   -5.197  1.00 24.59 ? 23 ILE A CD1 1 
ATOM   210 N N   . ALA A 1 26 ? -11.066 3.307   -3.586  1.00 15.65 ? 24 ALA A N   1 
ATOM   211 C CA  . ALA A 1 26 ? -12.410 2.889   -3.991  1.00 16.29 ? 24 ALA A CA  1 
ATOM   212 C C   . ALA A 1 26 ? -13.402 4.049   -3.875  1.00 13.20 ? 24 ALA A C   1 
ATOM   213 O O   . ALA A 1 26 ? -14.231 4.253   -4.760  1.00 12.10 ? 24 ALA A O   1 
ATOM   214 C CB  . ALA A 1 26 ? -12.871 1.670   -3.176  1.00 16.61 ? 24 ALA A CB  1 
ATOM   215 N N   . ARG A 1 27 ? -13.272 4.840   -2.806  1.00 12.96 ? 25 ARG A N   1 
ATOM   216 C CA  . ARG A 1 27 ? -14.076 6.036   -2.643  1.00 11.35 ? 25 ARG A CA  1 
ATOM   217 C C   . ARG A 1 27 ? -13.862 7.064   -3.777  1.00 14.01 ? 25 ARG A C   1 
ATOM   218 O O   . ARG A 1 27 ? -14.831 7.567   -4.350  1.00 16.12 ? 25 ARG A O   1 
ATOM   219 C CB  . ARG A 1 27 ? -13.840 6.671   -1.273  1.00 13.05 ? 25 ARG A CB  1 
ATOM   220 C CG  . ARG A 1 27 ? -14.663 7.936   -1.026  1.00 19.32 ? 25 ARG A CG  1 
ATOM   221 C CD  . ARG A 1 27 ? -16.115 7.640   -0.650  1.00 26.38 ? 25 ARG A CD  1 
ATOM   222 N NE  . ARG A 1 27 ? -16.856 8.878   -0.377  1.00 25.38 ? 25 ARG A NE  1 
ATOM   223 C CZ  . ARG A 1 27 ? -17.026 9.408   0.835   1.00 20.95 ? 25 ARG A CZ  1 
ATOM   224 N NH1 . ARG A 1 27 ? -16.536 8.802   1.909   1.00 14.11 ? 25 ARG A NH1 1 
ATOM   225 N NH2 . ARG A 1 27 ? -17.706 10.540  0.975   1.00 25.22 ? 25 ARG A NH2 1 
ATOM   226 N N   . ILE A 1 28 ? -12.605 7.356   -4.099  1.00 13.27 ? 26 ILE A N   1 
ATOM   227 C CA  . ILE A 1 28 ? -12.268 8.285   -5.188  1.00 14.57 ? 26 ILE A CA  1 
ATOM   228 C C   . ILE A 1 28 ? -12.812 7.804   -6.546  1.00 12.14 ? 26 ILE A C   1 
ATOM   229 O O   . ILE A 1 28 ? -13.291 8.601   -7.344  1.00 10.13 ? 26 ILE A O   1 
ATOM   230 C CB  . ILE A 1 28 ? -10.736 8.509   -5.308  1.00 13.26 ? 26 ILE A CB  1 
ATOM   231 C CG1 . ILE A 1 28 ? -10.192 9.177   -4.044  1.00 12.64 ? 26 ILE A CG1 1 
ATOM   232 C CG2 . ILE A 1 28 ? -10.417 9.370   -6.554  1.00 11.78 ? 26 ILE A CG2 1 
ATOM   233 C CD1 . ILE A 1 28 ? -8.658  9.132   -3.956  1.00 18.97 ? 26 ILE A CD1 1 
ATOM   234 N N   . LYS A 1 29 ? -12.724 6.501   -6.791  1.00 14.83 ? 27 LYS A N   1 
ATOM   235 C CA  . LYS A 1 29 ? -13.323 5.869   -7.981  1.00 16.70 ? 27 LYS A CA  1 
ATOM   236 C C   . LYS A 1 29 ? -14.813 6.216   -8.147  1.00 15.35 ? 27 LYS A C   1 
ATOM   237 O O   . LYS A 1 29 ? -15.279 6.474   -9.255  1.00 16.35 ? 27 LYS A O   1 
ATOM   238 C CB  . LYS A 1 29 ? -13.130 4.361   -7.918  1.00 18.29 ? 27 LYS A CB  1 
ATOM   239 C CG  . LYS A 1 29 ? -13.317 3.640   -9.248  1.00 22.82 ? 27 LYS A CG  1 
ATOM   240 C CD  . LYS A 1 29 ? -13.202 2.114   -9.071  1.00 23.79 ? 27 LYS A CD  1 
ATOM   241 C CE  . LYS A 1 29 ? -11.914 1.712   -8.362  1.00 29.43 ? 27 LYS A CE  1 
ATOM   242 N NZ  . LYS A 1 29 ? -11.801 0.220   -8.224  1.00 30.92 ? 27 LYS A NZ  1 
ATOM   243 N N   . LYS A 1 30 ? -15.546 6.234   -7.037  1.00 11.97 ? 28 LYS A N   1 
ATOM   244 C CA  . LYS A 1 30 ? -16.932 6.692   -7.016  1.00 12.94 ? 28 LYS A CA  1 
ATOM   245 C C   . LYS A 1 30 ? -17.097 8.196   -7.261  1.00 13.93 ? 28 LYS A C   1 
ATOM   246 O O   . LYS A 1 30 ? -18.070 8.636   -7.883  1.00 15.55 ? 28 LYS A O   1 
ATOM   247 C CB  . LYS A 1 30 ? -17.587 6.305   -5.689  1.00 14.47 ? 28 LYS A CB  1 
ATOM   248 C CG  . LYS A 1 30 ? -18.059 4.864   -5.645  1.00 18.95 ? 28 LYS A CG  1 
ATOM   249 C CD  . LYS A 1 30 ? -18.940 4.637   -4.438  1.00 32.06 ? 28 LYS A CD  1 
ATOM   250 C CE  . LYS A 1 30 ? -19.824 3.412   -4.631  1.00 36.42 ? 28 LYS A CE  1 
ATOM   251 N NZ  . LYS A 1 30 ? -20.654 3.104   -3.420  1.00 43.84 ? 28 LYS A NZ  1 
ATOM   252 N N   . LEU A 1 31 ? -16.152 8.986   -6.755  1.00 14.27 ? 29 LEU A N   1 
ATOM   253 C CA  . LEU A 1 31 ? -16.202 10.445  -6.880  1.00 12.22 ? 29 LEU A CA  1 
ATOM   254 C C   . LEU A 1 31 ? -15.989 10.922  -8.322  1.00 13.96 ? 29 LEU A C   1 
ATOM   255 O O   . LEU A 1 31 ? -16.466 11.980  -8.696  1.00 16.76 ? 29 LEU A O   1 
ATOM   256 C CB  . LEU A 1 31 ? -15.168 11.087  -5.940  1.00 10.21 ? 29 LEU A CB  1 
ATOM   257 C CG  . LEU A 1 31 ? -15.496 11.543  -4.508  1.00 13.72 ? 29 LEU A CG  1 
ATOM   258 C CD1 . LEU A 1 31 ? -16.495 10.663  -3.798  1.00 23.75 ? 29 LEU A CD1 1 
ATOM   259 C CD2 . LEU A 1 31 ? -14.243 11.725  -3.649  1.00 10.60 ? 29 LEU A CD2 1 
ATOM   260 N N   . VAL A 1 32 ? -15.247 10.156  -9.117  1.00 14.16 ? 30 VAL A N   1 
ATOM   261 C CA  . VAL A 1 32 ? -14.956 10.523  -10.515 1.00 15.63 ? 30 VAL A CA  1 
ATOM   262 C C   . VAL A 1 32 ? -15.832 9.773   -11.514 1.00 18.36 ? 30 VAL A C   1 
ATOM   263 O O   . VAL A 1 32 ? -15.642 9.892   -12.726 1.00 22.26 ? 30 VAL A O   1 
ATOM   264 C CB  . VAL A 1 32 ? -13.458 10.278  -10.882 1.00 12.66 ? 30 VAL A CB  1 
ATOM   265 C CG1 . VAL A 1 32 ? -12.514 11.009  -9.922  1.00 9.76  ? 30 VAL A CG1 1 
ATOM   266 C CG2 . VAL A 1 32 ? -13.137 8.798   -10.904 1.00 18.26 ? 30 VAL A CG2 1 
ATOM   267 N N   . GLY A 1 33 ? -16.768 8.977   -11.005 1.00 20.81 ? 31 GLY A N   1 
ATOM   268 C CA  . GLY A 1 33 ? -17.715 8.254   -11.854 1.00 24.66 ? 31 GLY A CA  1 
ATOM   269 C C   . GLY A 1 33 ? -18.932 9.101   -12.148 1.00 26.82 ? 31 GLY A C   1 
ATOM   270 O O   . GLY A 1 33 ? -19.115 10.153  -11.548 1.00 24.99 ? 31 GLY A O   1 
ATOM   271 N N   . GLU A 1 34 ? -19.766 8.633   -13.073 1.00 31.16 ? 32 GLU A N   1 
ATOM   272 C CA  . GLU A 1 34 ? -20.957 9.374   -13.504 1.00 35.16 ? 32 GLU A CA  1 
ATOM   273 C C   . GLU A 1 34 ? -22.055 9.350   -12.448 1.00 35.59 ? 32 GLU A C   1 
ATOM   274 O O   . GLU A 1 34 ? -22.297 8.313   -11.831 1.00 36.36 ? 32 GLU A O   1 
ATOM   275 C CB  . GLU A 1 34 ? -21.495 8.800   -14.819 1.00 34.93 ? 32 GLU A CB  1 
ATOM   276 C CG  . GLU A 1 34 ? -20.715 9.214   -16.064 1.00 36.33 ? 32 GLU A CG  1 
ATOM   277 C CD  . GLU A 1 34 ? -21.054 8.372   -17.294 1.00 40.55 ? 32 GLU A CD  1 
ATOM   278 O OE1 . GLU A 1 34 ? -21.181 7.131   -17.161 1.00 47.15 ? 32 GLU A OE1 1 
ATOM   279 O OE2 . GLU A 1 34 ? -21.180 8.954   -18.401 1.00 46.35 ? 32 GLU A OE2 1 
ATOM   280 N N   . ARG A 1 35 ? -22.706 10.496  -12.246 1.00 36.12 ? 33 ARG A N   1 
ATOM   281 C CA  . ARG A 1 35 ? -23.849 10.608  -11.330 1.00 37.66 ? 33 ARG A CA  1 
ATOM   282 C C   . ARG A 1 35 ? -24.810 11.723  -11.718 1.00 38.23 ? 33 ARG A C   1 
ATOM   283 O O   . ARG A 1 35 ? -25.768 11.974  -10.980 1.00 37.78 ? 33 ARG A O   1 
ATOM   284 C CB  . ARG A 1 35 ? -23.390 10.804  -9.879  1.00 36.57 ? 33 ARG A CB  1 
ATOM   285 C CG  . ARG A 1 35 ? -23.380 9.519   -9.066  1.00 37.22 ? 33 ARG A CG  1 
ATOM   286 C CD  . ARG A 1 35 ? -22.862 9.752   -7.676  1.00 36.27 ? 33 ARG A CD  1 
ATOM   287 N NE  . ARG A 1 35 ? -22.608 8.499   -6.974  1.00 33.84 ? 33 ARG A NE  1 
ATOM   288 C CZ  . ARG A 1 35 ? -21.713 8.347   -6.002  1.00 38.25 ? 33 ARG A CZ  1 
ATOM   289 N NH1 . ARG A 1 35 ? -20.956 9.370   -5.612  1.00 35.82 ? 33 ARG A NH1 1 
ATOM   290 N NH2 . ARG A 1 35 ? -21.561 7.158   -5.424  1.00 36.06 ? 33 ARG A NH2 1 
ATOM   291 O OXT . ARG A 1 35 ? -24.650 12.390  -12.749 1.00 37.81 ? 33 ARG A OXT 1 
ATOM   292 N N   . GLY B 1 1  ? 23.621  -11.058 5.797   1.00 30.01 ? -1 GLY B N   1 
ATOM   293 C CA  . GLY B 1 1  ? 22.626  -10.982 4.686   1.00 26.22 ? -1 GLY B CA  1 
ATOM   294 C C   . GLY B 1 1  ? 21.517  -11.971 4.944   1.00 24.79 ? -1 GLY B C   1 
ATOM   295 O O   . GLY B 1 1  ? 21.068  -12.674 4.031   1.00 24.81 ? -1 GLY B O   1 
ATOM   296 N N   . SER B 1 2  ? 21.078  -12.010 6.200   1.00 20.70 ? 0  SER B N   1 
ATOM   297 C CA  . SER B 1 2  ? 20.061  -12.953 6.659   1.00 19.45 ? 0  SER B CA  1 
ATOM   298 C C   . SER B 1 2  ? 18.729  -12.689 5.968   1.00 16.86 ? 0  SER B C   1 
ATOM   299 O O   . SER B 1 2  ? 18.536  -11.616 5.414   1.00 19.12 ? 0  SER B O   1 
ATOM   300 C CB  . SER B 1 2  ? 19.901  -12.841 8.175   1.00 17.72 ? 0  SER B CB  1 
ATOM   301 O OG  . SER B 1 2  ? 19.737  -11.486 8.574   1.00 15.56 ? 0  SER B OG  1 
ATOM   302 N N   . ARG B 1 3  ? 17.812  -13.659 5.985   1.00 15.99 ? 1  ARG B N   1 
ATOM   303 C CA  . ARG B 1 3  ? 16.469  -13.398 5.455   1.00 15.49 ? 1  ARG B CA  1 
ATOM   304 C C   . ARG B 1 3  ? 15.810  -12.245 6.223   1.00 14.10 ? 1  ARG B C   1 
ATOM   305 O O   . ARG B 1 3  ? 15.064  -11.448 5.645   1.00 12.84 ? 1  ARG B O   1 
ATOM   306 C CB  . ARG B 1 3  ? 15.589  -14.640 5.546   1.00 17.85 ? 1  ARG B CB  1 
ATOM   307 C CG  . ARG B 1 3  ? 15.975  -15.782 4.620   1.00 26.81 ? 1  ARG B CG  1 
ATOM   308 C CD  . ARG B 1 3  ? 15.009  -16.944 4.825   1.00 38.75 ? 1  ARG B CD  1 
ATOM   309 N NE  . ARG B 1 3  ? 14.960  -17.855 3.688   1.00 46.45 ? 1  ARG B NE  1 
ATOM   310 C CZ  . ARG B 1 3  ? 14.023  -18.785 3.521   1.00 53.77 ? 1  ARG B CZ  1 
ATOM   311 N NH1 . ARG B 1 3  ? 13.050  -18.923 4.416   1.00 52.80 ? 1  ARG B NH1 1 
ATOM   312 N NH2 . ARG B 1 3  ? 14.057  -19.574 2.453   1.00 54.18 ? 1  ARG B NH2 1 
ATOM   313 N N   . MET B 1 4  ? 16.094  -12.160 7.523   1.00 13.43 ? 2  MET B N   1 
ATOM   314 C CA  . MET B 1 4  ? 15.561  -11.081 8.350   1.00 13.40 ? 2  MET B CA  1 
ATOM   315 C C   . MET B 1 4  ? 15.941  -9.723  7.806   1.00 10.72 ? 2  MET B C   1 
ATOM   316 O O   . MET B 1 4  ? 15.074  -8.906  7.561   1.00 11.15 ? 2  MET B O   1 
ATOM   317 C CB  . MET B 1 4  ? 16.061  -11.190 9.781   1.00 14.57 ? 2  MET B CB  1 
ATOM   318 C CG  . MET B 1 4  ? 15.198  -10.471 10.755  1.00 14.84 ? 2  MET B CG  1 
ATOM   319 S SD  . MET B 1 4  ? 13.843  -11.552 11.244  1.00 33.20 ? 2  MET B SD  1 
ATOM   320 C CE  . MET B 1 4  ? 14.688  -12.615 12.422  1.00 19.72 ? 2  MET B CE  1 
ATOM   321 N N   . LYS B 1 5  ? 17.240  -9.500  7.611   1.00 14.44 ? 3  LYS B N   1 
ATOM   322 C CA  . LYS B 1 5  ? 17.756  -8.216  7.142   1.00 13.34 ? 3  LYS B CA  1 
ATOM   323 C C   . LYS B 1 5  ? 17.174  -7.840  5.781   1.00 12.79 ? 3  LYS B C   1 
ATOM   324 O O   . LYS B 1 5  ? 16.847  -6.678  5.532   1.00 15.01 ? 3  LYS B O   1 
ATOM   325 C CB  . LYS B 1 5  ? 19.283  -8.243  7.060   1.00 14.74 ? 3  LYS B CB  1 
ATOM   326 C CG  . LYS B 1 5  ? 19.888  -6.894  6.686   1.00 18.01 ? 3  LYS B CG  1 
ATOM   327 C CD  . LYS B 1 5  ? 21.037  -7.044  5.686   1.00 28.13 ? 3  LYS B CD  1 
ATOM   328 C CE  . LYS B 1 5  ? 21.707  -5.704  5.386   1.00 26.32 ? 3  LYS B CE  1 
ATOM   329 N NZ  . LYS B 1 5  ? 20.832  -4.742  4.653   1.00 21.06 ? 3  LYS B NZ  1 
ATOM   330 N N   . GLN B 1 6  ? 17.076  -8.829  4.906   1.00 12.61 ? 4  GLN B N   1 
ATOM   331 C CA  . GLN B 1 6  ? 16.480  -8.675  3.583   1.00 12.25 ? 4  GLN B CA  1 
ATOM   332 C C   . GLN B 1 6  ? 15.037  -8.205  3.661   1.00 10.57 ? 4  GLN B C   1 
ATOM   333 O O   . GLN B 1 6  ? 14.641  -7.303  2.927   1.00 8.24  ? 4  GLN B O   1 
ATOM   334 C CB  . GLN B 1 6  ? 16.564  -9.996  2.810   1.00 12.94 ? 4  GLN B CB  1 
ATOM   335 C CG  . GLN B 1 6  ? 17.990  -10.379 2.381   1.00 14.86 ? 4  GLN B CG  1 
ATOM   336 C CD  . GLN B 1 6  ? 18.082  -11.790 1.789   1.00 17.55 ? 4  GLN B CD  1 
ATOM   337 O OE1 . GLN B 1 6  ? 17.144  -12.278 1.160   1.00 31.51 ? 4  GLN B OE1 1 
ATOM   338 N NE2 . GLN B 1 6  ? 19.223  -12.444 1.997   1.00 26.69 ? 4  GLN B NE2 1 
ATOM   339 N N   . LEU B 1 7  ? 14.249  -8.796  4.563   1.00 8.92  ? 5  LEU B N   1 
ATOM   340 C CA  . LEU B 1 7  ? 12.872  -8.347  4.762   1.00 8.71  ? 5  LEU B CA  1 
ATOM   341 C C   . LEU B 1 7  ? 12.788  -6.942  5.381   1.00 9.69  ? 5  LEU B C   1 
ATOM   342 O O   . LEU B 1 7  ? 11.886  -6.169  5.048   1.00 10.28 ? 5  LEU B O   1 
ATOM   343 C CB  . LEU B 1 7  ? 12.069  -9.351  5.587   1.00 10.57 ? 5  LEU B CB  1 
ATOM   344 C CG  . LEU B 1 7  ? 11.895  -10.742 4.952   1.00 14.40 ? 5  LEU B CG  1 
ATOM   345 C CD1 . LEU B 1 7  ? 11.168  -11.661 5.896   1.00 10.83 ? 5  LEU B CD1 1 
ATOM   346 C CD2 . LEU B 1 7  ? 11.152  -10.658 3.618   1.00 11.07 ? 5  LEU B CD2 1 
ATOM   347 N N   . GLU B 1 8  ? 13.726  -6.612  6.263   1.00 9.91  ? 6  GLU B N   1 
ATOM   348 C CA  . GLU B 1 8  ? 13.753  -5.271  6.861   1.00 11.30 ? 6  GLU B CA  1 
ATOM   349 C C   . GLU B 1 8  ? 14.052  -4.230  5.786   1.00 12.96 ? 6  GLU B C   1 
ATOM   350 O O   . GLU B 1 8  ? 13.425  -3.172  5.740   1.00 14.28 ? 6  GLU B O   1 
ATOM   351 C CB  . GLU B 1 8  ? 14.745  -5.210  8.017   1.00 9.59  ? 6  GLU B CB  1 
ATOM   352 C CG  . GLU B 1 8  ? 14.313  -6.081  9.208   1.00 9.78  ? 6  GLU B CG  1 
ATOM   353 C CD  . GLU B 1 8  ? 15.427  -6.361  10.214  1.00 14.31 ? 6  GLU B CD  1 
ATOM   354 O OE1 . GLU B 1 8  ? 16.625  -6.328  9.835   1.00 14.27 ? 6  GLU B OE1 1 
ATOM   355 O OE2 . GLU B 1 8  ? 15.091  -6.634  11.394  1.00 16.79 ? 6  GLU B OE2 1 
ATOM   356 N N   . ASP B 1 9  ? 14.979  -4.558  4.887   1.00 12.71 ? 7  ASP B N   1 
ATOM   357 C CA  . ASP B 1 9  ? 15.211  -3.717  3.721   1.00 12.72 ? 7  ASP B CA  1 
ATOM   358 C C   . ASP B 1 9  ? 13.921  -3.550  2.879   1.00 14.04 ? 7  ASP B C   1 
ATOM   359 O O   . ASP B 1 9  ? 13.571  -2.436  2.489   1.00 12.45 ? 7  ASP B O   1 
ATOM   360 C CB  . ASP B 1 9  ? 16.352  -4.288  2.892   1.00 12.83 ? 7  ASP B CB  1 
ATOM   361 C CG  . ASP B 1 9  ? 17.714  -4.112  3.556   1.00 17.88 ? 7  ASP B CG  1 
ATOM   362 O OD1 . ASP B 1 9  ? 17.815  -3.387  4.572   1.00 11.13 ? 7  ASP B OD1 1 
ATOM   363 O OD2 . ASP B 1 9  ? 18.694  -4.702  3.051   1.00 18.35 ? 7  ASP B OD2 1 
ATOM   364 N N   . LYS B 1 10 ? 13.208  -4.649  2.629   1.00 13.74 ? 8  LYS B N   1 
ATOM   365 C CA  . LYS B 1 10 ? 11.962  -4.622  1.828   1.00 15.71 ? 8  LYS B CA  1 
ATOM   366 C C   . LYS B 1 10 ? 10.856  -3.768  2.457   1.00 16.27 ? 8  LYS B C   1 
ATOM   367 O O   . LYS B 1 10 ? 10.122  -3.072  1.736   1.00 13.71 ? 8  LYS B O   1 
ATOM   368 C CB  . LYS B 1 10 ? 11.437  -6.041  1.589   1.00 15.10 ? 8  LYS B CB  1 
ATOM   369 C CG  . LYS B 1 10 ? 12.218  -6.839  0.540   1.00 26.76 ? 8  LYS B CG  1 
ATOM   370 C CD  . LYS B 1 10 ? 12.247  -8.337  0.856   1.00 27.86 ? 8  LYS B CD  1 
ATOM   371 C CE  . LYS B 1 10 ? 13.177  -9.077  -0.105  1.00 34.56 ? 8  LYS B CE  1 
ATOM   372 N NZ  . LYS B 1 10 ? 13.540  -10.451 0.363   1.00 33.04 ? 8  LYS B NZ  1 
ATOM   373 N N   . VAL B 1 11 ? 10.748  -3.838  3.787   1.00 12.37 ? 9  VAL B N   1 
ATOM   374 C CA  . VAL B 1 11 ? 9.800   -3.022  4.575   1.00 15.80 ? 9  VAL B CA  1 
ATOM   375 C C   . VAL B 1 11 ? 10.101  -1.527  4.514   1.00 15.08 ? 9  VAL B C   1 
ATOM   376 O O   . VAL B 1 11 ? 9.175   -0.724  4.442   1.00 14.67 ? 9  VAL B O   1 
ATOM   377 C CB  . VAL B 1 11 ? 9.701   -3.505  6.052   1.00 13.82 ? 9  VAL B CB  1 
ATOM   378 C CG1 . VAL B 1 11 ? 9.188   -2.408  6.983   1.00 18.88 ? 9  VAL B CG1 1 
ATOM   379 C CG2 . VAL B 1 11 ? 8.804   -4.732  6.150   1.00 24.10 ? 9  VAL B CG2 1 
ATOM   380 N N   . GLU B 1 12 ? 11.384  -1.159  4.555   1.00 14.39 ? 10 GLU B N   1 
ATOM   381 C CA  . GLU B 1 12 ? 11.806  0.228   4.321   1.00 13.85 ? 10 GLU B CA  1 
ATOM   382 C C   . GLU B 1 12 ? 11.304  0.709   2.947   1.00 14.97 ? 10 GLU B C   1 
ATOM   383 O O   . GLU B 1 12 ? 10.785  1.812   2.831   1.00 12.21 ? 10 GLU B O   1 
ATOM   384 C CB  . GLU B 1 12 ? 13.332  0.362   4.357   1.00 16.70 ? 10 GLU B CB  1 
ATOM   385 C CG  . GLU B 1 12 ? 14.021  0.212   5.722   1.00 12.72 ? 10 GLU B CG  1 
ATOM   386 C CD  . GLU B 1 12 ? 15.496  0.602   5.653   1.00 22.48 ? 10 GLU B CD  1 
ATOM   387 O OE1 . GLU B 1 12 ? 16.347  -0.231  6.037   1.00 37.62 ? 10 GLU B OE1 1 
ATOM   388 O OE2 . GLU B 1 12 ? 15.814  1.739   5.205   1.00 33.60 ? 10 GLU B OE2 1 
ATOM   389 N N   . GLU B 1 13 ? 11.466  -0.115  1.909   1.00 13.89 ? 11 GLU B N   1 
ATOM   390 C CA  . GLU B 1 13 ? 10.924  0.228   0.589   1.00 17.40 ? 11 GLU B CA  1 
ATOM   391 C C   . GLU B 1 13 ? 9.391   0.375   0.605   1.00 16.96 ? 11 GLU B C   1 
ATOM   392 O O   . GLU B 1 13 ? 8.835   1.269   -0.049  1.00 16.49 ? 11 GLU B O   1 
ATOM   393 C CB  . GLU B 1 13 ? 11.352  -0.793  -0.469  1.00 20.31 ? 11 GLU B CB  1 
ATOM   394 C CG  . GLU B 1 13 ? 11.062  -0.364  -1.919  1.00 28.80 ? 11 GLU B CG  1 
ATOM   395 C CD  . GLU B 1 13 ? 12.084  0.637   -2.474  1.00 41.10 ? 11 GLU B CD  1 
ATOM   396 O OE1 . GLU B 1 13 ? 13.292  0.511   -2.160  1.00 42.21 ? 11 GLU B OE1 1 
ATOM   397 O OE2 . GLU B 1 13 ? 11.681  1.544   -3.238  1.00 42.55 ? 11 GLU B OE2 1 
ATOM   398 N N   . LEU B 1 14 ? 8.714   -0.490  1.353   1.00 15.07 ? 12 LEU B N   1 
ATOM   399 C CA  . LEU B 1 14 ? 7.246   -0.438  1.450   1.00 16.14 ? 12 LEU B CA  1 
ATOM   400 C C   . LEU B 1 14 ? 6.752   0.817   2.164   1.00 15.18 ? 12 LEU B C   1 
ATOM   401 O O   . LEU B 1 14 ? 5.717   1.374   1.813   1.00 12.74 ? 12 LEU B O   1 
ATOM   402 C CB  . LEU B 1 14 ? 6.699   -1.684  2.140   1.00 16.91 ? 12 LEU B CB  1 
ATOM   403 C CG  . LEU B 1 14 ? 6.700   -2.971  1.324   1.00 15.38 ? 12 LEU B CG  1 
ATOM   404 C CD1 . LEU B 1 14 ? 6.506   -4.165  2.254   1.00 14.40 ? 12 LEU B CD1 1 
ATOM   405 C CD2 . LEU B 1 14 ? 5.604   -2.911  0.261   1.00 23.03 ? 12 LEU B CD2 1 
ATOM   406 N N   . LEU B 1 15 ? 7.507   1.273   3.156   1.00 13.11 ? 13 LEU B N   1 
ATOM   407 C CA  . LEU B 1 15 ? 7.180   2.519   3.819   1.00 13.16 ? 13 LEU B CA  1 
ATOM   408 C C   . LEU B 1 15 ? 7.265   3.679   2.829   1.00 15.71 ? 13 LEU B C   1 
ATOM   409 O O   . LEU B 1 15 ? 6.370   4.520   2.777   1.00 16.72 ? 13 LEU B O   1 
ATOM   410 C CB  . LEU B 1 15 ? 8.068   2.735   5.054   1.00 15.35 ? 13 LEU B CB  1 
ATOM   411 C CG  . LEU B 1 15 ? 7.768   1.781   6.223   1.00 8.61  ? 13 LEU B CG  1 
ATOM   412 C CD1 . LEU B 1 15 ? 8.811   1.926   7.327   1.00 19.39 ? 13 LEU B CD1 1 
ATOM   413 C CD2 . LEU B 1 15 ? 6.375   2.015   6.771   1.00 10.07 ? 13 LEU B CD2 1 
ATOM   414 N N   . SER B 1 16 ? 8.335   3.705   2.039   1.00 15.32 ? 14 SER B N   1 
ATOM   415 C CA  . SER B 1 16 ? 8.498   4.690   0.959   1.00 15.44 ? 14 SER B CA  1 
ATOM   416 C C   . SER B 1 16 ? 7.369   4.636   -0.069  1.00 15.89 ? 14 SER B C   1 
ATOM   417 O O   . SER B 1 16 ? 6.788   5.671   -0.409  1.00 16.46 ? 14 SER B O   1 
ATOM   418 C CB  . SER B 1 16 ? 9.834   4.483   0.251   1.00 15.57 ? 14 SER B CB  1 
ATOM   419 O OG  . SER B 1 16 ? 9.885   5.209   -0.963  1.00 19.29 ? 14 SER B OG  1 
ATOM   420 N N   . LYS B 1 17 ? 7.077   3.437   -0.574  1.00 14.02 ? 15 LYS B N   1 
ATOM   421 C CA  . LYS B 1 17 ? 6.015   3.264   -1.575  1.00 14.90 ? 15 LYS B CA  1 
ATOM   422 C C   . LYS B 1 17 ? 4.663   3.774   -1.071  1.00 15.39 ? 15 LYS B C   1 
ATOM   423 O O   . LYS B 1 17 ? 3.969   4.515   -1.775  1.00 16.49 ? 15 LYS B O   1 
ATOM   424 C CB  . LYS B 1 17 ? 5.926   1.803   -2.033  1.00 12.51 ? 15 LYS B CB  1 
ATOM   425 C CG  . LYS B 1 17 ? 7.111   1.326   -2.871  1.00 18.94 ? 15 LYS B CG  1 
ATOM   426 C CD  . LYS B 1 17 ? 7.298   2.138   -4.151  1.00 26.84 ? 15 LYS B CD  1 
ATOM   427 C CE  . LYS B 1 17 ? 6.664   1.465   -5.361  1.00 35.53 ? 15 LYS B CE  1 
ATOM   428 N NZ  . LYS B 1 17 ? 6.668   2.324   -6.586  1.00 20.77 ? 15 LYS B NZ  1 
ATOM   429 N N   . ASN B 1 18 ? 4.317   3.404   0.161   1.00 17.52 ? 16 ASN B N   1 
ATOM   430 C CA  . ASN B 1 18 ? 3.082   3.847   0.811   1.00 22.69 ? 16 ASN B CA  1 
ATOM   431 C C   . ASN B 1 18 ? 3.003   5.368   1.010   1.00 22.73 ? 16 ASN B C   1 
ATOM   432 O O   . ASN B 1 18 ? 1.930   5.968   0.865   1.00 19.83 ? 16 ASN B O   1 
ATOM   433 C CB  . ASN B 1 18 ? 2.936   3.151   2.163   1.00 25.51 ? 16 ASN B CB  1 
ATOM   434 C CG  . ASN B 1 18 ? 1.583   2.504   2.344   1.00 35.64 ? 16 ASN B CG  1 
ATOM   435 O OD1 . ASN B 1 18 ? 1.160   1.679   1.528   1.00 42.42 ? 16 ASN B OD1 1 
ATOM   436 N ND2 . ASN B 1 18 ? 0.896   2.864   3.424   1.00 31.90 ? 16 ASN B ND2 1 
ATOM   437 N N   . TYR B 1 19 ? 4.145   5.975   1.346   1.00 22.74 ? 17 TYR B N   1 
ATOM   438 C CA  . TYR B 1 19 ? 4.265   7.430   1.521   1.00 21.28 ? 17 TYR B CA  1 
ATOM   439 C C   . TYR B 1 19 ? 3.825   8.189   0.275   1.00 18.91 ? 17 TYR B C   1 
ATOM   440 O O   . TYR B 1 19 ? 2.979   9.076   0.338   1.00 21.54 ? 17 TYR B O   1 
ATOM   441 C CB  . TYR B 1 19 ? 5.704   7.820   1.903   1.00 19.86 ? 17 TYR B CB  1 
ATOM   442 C CG  . TYR B 1 19 ? 5.953   9.316   1.968   1.00 21.18 ? 17 TYR B CG  1 
ATOM   443 C CD1 . TYR B 1 19 ? 5.434   10.086  3.012   1.00 14.95 ? 17 TYR B CD1 1 
ATOM   444 C CD2 . TYR B 1 19 ? 6.708   9.961   0.986   1.00 17.33 ? 17 TYR B CD2 1 
ATOM   445 C CE1 . TYR B 1 19 ? 5.662   11.462  3.076   1.00 22.97 ? 17 TYR B CE1 1 
ATOM   446 C CE2 . TYR B 1 19 ? 6.937   11.335  1.034   1.00 20.42 ? 17 TYR B CE2 1 
ATOM   447 C CZ  . TYR B 1 19 ? 6.407   12.078  2.080   1.00 20.75 ? 17 TYR B CZ  1 
ATOM   448 O OH  . TYR B 1 19 ? 6.633   13.428  2.138   1.00 23.30 ? 17 TYR B OH  1 
ATOM   449 N N   . HIS B 1 20 ? 4.384   7.818   -0.864  1.00 16.85 ? 18 HIS B N   1 
ATOM   450 C CA  . HIS B 1 20 ? 4.087   8.501   -2.112  1.00 17.04 ? 18 HIS B CA  1 
ATOM   451 C C   . HIS B 1 20 ? 2.683   8.223   -2.648  1.00 15.72 ? 18 HIS B C   1 
ATOM   452 O O   . HIS B 1 20 ? 2.045   9.089   -3.259  1.00 14.08 ? 18 HIS B O   1 
ATOM   453 C CB  . HIS B 1 20 ? 5.147   8.132   -3.125  1.00 13.77 ? 18 HIS B CB  1 
ATOM   454 C CG  . HIS B 1 20 ? 6.491   8.675   -2.774  1.00 20.71 ? 18 HIS B CG  1 
ATOM   455 N ND1 . HIS B 1 20 ? 7.482   7.905   -2.205  1.00 25.33 ? 18 HIS B ND1 1 
ATOM   456 C CD2 . HIS B 1 20 ? 6.994   9.928   -2.872  1.00 21.68 ? 18 HIS B CD2 1 
ATOM   457 C CE1 . HIS B 1 20 ? 8.544   8.657   -1.984  1.00 21.42 ? 18 HIS B CE1 1 
ATOM   458 N NE2 . HIS B 1 20 ? 8.272   9.889   -2.375  1.00 20.47 ? 18 HIS B NE2 1 
ATOM   459 N N   . LEU B 1 21 ? 2.207   7.006   -2.415  1.00 15.04 ? 19 LEU B N   1 
ATOM   460 C CA  . LEU B 1 21 ? 0.885   6.609   -2.855  1.00 14.02 ? 19 LEU B CA  1 
ATOM   461 C C   . LEU B 1 21 ? -0.189  7.361   -2.053  1.00 14.71 ? 19 LEU B C   1 
ATOM   462 O O   . LEU B 1 21 ? -1.116  7.941   -2.633  1.00 15.20 ? 19 LEU B O   1 
ATOM   463 C CB  . LEU B 1 21 ? 0.746   5.086   -2.739  1.00 11.71 ? 19 LEU B CB  1 
ATOM   464 C CG  . LEU B 1 21 ? -0.592  4.412   -3.058  1.00 19.16 ? 19 LEU B CG  1 
ATOM   465 C CD1 . LEU B 1 21 ? -0.992  4.606   -4.526  1.00 23.07 ? 19 LEU B CD1 1 
ATOM   466 C CD2 . LEU B 1 21 ? -0.492  2.924   -2.716  1.00 16.73 ? 19 LEU B CD2 1 
ATOM   467 N N   . GLU B 1 22 ? -0.043  7.359   -0.729  1.00 15.54 ? 20 GLU B N   1 
ATOM   468 C CA  . GLU B 1 22 ? -0.888  8.158   0.168   1.00 18.72 ? 20 GLU B CA  1 
ATOM   469 C C   . GLU B 1 22 ? -0.990  9.617   -0.268  1.00 16.18 ? 20 GLU B C   1 
ATOM   470 O O   . GLU B 1 22 ? -2.096  10.158  -0.396  1.00 18.13 ? 20 GLU B O   1 
ATOM   471 C CB  . GLU B 1 22 ? -0.376  8.096   1.613   1.00 16.28 ? 20 GLU B CB  1 
ATOM   472 C CG  . GLU B 1 22 ? -0.581  6.753   2.308   1.00 26.88 ? 20 GLU B CG  1 
ATOM   473 C CD  . GLU B 1 22 ? -0.418  6.808   3.834   1.00 27.49 ? 20 GLU B CD  1 
ATOM   474 O OE1 . GLU B 1 22 ? -0.329  7.918   4.408   1.00 32.46 ? 20 GLU B OE1 1 
ATOM   475 O OE2 . GLU B 1 22 ? -0.393  5.720   4.460   1.00 41.96 ? 20 GLU B OE2 1 
ATOM   476 N N   . ASN B 1 23 ? 0.152   10.258  -0.469  1.00 14.99 ? 21 ASN B N   1 
ATOM   477 C CA  . ASN B 1 23 ? 0.208   11.649  -0.948  1.00 16.47 ? 21 ASN B CA  1 
ATOM   478 C C   . ASN B 1 23 ? -0.472  11.861  -2.295  1.00 16.82 ? 21 ASN B C   1 
ATOM   479 O O   . ASN B 1 23 ? -1.004  12.941  -2.568  1.00 13.17 ? 21 ASN B O   1 
ATOM   480 C CB  . ASN B 1 23 ? 1.659   12.120  -1.060  1.00 20.21 ? 21 ASN B CB  1 
ATOM   481 C CG  . ASN B 1 23 ? 2.323   12.286  0.289   1.00 23.25 ? 21 ASN B CG  1 
ATOM   482 O OD1 . ASN B 1 23 ? 1.665   12.257  1.339   1.00 30.40 ? 21 ASN B OD1 1 
ATOM   483 N ND2 . ASN B 1 23 ? 3.635   12.473  0.273   1.00 31.32 ? 21 ASN B ND2 1 
ATOM   484 N N   . GLU B 1 24 ? -0.444  10.833  -3.141  1.00 15.18 ? 22 GLU B N   1 
ATOM   485 C CA  . GLU B 1 24 ? -0.996  10.963  -4.480  1.00 14.77 ? 22 GLU B CA  1 
ATOM   486 C C   . GLU B 1 24 ? -2.506  10.776  -4.420  1.00 12.15 ? 22 GLU B C   1 
ATOM   487 O O   . GLU B 1 24 ? -3.258  11.476  -5.095  1.00 12.75 ? 22 GLU B O   1 
ATOM   488 C CB  . GLU B 1 24 ? -0.312  9.985   -5.437  1.00 16.08 ? 22 GLU B CB  1 
ATOM   489 C CG  . GLU B 1 24 ? -0.752  10.092  -6.885  1.00 17.93 ? 22 GLU B CG  1 
ATOM   490 C CD  . GLU B 1 24 ? -0.365  11.397  -7.569  1.00 25.37 ? 22 GLU B CD  1 
ATOM   491 O OE1 . GLU B 1 24 ? 0.220   12.306  -6.936  1.00 28.50 ? 22 GLU B OE1 1 
ATOM   492 O OE2 . GLU B 1 24 ? -0.664  11.509  -8.766  1.00 31.27 ? 22 GLU B OE2 1 
ATOM   493 N N   . ILE B 1 25 ? -2.937  9.834   -3.589  1.00 15.27 ? 23 ILE B N   1 
ATOM   494 C CA  . ILE B 1 25 ? -4.347  9.651   -3.262  1.00 15.71 ? 23 ILE B CA  1 
ATOM   495 C C   . ILE B 1 25 ? -4.930  10.956  -2.721  1.00 15.87 ? 23 ILE B C   1 
ATOM   496 O O   . ILE B 1 25 ? -5.935  11.447  -3.233  1.00 17.37 ? 23 ILE B O   1 
ATOM   497 C CB  . ILE B 1 25 ? -4.553  8.485   -2.247  1.00 16.76 ? 23 ILE B CB  1 
ATOM   498 C CG1 . ILE B 1 25 ? -4.218  7.161   -2.921  1.00 7.76  ? 23 ILE B CG1 1 
ATOM   499 C CG2 . ILE B 1 25 ? -5.988  8.480   -1.708  1.00 14.87 ? 23 ILE B CG2 1 
ATOM   500 C CD1 . ILE B 1 25 ? -3.793  6.040   -1.973  1.00 11.46 ? 23 ILE B CD1 1 
ATOM   501 N N   . ALA B 1 26 ? -4.272  11.525  -1.714  1.00 13.57 ? 24 ALA B N   1 
ATOM   502 C CA  . ALA B 1 26 ? -4.681  12.794  -1.121  1.00 14.80 ? 24 ALA B CA  1 
ATOM   503 C C   . ALA B 1 26 ? -4.779  13.937  -2.143  1.00 14.02 ? 24 ALA B C   1 
ATOM   504 O O   . ALA B 1 26 ? -5.708  14.736  -2.088  1.00 16.40 ? 24 ALA B O   1 
ATOM   505 C CB  . ALA B 1 26 ? -3.747  13.173  0.037   1.00 13.59 ? 24 ALA B CB  1 
ATOM   506 N N   . ARG B 1 27 ? -3.827  14.010  -3.069  1.00 14.18 ? 25 ARG B N   1 
ATOM   507 C CA  . ARG B 1 27 ? -3.812  15.044  -4.099  1.00 13.63 ? 25 ARG B CA  1 
ATOM   508 C C   . ARG B 1 27 ? -4.987  14.923  -5.068  1.00 11.01 ? 25 ARG B C   1 
ATOM   509 O O   . ARG B 1 27 ? -5.626  15.918  -5.408  1.00 9.88  ? 25 ARG B O   1 
ATOM   510 C CB  . ARG B 1 27 ? -2.481  15.011  -4.862  1.00 15.58 ? 25 ARG B CB  1 
ATOM   511 C CG  . ARG B 1 27 ? -2.337  16.124  -5.884  1.00 18.54 ? 25 ARG B CG  1 
ATOM   512 C CD  . ARG B 1 27 ? -1.046  15.991  -6.670  1.00 25.21 ? 25 ARG B CD  1 
ATOM   513 N NE  . ARG B 1 27 ? -1.094  14.959  -7.708  1.00 20.56 ? 25 ARG B NE  1 
ATOM   514 C CZ  . ARG B 1 27 ? -1.536  15.166  -8.949  1.00 27.81 ? 25 ARG B CZ  1 
ATOM   515 N NH1 . ARG B 1 27 ? -1.995  16.362  -9.308  1.00 24.95 ? 25 ARG B NH1 1 
ATOM   516 N NH2 . ARG B 1 27 ? -1.537  14.173  -9.833  1.00 26.38 ? 25 ARG B NH2 1 
ATOM   517 N N   . ILE B 1 28 ? -5.274  13.707  -5.511  1.00 10.47 ? 26 ILE B N   1 
ATOM   518 C CA  . ILE B 1 28 ? -6.395  13.481  -6.423  1.00 12.94 ? 26 ILE B CA  1 
ATOM   519 C C   . ILE B 1 28 ? -7.728  13.711  -5.712  1.00 12.95 ? 26 ILE B C   1 
ATOM   520 O O   . ILE B 1 28 ? -8.643  14.323  -6.275  1.00 12.39 ? 26 ILE B O   1 
ATOM   521 C CB  . ILE B 1 28 ? -6.342  12.059  -7.050  1.00 15.43 ? 26 ILE B CB  1 
ATOM   522 C CG1 . ILE B 1 28 ? -4.975  11.796  -7.708  1.00 19.61 ? 26 ILE B CG1 1 
ATOM   523 C CG2 . ILE B 1 28 ? -7.496  11.831  -8.033  1.00 16.20 ? 26 ILE B CG2 1 
ATOM   524 C CD1 . ILE B 1 28 ? -4.561  12.814  -8.761  1.00 14.28 ? 26 ILE B CD1 1 
ATOM   525 N N   . LYS B 1 29 ? -7.836  13.216  -4.477  1.00 11.48 ? 27 LYS B N   1 
ATOM   526 C CA  . LYS B 1 29 ? -9.047  13.388  -3.690  1.00 12.29 ? 27 LYS B CA  1 
ATOM   527 C C   . LYS B 1 29 ? -9.377  14.875  -3.490  1.00 12.52 ? 27 LYS B C   1 
ATOM   528 O O   . LYS B 1 29 ? -10.544 15.280  -3.635  1.00 11.36 ? 27 LYS B O   1 
ATOM   529 C CB  . LYS B 1 29 ? -8.930  12.666  -2.346  1.00 14.74 ? 27 LYS B CB  1 
ATOM   530 C CG  . LYS B 1 29 ? -10.254 12.537  -1.618  1.00 18.47 ? 27 LYS B CG  1 
ATOM   531 C CD  . LYS B 1 29 ? -10.073 11.960  -0.229  1.00 32.71 ? 27 LYS B CD  1 
ATOM   532 C CE  . LYS B 1 29 ? -11.409 11.854  0.495   1.00 34.88 ? 27 LYS B CE  1 
ATOM   533 N NZ  . LYS B 1 29 ? -11.901 13.194  0.918   1.00 41.30 ? 27 LYS B NZ  1 
ATOM   534 N N   . LYS B 1 30 ? -8.347  15.669  -3.176  1.00 10.42 ? 28 LYS B N   1 
ATOM   535 C CA  . LYS B 1 30 ? -8.463  17.130  -3.049  1.00 13.56 ? 28 LYS B CA  1 
ATOM   536 C C   . LYS B 1 30 ? -8.909  17.816  -4.349  1.00 12.58 ? 28 LYS B C   1 
ATOM   537 O O   . LYS B 1 30 ? -9.800  18.666  -4.333  1.00 10.03 ? 28 LYS B O   1 
ATOM   538 C CB  . LYS B 1 30 ? -7.135  17.741  -2.558  1.00 13.15 ? 28 LYS B CB  1 
ATOM   539 C CG  . LYS B 1 30 ? -7.187  19.259  -2.318  1.00 18.27 ? 28 LYS B CG  1 
ATOM   540 C CD  . LYS B 1 30 ? -6.192  19.698  -1.254  1.00 22.24 ? 28 LYS B CD  1 
ATOM   541 C CE  . LYS B 1 30 ? -6.681  20.977  -0.563  1.00 24.35 ? 28 LYS B CE  1 
ATOM   542 N NZ  . LYS B 1 30 ? -5.985  21.242  0.723   1.00 24.85 ? 28 LYS B NZ  1 
ATOM   543 N N   . LEU B 1 31 ? -8.272  17.442  -5.461  1.00 11.51 ? 29 LEU B N   1 
ATOM   544 C CA  . LEU B 1 31 ? -8.589  17.983  -6.781  1.00 10.85 ? 29 LEU B CA  1 
ATOM   545 C C   . LEU B 1 31 ? -10.070 17.832  -7.133  1.00 11.18 ? 29 LEU B C   1 
ATOM   546 O O   . LEU B 1 31 ? -10.726 18.783  -7.571  1.00 10.22 ? 29 LEU B O   1 
ATOM   547 C CB  . LEU B 1 31 ? -7.751  17.253  -7.834  1.00 11.58 ? 29 LEU B CB  1 
ATOM   548 C CG  . LEU B 1 31 ? -7.871  17.682  -9.297  1.00 14.31 ? 29 LEU B CG  1 
ATOM   549 C CD1 . LEU B 1 31 ? -7.283  19.085  -9.487  1.00 14.63 ? 29 LEU B CD1 1 
ATOM   550 C CD2 . LEU B 1 31 ? -7.159  16.665  -10.196 1.00 10.76 ? 29 LEU B CD2 1 
ATOM   551 N N   . VAL B 1 32 ? -10.588 16.625  -6.950  1.00 11.42 ? 30 VAL B N   1 
ATOM   552 C CA  . VAL B 1 32 ? -11.939 16.310  -7.412  1.00 13.78 ? 30 VAL B CA  1 
ATOM   553 C C   . VAL B 1 32 ? -13.015 16.609  -6.349  1.00 12.00 ? 30 VAL B C   1 
ATOM   554 O O   . VAL B 1 32 ? -14.019 17.254  -6.656  1.00 12.36 ? 30 VAL B O   1 
ATOM   555 C CB  . VAL B 1 32 ? -12.033 14.880  -8.056  1.00 15.64 ? 30 VAL B CB  1 
ATOM   556 C CG1 . VAL B 1 32 ? -10.786 14.604  -8.929  1.00 14.47 ? 30 VAL B CG1 1 
ATOM   557 C CG2 . VAL B 1 32 ? -12.181 13.785  -7.016  1.00 20.21 ? 30 VAL B CG2 1 
ATOM   558 N N   . GLY B 1 33 ? -12.797 16.184  -5.106  1.00 12.76 ? 31 GLY B N   1 
ATOM   559 C CA  . GLY B 1 33 ? -13.759 16.461  -4.017  1.00 10.76 ? 31 GLY B CA  1 
ATOM   560 C C   . GLY B 1 33 ? -15.160 15.933  -4.274  1.00 10.59 ? 31 GLY B C   1 
ATOM   561 O O   . GLY B 1 33 ? -15.351 15.081  -5.139  1.00 13.17 ? 31 GLY B O   1 
ATOM   562 N N   . GLU B 1 34 ? -16.141 16.428  -3.516  1.00 10.93 ? 32 GLU B N   1 
ATOM   563 C CA  . GLU B 1 34 ? -17.560 16.060  -3.718  1.00 10.47 ? 32 GLU B CA  1 
ATOM   564 C C   . GLU B 1 34 ? -18.202 16.914  -4.792  1.00 10.82 ? 32 GLU B C   1 
ATOM   565 O O   . GLU B 1 34 ? -17.711 18.001  -5.079  1.00 7.09  ? 32 GLU B O   1 
ATOM   566 C CB  . GLU B 1 34 ? -18.366 16.240  -2.418  1.00 9.53  ? 32 GLU B CB  1 
ATOM   567 C CG  . GLU B 1 34 ? -17.852 15.421  -1.223  1.00 16.74 ? 32 GLU B CG  1 
ATOM   568 C CD  . GLU B 1 34 ? -18.078 13.925  -1.378  1.00 14.16 ? 32 GLU B CD  1 
ATOM   569 O OE1 . GLU B 1 34 ? -19.048 13.534  -2.046  1.00 12.42 ? 32 GLU B OE1 1 
ATOM   570 O OE2 . GLU B 1 34 ? -17.286 13.139  -0.824  1.00 16.35 ? 32 GLU B OE2 1 
ATOM   571 N N   . ARG B 1 35 ? -19.322 16.436  -5.341  1.00 11.71 ? 33 ARG B N   1 
ATOM   572 C CA  . ARG B 1 35 ? -20.071 17.152  -6.384  1.00 13.84 ? 33 ARG B CA  1 
ATOM   573 C C   . ARG B 1 35 ? -20.865 18.301  -5.780  1.00 14.28 ? 33 ARG B C   1 
ATOM   574 O O   . ARG B 1 35 ? -21.179 19.288  -6.453  1.00 13.63 ? 33 ARG B O   1 
ATOM   575 C CB  . ARG B 1 35 ? -21.063 16.216  -7.089  1.00 11.63 ? 33 ARG B CB  1 
ATOM   576 C CG  . ARG B 1 35 ? -20.480 15.264  -8.097  1.00 16.57 ? 33 ARG B CG  1 
ATOM   577 C CD  . ARG B 1 35 ? -21.623 14.586  -8.870  1.00 23.31 ? 33 ARG B CD  1 
ATOM   578 N NE  . ARG B 1 35 ? -21.137 13.604  -9.838  1.00 24.84 ? 33 ARG B NE  1 
ATOM   579 C CZ  . ARG B 1 35 ? -21.046 13.805  -11.155 1.00 29.89 ? 33 ARG B CZ  1 
ATOM   580 N NH1 . ARG B 1 35 ? -21.405 14.967  -11.707 1.00 23.40 ? 33 ARG B NH1 1 
ATOM   581 N NH2 . ARG B 1 35 ? -20.586 12.830  -11.926 1.00 20.86 ? 33 ARG B NH2 1 
ATOM   582 O OXT . ARG B 1 35 ? -21.231 18.249  -4.607  1.00 12.29 ? 33 ARG B OXT 1 
ATOM   583 N N   . GLY C 1 1  ? 7.080   -25.357 5.038   1.00 24.47 ? -1 GLY C N   1 
ATOM   584 C CA  . GLY C 1 1  ? 6.917   -23.927 5.434   1.00 22.92 ? -1 GLY C CA  1 
ATOM   585 C C   . GLY C 1 1  ? 7.498   -23.633 6.798   1.00 25.28 ? -1 GLY C C   1 
ATOM   586 O O   . GLY C 1 1  ? 8.168   -24.492 7.398   1.00 27.14 ? -1 GLY C O   1 
ATOM   587 N N   . SER C 1 2  ? 7.236   -22.419 7.290   1.00 23.59 ? 0  SER C N   1 
ATOM   588 C CA  . SER C 1 2  ? 7.807   -21.937 8.540   1.00 20.43 ? 0  SER C CA  1 
ATOM   589 C C   . SER C 1 2  ? 7.300   -20.538 8.877   1.00 19.55 ? 0  SER C C   1 
ATOM   590 O O   . SER C 1 2  ? 6.639   -19.889 8.061   1.00 16.53 ? 0  SER C O   1 
ATOM   591 C CB  . SER C 1 2  ? 9.334   -21.908 8.451   1.00 21.11 ? 0  SER C CB  1 
ATOM   592 O OG  . SER C 1 2  ? 9.746   -20.945 7.509   1.00 24.71 ? 0  SER C OG  1 
ATOM   593 N N   . ARG C 1 3  ? 7.635   -20.087 10.082  1.00 15.70 ? 1  ARG C N   1 
ATOM   594 C CA  . ARG C 1 3  ? 7.324   -18.736 10.542  1.00 15.26 ? 1  ARG C CA  1 
ATOM   595 C C   . ARG C 1 3  ? 7.920   -17.651 9.637   1.00 13.65 ? 1  ARG C C   1 
ATOM   596 O O   . ARG C 1 3  ? 7.261   -16.638 9.362   1.00 14.10 ? 1  ARG C O   1 
ATOM   597 C CB  . ARG C 1 3  ? 7.808   -18.563 11.981  1.00 13.89 ? 1  ARG C CB  1 
ATOM   598 C CG  . ARG C 1 3  ? 7.442   -17.235 12.631  1.00 18.50 ? 1  ARG C CG  1 
ATOM   599 C CD  . ARG C 1 3  ? 7.651   -17.300 14.126  1.00 11.95 ? 1  ARG C CD  1 
ATOM   600 N NE  . ARG C 1 3  ? 7.671   -15.973 14.728  1.00 15.21 ? 1  ARG C NE  1 
ATOM   601 C CZ  . ARG C 1 3  ? 8.126   -15.704 15.950  1.00 14.35 ? 1  ARG C CZ  1 
ATOM   602 N NH1 . ARG C 1 3  ? 8.580   -16.669 16.746  1.00 2.00  ? 1  ARG C NH1 1 
ATOM   603 N NH2 . ARG C 1 3  ? 8.113   -14.458 16.386  1.00 7.18  ? 1  ARG C NH2 1 
ATOM   604 N N   . MET C 1 4  ? 9.161   -17.865 9.196   1.00 11.15 ? 2  MET C N   1 
ATOM   605 C CA  . MET C 1 4  ? 9.860   -16.963 8.266   1.00 9.63  ? 2  MET C CA  1 
ATOM   606 C C   . MET C 1 4  ? 9.220   -16.942 6.851   1.00 11.36 ? 2  MET C C   1 
ATOM   607 O O   . MET C 1 4  ? 9.163   -15.896 6.210   1.00 10.68 ? 2  MET C O   1 
ATOM   608 C CB  . MET C 1 4  ? 11.354  -17.325 8.223   1.00 13.41 ? 2  MET C CB  1 
ATOM   609 C CG  . MET C 1 4  ? 12.261  -16.497 7.301   1.00 9.71  ? 2  MET C CG  1 
ATOM   610 S SD  . MET C 1 4  ? 12.035  -14.729 7.450   1.00 21.62 ? 2  MET C SD  1 
ATOM   611 C CE  . MET C 1 4  ? 13.022  -14.277 8.854   1.00 5.44  ? 2  MET C CE  1 
ATOM   612 N N   . LYS C 1 5  ? 8.751   -18.096 6.379   1.00 12.52 ? 3  LYS C N   1 
ATOM   613 C CA  . LYS C 1 5  ? 8.052   -18.214 5.094   1.00 12.87 ? 3  LYS C CA  1 
ATOM   614 C C   . LYS C 1 5  ? 6.715   -17.455 5.098   1.00 13.23 ? 3  LYS C C   1 
ATOM   615 O O   . LYS C 1 5  ? 6.359   -16.788 4.131   1.00 11.85 ? 3  LYS C O   1 
ATOM   616 C CB  . LYS C 1 5  ? 7.790   -19.706 4.775   1.00 15.54 ? 3  LYS C CB  1 
ATOM   617 C CG  . LYS C 1 5  ? 7.104   -19.959 3.413   1.00 15.42 ? 3  LYS C CG  1 
ATOM   618 C CD  . LYS C 1 5  ? 8.049   -19.639 2.255   1.00 18.47 ? 3  LYS C CD  1 
ATOM   619 C CE  . LYS C 1 5  ? 7.299   -19.237 0.981   1.00 23.35 ? 3  LYS C CE  1 
ATOM   620 N NZ  . LYS C 1 5  ? 6.655   -20.385 0.302   1.00 15.08 ? 3  LYS C NZ  1 
ATOM   621 N N   . GLN C 1 6  ? 5.963   -17.593 6.186   1.00 10.51 ? 4  GLN C N   1 
ATOM   622 C CA  . GLN C 1 6  ? 4.727   -16.861 6.375   1.00 9.32  ? 4  GLN C CA  1 
ATOM   623 C C   . GLN C 1 6  ? 4.994   -15.359 6.262   1.00 11.42 ? 4  GLN C C   1 
ATOM   624 O O   . GLN C 1 6  ? 4.200   -14.617 5.685   1.00 13.00 ? 4  GLN C O   1 
ATOM   625 C CB  . GLN C 1 6  ? 4.139   -17.187 7.754   1.00 11.62 ? 4  GLN C CB  1 
ATOM   626 C CG  . GLN C 1 6  ? 3.585   -18.606 7.895   1.00 16.95 ? 4  GLN C CG  1 
ATOM   627 C CD  . GLN C 1 6  ? 2.946   -18.852 9.264   1.00 14.07 ? 4  GLN C CD  1 
ATOM   628 O OE1 . GLN C 1 6  ? 3.617   -19.248 10.202  1.00 21.66 ? 4  GLN C OE1 1 
ATOM   629 N NE2 . GLN C 1 6  ? 1.647   -18.604 9.372   1.00 24.88 ? 4  GLN C NE2 1 
ATOM   630 N N   . LEU C 1 7  ? 6.124   -14.921 6.812   1.00 7.28  ? 5  LEU C N   1 
ATOM   631 C CA  . LEU C 1 7  ? 6.508   -13.514 6.769   1.00 11.09 ? 5  LEU C CA  1 
ATOM   632 C C   . LEU C 1 7  ? 6.850   -13.084 5.346   1.00 12.67 ? 5  LEU C C   1 
ATOM   633 O O   . LEU C 1 7  ? 6.391   -12.039 4.885   1.00 13.13 ? 5  LEU C O   1 
ATOM   634 C CB  . LEU C 1 7  ? 7.688   -13.263 7.710   1.00 5.74  ? 5  LEU C CB  1 
ATOM   635 C CG  . LEU C 1 7  ? 8.128   -11.851 8.097   1.00 12.37 ? 5  LEU C CG  1 
ATOM   636 C CD1 . LEU C 1 7  ? 6.988   -10.952 8.629   1.00 8.91  ? 5  LEU C CD1 1 
ATOM   637 C CD2 . LEU C 1 7  ? 9.233   -11.980 9.139   1.00 15.66 ? 5  LEU C CD2 1 
ATOM   638 N N   . GLU C 1 8  ? 7.654   -13.901 4.664   1.00 9.44  ? 6  GLU C N   1 
ATOM   639 C CA  . GLU C 1 8  ? 8.035   -13.652 3.272   1.00 12.94 ? 6  GLU C CA  1 
ATOM   640 C C   . GLU C 1 8  ? 6.819   -13.575 2.352   1.00 10.14 ? 6  GLU C C   1 
ATOM   641 O O   . GLU C 1 8  ? 6.761   -12.738 1.457   1.00 10.28 ? 6  GLU C O   1 
ATOM   642 C CB  . GLU C 1 8  ? 8.993   -14.755 2.786   1.00 9.35  ? 6  GLU C CB  1 
ATOM   643 C CG  . GLU C 1 8  ? 10.336  -14.730 3.486   1.00 17.57 ? 6  GLU C CG  1 
ATOM   644 C CD  . GLU C 1 8  ? 11.261  -15.862 3.065   1.00 16.95 ? 6  GLU C CD  1 
ATOM   645 O OE1 . GLU C 1 8  ? 10.776  -16.948 2.670   1.00 13.94 ? 6  GLU C OE1 1 
ATOM   646 O OE2 . GLU C 1 8  ? 12.482  -15.655 3.146   1.00 25.34 ? 6  GLU C OE2 1 
ATOM   647 N N   . ASP C 1 9  ? 5.854   -14.463 2.575   1.00 12.19 ? 7  ASP C N   1 
ATOM   648 C CA  . ASP C 1 9  ? 4.606   -14.450 1.820   1.00 11.86 ? 7  ASP C CA  1 
ATOM   649 C C   . ASP C 1 9  ? 3.829   -13.153 2.023   1.00 9.98  ? 7  ASP C C   1 
ATOM   650 O O   . ASP C 1 9  ? 3.304   -12.601 1.074   1.00 9.94  ? 7  ASP C O   1 
ATOM   651 C CB  . ASP C 1 9  ? 3.742   -15.652 2.190   1.00 12.07 ? 7  ASP C CB  1 
ATOM   652 C CG  . ASP C 1 9  ? 4.305   -16.959 1.657   1.00 13.97 ? 7  ASP C CG  1 
ATOM   653 O OD1 . ASP C 1 9  ? 5.326   -16.918 0.933   1.00 9.88  ? 7  ASP C OD1 1 
ATOM   654 O OD2 . ASP C 1 9  ? 3.709   -18.023 1.948   1.00 15.37 ? 7  ASP C OD2 1 
ATOM   655 N N   . LYS C 1 10 ? 3.770   -12.664 3.258   1.00 12.78 ? 8  LYS C N   1 
ATOM   656 C CA  . LYS C 1 10 ? 3.082   -11.395 3.536   1.00 11.30 ? 8  LYS C CA  1 
ATOM   657 C C   . LYS C 1 10 ? 3.806   -10.201 2.904   1.00 9.15  ? 8  LYS C C   1 
ATOM   658 O O   . LYS C 1 10 ? 3.162   -9.270  2.397   1.00 10.14 ? 8  LYS C O   1 
ATOM   659 C CB  . LYS C 1 10 ? 2.877   -11.200 5.037   1.00 10.07 ? 8  LYS C CB  1 
ATOM   660 C CG  . LYS C 1 10 ? 1.659   -11.965 5.596   1.00 11.47 ? 8  LYS C CG  1 
ATOM   661 C CD  . LYS C 1 10 ? 1.717   -12.063 7.105   1.00 15.23 ? 8  LYS C CD  1 
ATOM   662 C CE  . LYS C 1 10 ? 0.465   -12.725 7.713   1.00 20.90 ? 8  LYS C CE  1 
ATOM   663 N NZ  . LYS C 1 10 ? -0.676  -11.768 7.871   1.00 14.03 ? 8  LYS C NZ  1 
ATOM   664 N N   . VAL C 1 11 ? 5.138   -10.222 2.916   1.00 9.75  ? 9  VAL C N   1 
ATOM   665 C CA  . VAL C 1 11 ? 5.906   -9.128  2.275   1.00 10.33 ? 9  VAL C CA  1 
ATOM   666 C C   . VAL C 1 11 ? 5.719   -9.111  0.758   1.00 9.17  ? 9  VAL C C   1 
ATOM   667 O O   . VAL C 1 11 ? 5.530   -8.050  0.169   1.00 12.17 ? 9  VAL C O   1 
ATOM   668 C CB  . VAL C 1 11 ? 7.373   -9.098  2.715   1.00 5.25  ? 9  VAL C CB  1 
ATOM   669 C CG1 . VAL C 1 11 ? 8.206   -8.208  1.807   1.00 12.83 ? 9  VAL C CG1 1 
ATOM   670 C CG2 . VAL C 1 11 ? 7.452   -8.591  4.148   1.00 8.46  ? 9  VAL C CG2 1 
ATOM   671 N N   . GLU C 1 12 ? 5.717   -10.290 0.141   1.00 11.77 ? 10 GLU C N   1 
ATOM   672 C CA  . GLU C 1 12 ? 5.327   -10.433 -1.269  1.00 14.46 ? 10 GLU C CA  1 
ATOM   673 C C   . GLU C 1 12 ? 3.910   -9.894  -1.556  1.00 14.49 ? 10 GLU C C   1 
ATOM   674 O O   . GLU C 1 12 ? 3.691   -9.174  -2.545  1.00 13.29 ? 10 GLU C O   1 
ATOM   675 C CB  . GLU C 1 12 ? 5.426   -11.901 -1.701  1.00 14.55 ? 10 GLU C CB  1 
ATOM   676 C CG  . GLU C 1 12 ? 5.376   -12.109 -3.222  1.00 23.26 ? 10 GLU C CG  1 
ATOM   677 C CD  . GLU C 1 12 ? 5.436   -13.570 -3.642  1.00 19.87 ? 10 GLU C CD  1 
ATOM   678 O OE1 . GLU C 1 12 ? 5.262   -14.469 -2.780  1.00 27.12 ? 10 GLU C OE1 1 
ATOM   679 O OE2 . GLU C 1 12 ? 5.654   -13.817 -4.847  1.00 34.30 ? 10 GLU C OE2 1 
ATOM   680 N N   . GLU C 1 13 ? 2.955   -10.241 -0.692  1.00 10.69 ? 11 GLU C N   1 
ATOM   681 C CA  . GLU C 1 13 ? 1.573   -9.805  -0.843  1.00 10.10 ? 11 GLU C CA  1 
ATOM   682 C C   . GLU C 1 13 ? 1.463   -8.275  -0.735  1.00 8.71  ? 11 GLU C C   1 
ATOM   683 O O   . GLU C 1 13 ? 0.755   -7.647  -1.500  1.00 6.51  ? 11 GLU C O   1 
ATOM   684 C CB  . GLU C 1 13 ? 0.706   -10.501 0.213   1.00 14.28 ? 11 GLU C CB  1 
ATOM   685 C CG  . GLU C 1 13 ? -0.783  -10.154 0.177   1.00 17.49 ? 11 GLU C CG  1 
ATOM   686 C CD  . GLU C 1 13 ? -1.534  -10.596 1.438   1.00 19.39 ? 11 GLU C CD  1 
ATOM   687 O OE1 . GLU C 1 13 ? -1.040  -11.484 2.176   1.00 26.21 ? 11 GLU C OE1 1 
ATOM   688 O OE2 . GLU C 1 13 ? -2.614  -10.038 1.692   1.00 25.21 ? 11 GLU C OE2 1 
ATOM   689 N N   . LEU C 1 14 ? 2.159   -7.692  0.234   1.00 6.41  ? 12 LEU C N   1 
ATOM   690 C CA  . LEU C 1 14 ? 2.314   -6.242  0.349   1.00 11.15 ? 12 LEU C CA  1 
ATOM   691 C C   . LEU C 1 14 ? 2.879   -5.559  -0.911  1.00 9.25  ? 12 LEU C C   1 
ATOM   692 O O   . LEU C 1 14 ? 2.378   -4.526  -1.330  1.00 14.91 ? 12 LEU C O   1 
ATOM   693 C CB  . LEU C 1 14 ? 3.197   -5.901  1.560   1.00 9.21  ? 12 LEU C CB  1 
ATOM   694 C CG  . LEU C 1 14 ? 2.496   -5.862  2.920   1.00 11.92 ? 12 LEU C CG  1 
ATOM   695 C CD1 . LEU C 1 14 ? 3.500   -5.657  4.070   1.00 7.49  ? 12 LEU C CD1 1 
ATOM   696 C CD2 . LEU C 1 14 ? 1.445   -4.766  2.885   1.00 14.43 ? 12 LEU C CD2 1 
ATOM   697 N N   . LEU C 1 15 ? 3.919   -6.125  -1.508  1.00 10.42 ? 13 LEU C N   1 
ATOM   698 C CA  . LEU C 1 15 ? 4.520   -5.522  -2.715  1.00 10.94 ? 13 LEU C CA  1 
ATOM   699 C C   . LEU C 1 15 ? 3.535   -5.570  -3.880  1.00 8.28  ? 13 LEU C C   1 
ATOM   700 O O   . LEU C 1 15 ? 3.377   -4.590  -4.623  1.00 7.16  ? 13 LEU C O   1 
ATOM   701 C CB  . LEU C 1 15 ? 5.852   -6.200  -3.078  1.00 7.76  ? 13 LEU C CB  1 
ATOM   702 C CG  . LEU C 1 15 ? 6.995   -6.066  -2.060  1.00 10.33 ? 13 LEU C CG  1 
ATOM   703 C CD1 . LEU C 1 15 ? 8.030   -7.216  -2.200  1.00 7.13  ? 13 LEU C CD1 1 
ATOM   704 C CD2 . LEU C 1 15 ? 7.658   -4.705  -2.194  1.00 9.82  ? 13 LEU C CD2 1 
ATOM   705 N N   . SER C 1 16 ? 2.845   -6.704  -3.997  1.00 8.99  ? 14 SER C N   1 
ATOM   706 C CA  . SER C 1 16 ? 1.760   -6.890  -4.959  1.00 11.21 ? 14 SER C CA  1 
ATOM   707 C C   . SER C 1 16 ? 0.597   -5.909  -4.801  1.00 8.77  ? 14 SER C C   1 
ATOM   708 O O   . SER C 1 16 ? 0.161   -5.307  -5.781  1.00 9.71  ? 14 SER C O   1 
ATOM   709 C CB  . SER C 1 16 ? 1.223   -8.323  -4.895  1.00 9.91  ? 14 SER C CB  1 
ATOM   710 O OG  . SER C 1 16 ? 0.213   -8.522  -5.878  1.00 19.20 ? 14 SER C OG  1 
ATOM   711 N N   . LYS C 1 17 ? 0.062   -5.792  -3.588  1.00 8.56  ? 15 LYS C N   1 
ATOM   712 C CA  . LYS C 1 17 ? -1.030  -4.850  -3.298  1.00 6.72  ? 15 LYS C CA  1 
ATOM   713 C C   . LYS C 1 17 ? -0.660  -3.393  -3.597  1.00 10.53 ? 15 LYS C C   1 
ATOM   714 O O   . LYS C 1 17 ? -1.472  -2.627  -4.123  1.00 9.53  ? 15 LYS C O   1 
ATOM   715 C CB  . LYS C 1 17 ? -1.447  -4.957  -1.833  1.00 8.69  ? 15 LYS C CB  1 
ATOM   716 C CG  . LYS C 1 17 ? -2.101  -6.245  -1.481  1.00 11.20 ? 15 LYS C CG  1 
ATOM   717 C CD  . LYS C 1 17 ? -2.533  -6.287  -0.018  1.00 18.70 ? 15 LYS C CD  1 
ATOM   718 C CE  . LYS C 1 17 ? -3.282  -7.585  0.272   1.00 16.23 ? 15 LYS C CE  1 
ATOM   719 N NZ  . LYS C 1 17 ? -4.413  -7.864  -0.671  1.00 26.72 ? 15 LYS C NZ  1 
ATOM   720 N N   . ASN C 1 18 ? 0.548   -2.999  -3.216  1.00 12.85 ? 16 ASN C N   1 
ATOM   721 C CA  . ASN C 1 18 ? 1.019   -1.643  -3.487  1.00 13.15 ? 16 ASN C CA  1 
ATOM   722 C C   . ASN C 1 18 ? 1.027   -1.355  -4.987  1.00 11.66 ? 16 ASN C C   1 
ATOM   723 O O   . ASN C 1 18 ? 0.502   -0.329  -5.422  1.00 7.81  ? 16 ASN C O   1 
ATOM   724 C CB  . ASN C 1 18 ? 2.417   -1.424  -2.901  1.00 13.85 ? 16 ASN C CB  1 
ATOM   725 C CG  . ASN C 1 18 ? 2.972   -0.059  -3.229  1.00 17.24 ? 16 ASN C CG  1 
ATOM   726 O OD1 . ASN C 1 18 ? 2.451   0.957   -2.770  1.00 23.81 ? 16 ASN C OD1 1 
ATOM   727 N ND2 . ASN C 1 18 ? 4.025   -0.023  -4.045  1.00 13.73 ? 16 ASN C ND2 1 
ATOM   728 N N   . TYR C 1 19 ? 1.604   -2.276  -5.764  1.00 8.99  ? 17 TYR C N   1 
ATOM   729 C CA  . TYR C 1 19 ? 1.630   -2.175  -7.220  1.00 10.07 ? 17 TYR C CA  1 
ATOM   730 C C   . TYR C 1 19 ? 0.219   -2.058  -7.797  1.00 9.33  ? 17 TYR C C   1 
ATOM   731 O O   . TYR C 1 19 ? -0.015  -1.259  -8.704  1.00 6.30  ? 17 TYR C O   1 
ATOM   732 C CB  . TYR C 1 19 ? 2.342   -3.387  -7.819  1.00 8.84  ? 17 TYR C CB  1 
ATOM   733 C CG  . TYR C 1 19 ? 2.349   -3.457  -9.331  1.00 5.54  ? 17 TYR C CG  1 
ATOM   734 C CD1 . TYR C 1 19 ? 3.307   -2.778  -10.083 1.00 9.18  ? 17 TYR C CD1 1 
ATOM   735 C CD2 . TYR C 1 19 ? 1.419   -4.246  -10.008 1.00 13.24 ? 17 TYR C CD2 1 
ATOM   736 C CE1 . TYR C 1 19 ? 3.317   -2.870  -11.485 1.00 6.69  ? 17 TYR C CE1 1 
ATOM   737 C CE2 . TYR C 1 19 ? 1.428   -4.347  -11.379 1.00 8.70  ? 17 TYR C CE2 1 
ATOM   738 C CZ  . TYR C 1 19 ? 2.374   -3.656  -12.112 1.00 12.51 ? 17 TYR C CZ  1 
ATOM   739 O OH  . TYR C 1 19 ? 2.366   -3.764  -13.472 1.00 3.17  ? 17 TYR C OH  1 
ATOM   740 N N   . HIS C 1 20 ? -0.709  -2.853  -7.272  1.00 8.35  ? 18 HIS C N   1 
ATOM   741 C CA  . HIS C 1 20 ? -2.103  -2.809  -7.727  1.00 7.56  ? 18 HIS C CA  1 
ATOM   742 C C   . HIS C 1 20 ? -2.723  -1.440  -7.458  1.00 7.24  ? 18 HIS C C   1 
ATOM   743 O O   . HIS C 1 20 ? -3.422  -0.882  -8.320  1.00 7.28  ? 18 HIS C O   1 
ATOM   744 C CB  . HIS C 1 20 ? -2.942  -3.911  -7.071  1.00 10.20 ? 18 HIS C CB  1 
ATOM   745 C CG  . HIS C 1 20 ? -4.423  -3.753  -7.282  1.00 13.01 ? 18 HIS C CG  1 
ATOM   746 N ND1 . HIS C 1 20 ? -5.300  -3.452  -6.258  1.00 23.16 ? 18 HIS C ND1 1 
ATOM   747 C CD2 . HIS C 1 20 ? -5.180  -3.862  -8.400  1.00 18.57 ? 18 HIS C CD2 1 
ATOM   748 C CE1 . HIS C 1 20 ? -6.527  -3.366  -6.739  1.00 16.58 ? 18 HIS C CE1 1 
ATOM   749 N NE2 . HIS C 1 20 ? -6.484  -3.617  -8.035  1.00 25.29 ? 18 HIS C NE2 1 
ATOM   750 N N   . LEU C 1 21 ? -2.475  -0.895  -6.268  1.00 5.27  ? 19 LEU C N   1 
ATOM   751 C CA  . LEU C 1 21 ? -3.022  0.432   -5.911  1.00 9.19  ? 19 LEU C CA  1 
ATOM   752 C C   . LEU C 1 21 ? -2.419  1.603   -6.694  1.00 10.00 ? 19 LEU C C   1 
ATOM   753 O O   . LEU C 1 21 ? -3.114  2.589   -7.003  1.00 6.55  ? 19 LEU C O   1 
ATOM   754 C CB  . LEU C 1 21 ? -2.940  0.679   -4.401  1.00 9.22  ? 19 LEU C CB  1 
ATOM   755 C CG  . LEU C 1 21 ? -3.802  -0.203  -3.478  1.00 12.04 ? 19 LEU C CG  1 
ATOM   756 C CD1 . LEU C 1 21 ? -3.718  0.311   -2.053  1.00 17.26 ? 19 LEU C CD1 1 
ATOM   757 C CD2 . LEU C 1 21 ? -5.269  -0.263  -3.942  1.00 12.18 ? 19 LEU C CD2 1 
ATOM   758 N N   . GLU C 1 22 ? -1.128  1.483   -7.005  1.00 10.70 ? 20 GLU C N   1 
ATOM   759 C CA  . GLU C 1 22 ? -0.421  2.403   -7.890  1.00 10.79 ? 20 GLU C CA  1 
ATOM   760 C C   . GLU C 1 22 ? -1.091  2.432   -9.265  1.00 13.41 ? 20 GLU C C   1 
ATOM   761 O O   . GLU C 1 22 ? -1.355  3.497   -9.830  1.00 14.98 ? 20 GLU C O   1 
ATOM   762 C CB  . GLU C 1 22 ? 1.037   1.944   -8.042  1.00 10.65 ? 20 GLU C CB  1 
ATOM   763 C CG  . GLU C 1 22 ? 1.845   2.056   -6.740  1.00 15.63 ? 20 GLU C CG  1 
ATOM   764 C CD  . GLU C 1 22 ? 3.345   1.904   -6.921  1.00 16.93 ? 20 GLU C CD  1 
ATOM   765 O OE1 . GLU C 1 22 ? 3.798   1.152   -7.811  1.00 19.48 ? 20 GLU C OE1 1 
ATOM   766 O OE2 . GLU C 1 22 ? 4.075   2.536   -6.134  1.00 28.73 ? 20 GLU C OE2 1 
ATOM   767 N N   . ASN C 1 23 ? -1.348  1.240   -9.800  1.00 13.53 ? 21 ASN C N   1 
ATOM   768 C CA  . ASN C 1 23 ? -2.057  1.055   -11.057 1.00 12.52 ? 21 ASN C CA  1 
ATOM   769 C C   . ASN C 1 23 ? -3.465  1.655   -11.019 1.00 13.79 ? 21 ASN C C   1 
ATOM   770 O O   . ASN C 1 23 ? -3.893  2.321   -11.967 1.00 13.21 ? 21 ASN C O   1 
ATOM   771 C CB  . ASN C 1 23 ? -2.142  -0.439  -11.344 1.00 14.36 ? 21 ASN C CB  1 
ATOM   772 C CG  . ASN C 1 23 ? -2.503  -0.730  -12.770 1.00 27.85 ? 21 ASN C CG  1 
ATOM   773 O OD1 . ASN C 1 23 ? -1.627  -0.933  -13.615 1.00 31.11 ? 21 ASN C OD1 1 
ATOM   774 N ND2 . ASN C 1 23 ? -3.804  -0.750  -13.058 1.00 28.18 ? 21 ASN C ND2 1 
ATOM   775 N N   . GLU C 1 24 ? -4.180  1.416   -9.921  1.00 7.81  ? 22 GLU C N   1 
ATOM   776 C CA  . GLU C 1 24 ? -5.531  1.947   -9.741  1.00 12.08 ? 22 GLU C CA  1 
ATOM   777 C C   . GLU C 1 24 ? -5.533  3.478   -9.780  1.00 8.94  ? 22 GLU C C   1 
ATOM   778 O O   . GLU C 1 24 ? -6.331  4.084   -10.492 1.00 9.73  ? 22 GLU C O   1 
ATOM   779 C CB  . GLU C 1 24 ? -6.151  1.438   -8.422  1.00 13.20 ? 22 GLU C CB  1 
ATOM   780 C CG  . GLU C 1 24 ? -6.796  0.047   -8.515  1.00 18.65 ? 22 GLU C CG  1 
ATOM   781 C CD  . GLU C 1 24 ? -7.948  0.032   -9.505  1.00 23.05 ? 22 GLU C CD  1 
ATOM   782 O OE1 . GLU C 1 24 ? -9.027  0.527   -9.154  1.00 25.88 ? 22 GLU C OE1 1 
ATOM   783 O OE2 . GLU C 1 24 ? -7.769  -0.462  -10.637 1.00 25.50 ? 22 GLU C OE2 1 
ATOM   784 N N   . ILE C 1 25 ? -4.624  4.101   -9.035  1.00 10.52 ? 23 ILE C N   1 
ATOM   785 C CA  . ILE C 1 25 ? -4.561  5.570   -9.012  1.00 10.49 ? 23 ILE C CA  1 
ATOM   786 C C   . ILE C 1 25 ? -4.160  6.125   -10.407 1.00 13.45 ? 23 ILE C C   1 
ATOM   787 O O   . ILE C 1 25 ? -4.585  7.211   -10.804 1.00 12.50 ? 23 ILE C O   1 
ATOM   788 C CB  . ILE C 1 25 ? -3.687  6.099   -7.828  1.00 14.78 ? 23 ILE C CB  1 
ATOM   789 C CG1 . ILE C 1 25 ? -4.079  7.537   -7.405  1.00 18.45 ? 23 ILE C CG1 1 
ATOM   790 C CG2 . ILE C 1 25 ? -2.231  6.089   -8.174  1.00 19.09 ? 23 ILE C CG2 1 
ATOM   791 C CD1 . ILE C 1 25 ? -5.449  7.696   -6.734  1.00 21.19 ? 23 ILE C CD1 1 
ATOM   792 N N   . ALA C 1 26 ? -3.369  5.353   -11.151 1.00 11.25 ? 24 ALA C N   1 
ATOM   793 C CA  . ALA C 1 26 ? -3.026  5.683   -12.533 1.00 14.79 ? 24 ALA C CA  1 
ATOM   794 C C   . ALA C 1 26 ? -4.253  5.680   -13.436 1.00 16.60 ? 24 ALA C C   1 
ATOM   795 O O   . ALA C 1 26 ? -4.398  6.559   -14.291 1.00 17.83 ? 24 ALA C O   1 
ATOM   796 C CB  . ALA C 1 26 ? -1.953  4.728   -13.070 1.00 18.51 ? 24 ALA C CB  1 
ATOM   797 N N   . ARG C 1 27 ? -5.138  4.703   -13.234 1.00 17.77 ? 25 ARG C N   1 
ATOM   798 C CA  . ARG C 1 27 ? -6.367  4.620   -14.011 1.00 18.61 ? 25 ARG C CA  1 
ATOM   799 C C   . ARG C 1 27 ? -7.338  5.748   -13.654 1.00 16.67 ? 25 ARG C C   1 
ATOM   800 O O   . ARG C 1 27 ? -8.031  6.261   -14.523 1.00 15.61 ? 25 ARG C O   1 
ATOM   801 C CB  . ARG C 1 27 ? -7.035  3.244   -13.862 1.00 21.11 ? 25 ARG C CB  1 
ATOM   802 C CG  . ARG C 1 27 ? -6.132  2.041   -14.217 1.00 26.73 ? 25 ARG C CG  1 
ATOM   803 C CD  . ARG C 1 27 ? -5.585  2.119   -15.644 1.00 35.63 ? 25 ARG C CD  1 
ATOM   804 N NE  . ARG C 1 27 ? -6.644  2.007   -16.650 1.00 41.77 ? 25 ARG C NE  1 
ATOM   805 C CZ  . ARG C 1 27 ? -6.573  2.502   -17.884 1.00 36.66 ? 25 ARG C CZ  1 
ATOM   806 N NH1 . ARG C 1 27 ? -5.489  3.154   -18.286 1.00 36.24 ? 25 ARG C NH1 1 
ATOM   807 N NH2 . ARG C 1 27 ? -7.592  2.338   -18.716 1.00 38.68 ? 25 ARG C NH2 1 
ATOM   808 N N   . ILE C 1 28 ? -7.369  6.135   -12.384 1.00 16.81 ? 26 ILE C N   1 
ATOM   809 C CA  . ILE C 1 28 ? -8.239  7.225   -11.912 1.00 14.05 ? 26 ILE C CA  1 
ATOM   810 C C   . ILE C 1 28 ? -7.803  8.549   -12.550 1.00 14.68 ? 26 ILE C C   1 
ATOM   811 O O   . ILE C 1 28 ? -8.640  9.314   -13.050 1.00 13.90 ? 26 ILE C O   1 
ATOM   812 C CB  . ILE C 1 28 ? -8.262  7.306   -10.344 1.00 14.61 ? 26 ILE C CB  1 
ATOM   813 C CG1 . ILE C 1 28 ? -9.087  6.162   -9.755  1.00 14.47 ? 26 ILE C CG1 1 
ATOM   814 C CG2 . ILE C 1 28 ? -8.812  8.667   -9.838  1.00 11.10 ? 26 ILE C CG2 1 
ATOM   815 C CD1 . ILE C 1 28 ? -8.905  5.998   -8.241  1.00 9.98  ? 26 ILE C CD1 1 
ATOM   816 N N   . LYS C 1 29 ? -6.496  8.794   -12.549 1.00 12.34 ? 27 LYS C N   1 
ATOM   817 C CA  . LYS C 1 29 ? -5.903  9.964   -13.210 1.00 12.77 ? 27 LYS C CA  1 
ATOM   818 C C   . LYS C 1 29 ? -6.299  10.121  -14.687 1.00 14.34 ? 27 LYS C C   1 
ATOM   819 O O   . LYS C 1 29 ? -6.551  11.235  -15.144 1.00 16.98 ? 27 LYS C O   1 
ATOM   820 C CB  . LYS C 1 29 ? -4.389  9.979   -13.009 1.00 13.63 ? 27 LYS C CB  1 
ATOM   821 C CG  . LYS C 1 29 ? -3.991  10.505  -11.626 1.00 18.06 ? 27 LYS C CG  1 
ATOM   822 C CD  . LYS C 1 29 ? -2.622  10.019  -11.143 1.00 22.75 ? 27 LYS C CD  1 
ATOM   823 C CE  . LYS C 1 29 ? -1.464  10.702  -11.870 1.00 21.24 ? 27 LYS C CE  1 
ATOM   824 N NZ  . LYS C 1 29 ? -0.176  10.489  -11.137 1.00 19.38 ? 27 LYS C NZ  1 
ATOM   825 N N   . LYS C 1 30 ? -6.372  9.005   -15.411 1.00 15.66 ? 28 LYS C N   1 
ATOM   826 C CA  . LYS C 1 30 ? -6.878  8.962   -16.792 1.00 18.10 ? 28 LYS C CA  1 
ATOM   827 C C   . LYS C 1 30 ? -8.352  9.343   -16.899 1.00 19.30 ? 28 LYS C C   1 
ATOM   828 O O   . LYS C 1 30 ? -8.748  10.042  -17.833 1.00 19.08 ? 28 LYS C O   1 
ATOM   829 C CB  . LYS C 1 30 ? -6.687  7.558   -17.374 1.00 21.23 ? 28 LYS C CB  1 
ATOM   830 C CG  . LYS C 1 30 ? -6.578  7.499   -18.890 1.00 24.03 ? 28 LYS C CG  1 
ATOM   831 C CD  . LYS C 1 30 ? -6.000  6.158   -19.333 1.00 36.27 ? 28 LYS C CD  1 
ATOM   832 C CE  . LYS C 1 30 ? -5.555  6.193   -20.797 1.00 43.51 ? 28 LYS C CE  1 
ATOM   833 N NZ  . LYS C 1 30 ? -4.975  4.890   -21.259 1.00 43.77 ? 28 LYS C NZ  1 
ATOM   834 N N   . LEU C 1 31 ? -9.172  8.863   -15.961 1.00 18.58 ? 29 LEU C N   1 
ATOM   835 C CA  . LEU C 1 31 ? -10.600 9.186   -15.967 1.00 20.94 ? 29 LEU C CA  1 
ATOM   836 C C   . LEU C 1 31 ? -10.867 10.688  -15.818 1.00 19.55 ? 29 LEU C C   1 
ATOM   837 O O   . LEU C 1 31 ? -11.836 11.210  -16.375 1.00 20.05 ? 29 LEU C O   1 
ATOM   838 C CB  . LEU C 1 31 ? -11.341 8.408   -14.875 1.00 17.52 ? 29 LEU C CB  1 
ATOM   839 C CG  . LEU C 1 31 ? -11.516 6.910   -15.134 1.00 19.41 ? 29 LEU C CG  1 
ATOM   840 C CD1 . LEU C 1 31 ? -12.016 6.231   -13.870 1.00 25.27 ? 29 LEU C CD1 1 
ATOM   841 C CD2 . LEU C 1 31 ? -12.460 6.661   -16.324 1.00 21.82 ? 29 LEU C CD2 1 
ATOM   842 N N   . VAL C 1 32 ? -10.004 11.368  -15.066 1.00 19.58 ? 30 VAL C N   1 
ATOM   843 C CA  . VAL C 1 32 ? -10.121 12.811  -14.851 1.00 22.24 ? 30 VAL C CA  1 
ATOM   844 C C   . VAL C 1 32 ? -9.139  13.639  -15.697 1.00 22.02 ? 30 VAL C C   1 
ATOM   845 O O   . VAL C 1 32 ? -9.112  14.872  -15.592 1.00 22.84 ? 30 VAL C O   1 
ATOM   846 C CB  . VAL C 1 32 ? -10.004 13.176  -13.352 1.00 22.24 ? 30 VAL C CB  1 
ATOM   847 C CG1 . VAL C 1 32 ? -11.200 12.641  -12.602 1.00 24.34 ? 30 VAL C CG1 1 
ATOM   848 C CG2 . VAL C 1 32 ? -8.709  12.641  -12.753 1.00 25.62 ? 30 VAL C CG2 1 
ATOM   849 N N   . GLY C 1 33 ? -8.355  12.957  -16.536 1.00 24.50 ? 31 GLY C N   1 
ATOM   850 C CA  . GLY C 1 33 ? -7.383  13.601  -17.434 1.00 24.01 ? 31 GLY C CA  1 
ATOM   851 C C   . GLY C 1 33 ? -6.180  14.251  -16.768 1.00 27.07 ? 31 GLY C C   1 
ATOM   852 O O   . GLY C 1 33 ? -5.600  15.204  -17.304 1.00 29.44 ? 31 GLY C O   1 
ATOM   853 N N   . GLU C 1 34 ? -5.797  13.725  -15.605 1.00 28.66 ? 32 GLU C N   1 
ATOM   854 C CA  . GLU C 1 34 ? -4.710  14.289  -14.804 1.00 29.77 ? 32 GLU C CA  1 
ATOM   855 C C   . GLU C 1 34 ? -3.469  13.392  -14.845 1.00 31.54 ? 32 GLU C C   1 
ATOM   856 O O   . GLU C 1 34 ? -2.339  13.872  -15.007 1.00 32.87 ? 32 GLU C O   1 
ATOM   857 C CB  . GLU C 1 34 ? -5.182  14.485  -13.361 1.00 29.56 ? 32 GLU C CB  1 
ATOM   858 C CG  . GLU C 1 34 ? -4.407  15.518  -12.554 1.00 30.02 ? 32 GLU C CG  1 
ATOM   859 C CD  . GLU C 1 34 ? -4.810  16.962  -12.851 1.00 29.09 ? 32 GLU C CD  1 
ATOM   860 O OE1 . GLU C 1 34 ? -5.813  17.209  -13.573 1.00 31.61 ? 32 GLU C OE1 1 
ATOM   861 O OE2 . GLU C 1 34 ? -4.124  17.864  -12.333 1.00 23.04 ? 32 GLU C OE2 1 
HETATM 862 O O   . HOH D 2 .  ? -11.456 1.823   5.450   1.00 19.43 ? 34 HOH A O   1 
HETATM 863 O O   . HOH D 2 .  ? -4.238  -5.475  3.176   1.00 17.66 ? 35 HOH A O   1 
HETATM 864 O O   . HOH D 2 .  ? 5.533   -14.836 10.685  1.00 8.16  ? 36 HOH A O   1 
HETATM 865 O O   . HOH D 2 .  ? -15.385 5.365   -11.332 1.00 22.97 ? 37 HOH A O   1 
HETATM 866 O O   . HOH D 2 .  ? 7.054   -3.514  15.492  1.00 14.95 ? 38 HOH A O   1 
HETATM 867 O O   . HOH D 2 .  ? 4.210   -12.340 15.376  1.00 17.57 ? 39 HOH A O   1 
HETATM 868 O O   . HOH D 2 .  ? 3.337   -10.440 10.082  1.00 17.08 ? 40 HOH A O   1 
HETATM 869 O O   . HOH D 2 .  ? 2.232   -10.121 14.685  1.00 21.49 ? 41 HOH A O   1 
HETATM 870 O O   . HOH D 2 .  ? -9.932  4.337   4.542   1.00 21.95 ? 42 HOH A O   1 
HETATM 871 O O   . HOH D 2 .  ? -6.214  5.813   4.654   1.00 30.09 ? 43 HOH A O   1 
HETATM 872 O O   . HOH D 2 .  ? 1.016   -4.452  14.241  1.00 26.09 ? 44 HOH A O   1 
HETATM 873 O O   . HOH D 2 .  ? -1.497  -4.027  12.921  1.00 26.77 ? 45 HOH A O   1 
HETATM 874 O O   . HOH D 2 .  ? 3.881   -13.094 9.371   1.00 21.82 ? 46 HOH A O   1 
HETATM 875 O O   . HOH D 2 .  ? -5.414  -3.952  -1.360  1.00 23.92 ? 47 HOH A O   1 
HETATM 876 O O   . HOH D 2 .  ? 12.995  -5.686  19.188  1.00 34.94 ? 48 HOH A O   1 
HETATM 877 O O   . HOH D 2 .  ? 12.998  -6.437  13.150  1.00 17.05 ? 49 HOH A O   1 
HETATM 878 O O   . HOH D 2 .  ? 1.168   -0.630  3.487   1.00 25.48 ? 50 HOH A O   1 
HETATM 879 O O   . HOH D 2 .  ? -8.840  -0.445  -4.716  1.00 31.90 ? 51 HOH A O   1 
HETATM 880 O O   . HOH D 2 .  ? -18.165 8.057   -3.040  1.00 54.87 ? 52 HOH A O   1 
HETATM 881 O O   . HOH E 2 .  ? -15.941 19.557  -3.652  1.00 7.07  ? 34 HOH B O   1 
HETATM 882 O O   . HOH E 2 .  ? -21.589 15.157  -0.972  1.00 18.94 ? 35 HOH B O   1 
HETATM 883 O O   . HOH E 2 .  ? -5.026  18.823  -5.786  1.00 22.59 ? 36 HOH B O   1 
HETATM 884 O O   . HOH E 2 .  ? 12.549  -2.156  8.245   1.00 15.47 ? 37 HOH B O   1 
HETATM 885 O O   . HOH E 2 .  ? -14.573 15.335  -0.433  1.00 25.44 ? 38 HOH B O   1 
HETATM 886 O O   . HOH E 2 .  ? 4.586   4.866   -4.381  1.00 24.68 ? 39 HOH B O   1 
HETATM 887 O O   . HOH E 2 .  ? -16.012 17.787  0.745   1.00 26.43 ? 40 HOH B O   1 
HETATM 888 O O   . HOH E 2 .  ? 13.669  3.403   -0.403  1.00 27.47 ? 41 HOH B O   1 
HETATM 889 O O   . HOH E 2 .  ? 4.806   5.023   4.456   1.00 17.76 ? 42 HOH B O   1 
HETATM 890 O O   . HOH E 2 .  ? -4.320  9.107   1.078   1.00 19.78 ? 43 HOH B O   1 
HETATM 891 O O   . HOH E 2 .  ? -19.845 11.304  -8.743  1.00 36.17 ? 44 HOH B O   1 
HETATM 892 O O   . HOH E 2 .  ? 15.641  -6.765  0.509   1.00 24.83 ? 45 HOH B O   1 
HETATM 893 O O   . HOH E 2 .  ? 20.335  -11.616 11.076  1.00 21.92 ? 46 HOH B O   1 
HETATM 894 O O   . HOH E 2 .  ? -9.348  21.160  -5.346  1.00 11.48 ? 47 HOH B O   1 
HETATM 895 O O   . HOH E 2 .  ? -20.275 13.795  -4.227  1.00 18.96 ? 48 HOH B O   1 
HETATM 896 O O   . HOH E 2 .  ? -22.370 16.005  -3.526  1.00 16.87 ? 49 HOH B O   1 
HETATM 897 O O   . HOH E 2 .  ? -20.903 16.853  0.770   1.00 20.20 ? 50 HOH B O   1 
HETATM 898 O O   . HOH E 2 .  ? -20.058 19.498  -1.915  1.00 20.90 ? 51 HOH B O   1 
HETATM 899 O O   . HOH E 2 .  ? -17.505 20.078  -1.239  1.00 21.38 ? 52 HOH B O   1 
HETATM 900 O O   . HOH E 2 .  ? -0.886  15.434  -1.438  1.00 16.92 ? 53 HOH B O   1 
HETATM 901 O O   . HOH E 2 .  ? -6.321  21.126  -6.209  1.00 22.59 ? 54 HOH B O   1 
HETATM 902 O O   . HOH E 2 .  ? 17.112  -14.470 9.093   1.00 20.88 ? 55 HOH B O   1 
HETATM 903 O O   . HOH E 2 .  ? 15.980  -10.222 -1.343  1.00 33.33 ? 56 HOH B O   1 
HETATM 904 O O   . HOH F 2 .  ? 8.069   -1.332  -4.583  1.00 28.19 ? 34 HOH C O   1 
HETATM 905 O O   . HOH F 2 .  ? 1.337   -0.362  -11.048 1.00 32.06 ? 35 HOH C O   1 
HETATM 906 O O   . HOH F 2 .  ? 0.514   5.297   -10.311 1.00 29.37 ? 36 HOH C O   1 
HETATM 907 O O   . HOH F 2 .  ? 5.090   -2.667  -5.001  1.00 15.85 ? 37 HOH C O   1 
HETATM 908 O O   . HOH F 2 .  ? -1.740  7.980   -15.397 1.00 30.91 ? 38 HOH C O   1 
HETATM 909 O O   . HOH F 2 .  ? -1.302  -6.345  -8.525  1.00 26.66 ? 39 HOH C O   1 
HETATM 910 O O   . HOH F 2 .  ? 14.284  -13.838 2.347   1.00 37.45 ? 40 HOH C O   1 
HETATM 911 O O   . HOH F 2 .  ? -8.708  4.902   -16.648 1.00 24.57 ? 41 HOH C O   1 
HETATM 912 O O   . HOH F 2 .  ? 7.646   -16.067 -0.114  1.00 27.76 ? 42 HOH C O   1 
HETATM 913 O O   . HOH F 2 .  ? 1.595   -12.008 -3.664  1.00 35.14 ? 43 HOH C O   1 
HETATM 914 O O   . HOH F 2 .  ? 9.545   -11.662 0.078   1.00 29.48 ? 44 HOH C O   1 
HETATM 915 O O   . HOH F 2 .  ? 2.379   -13.852 -1.024  1.00 31.71 ? 45 HOH C O   1 
HETATM 916 O O   . HOH F 2 .  ? 1.556   -18.176 0.975   1.00 31.26 ? 46 HOH C O   1 
HETATM 917 O O   . HOH F 2 .  ? -0.227  7.702   -11.517 1.00 37.61 ? 47 HOH C O   1 
HETATM 918 O O   . HOH F 2 .  ? 10.086  -17.705 0.404   1.00 32.63 ? 48 HOH C O   1 
HETATM 919 O O   . HOH F 2 .  ? -2.236  -8.251  -4.682  1.00 33.96 ? 49 HOH C O   1 
HETATM 920 O O   . HOH F 2 .  ? 9.126   -25.983 9.023   1.00 28.26 ? 50 HOH C O   1 
HETATM 921 O O   . HOH F 2 .  ? 9.456   -24.125 10.850  1.00 29.30 ? 51 HOH C O   1 
HETATM 922 O O   . HOH F 2 .  ? 10.934  -19.615 10.226  1.00 38.76 ? 52 HOH C O   1 
HETATM 923 O O   . HOH F 2 .  ? 1.606   -15.872 5.585   1.00 28.46 ? 53 HOH C O   1 
# 
loop_
_pdbx_poly_seq_scheme.asym_id 
_pdbx_poly_seq_scheme.entity_id 
_pdbx_poly_seq_scheme.seq_id 
_pdbx_poly_seq_scheme.mon_id 
_pdbx_poly_seq_scheme.ndb_seq_num 
_pdbx_poly_seq_scheme.pdb_seq_num 
_pdbx_poly_seq_scheme.auth_seq_num 
_pdbx_poly_seq_scheme.pdb_mon_id 
_pdbx_poly_seq_scheme.auth_mon_id 
_pdbx_poly_seq_scheme.pdb_strand_id 
_pdbx_poly_seq_scheme.pdb_ins_code 
_pdbx_poly_seq_scheme.hetero 
A 1 1  GLY 1  -1 -1 GLY GLY A . n 
A 1 2  SER 2  0  0  SER SER A . n 
A 1 3  ARG 3  1  1  ARG ARG A . n 
A 1 4  MET 4  2  2  MET MET A . n 
A 1 5  LYS 5  3  3  LYS LYS A . n 
A 1 6  GLN 6  4  4  GLN GLN A . n 
A 1 7  LEU 7  5  5  LEU LEU A . n 
A 1 8  GLU 8  6  6  GLU GLU A . n 
A 1 9  ASP 9  7  7  ASP ASP A . n 
A 1 10 LYS 10 8  8  LYS LYS A . n 
A 1 11 VAL 11 9  9  VAL VAL A . n 
A 1 12 GLU 12 10 10 GLU GLU A . n 
A 1 13 GLU 13 11 11 GLU GLU A . n 
A 1 14 LEU 14 12 12 LEU LEU A . n 
A 1 15 LEU 15 13 13 LEU LEU A . n 
A 1 16 SER 16 14 14 SER SER A . n 
A 1 17 LYS 17 15 15 LYS LYS A . n 
A 1 18 ASN 18 16 16 ASN ASN A . n 
A 1 19 TYR 19 17 17 TYR TYR A . n 
A 1 20 HIS 20 18 18 HIS HIS A . n 
A 1 21 LEU 21 19 19 LEU LEU A . n 
A 1 22 GLU 22 20 20 GLU GLU A . n 
A 1 23 ASN 23 21 21 ASN ASN A . n 
A 1 24 GLU 24 22 22 GLU GLU A . n 
A 1 25 ILE 25 23 23 ILE ILE A . n 
A 1 26 ALA 26 24 24 ALA ALA A . n 
A 1 27 ARG 27 25 25 ARG ARG A . n 
A 1 28 ILE 28 26 26 ILE ILE A . n 
A 1 29 LYS 29 27 27 LYS LYS A . n 
A 1 30 LYS 30 28 28 LYS LYS A . n 
A 1 31 LEU 31 29 29 LEU LEU A . n 
A 1 32 VAL 32 30 30 VAL VAL A . n 
A 1 33 GLY 33 31 31 GLY GLY A . n 
A 1 34 GLU 34 32 32 GLU GLU A . n 
A 1 35 ARG 35 33 33 ARG ARG A . n 
B 1 1  GLY 1  -1 -1 GLY GLY B . n 
B 1 2  SER 2  0  0  SER SER B . n 
B 1 3  ARG 3  1  1  ARG ARG B . n 
B 1 4  MET 4  2  2  MET MET B . n 
B 1 5  LYS 5  3  3  LYS LYS B . n 
B 1 6  GLN 6  4  4  GLN GLN B . n 
B 1 7  LEU 7  5  5  LEU LEU B . n 
B 1 8  GLU 8  6  6  GLU GLU B . n 
B 1 9  ASP 9  7  7  ASP ASP B . n 
B 1 10 LYS 10 8  8  LYS LYS B . n 
B 1 11 VAL 11 9  9  VAL VAL B . n 
B 1 12 GLU 12 10 10 GLU GLU B . n 
B 1 13 GLU 13 11 11 GLU GLU B . n 
B 1 14 LEU 14 12 12 LEU LEU B . n 
B 1 15 LEU 15 13 13 LEU LEU B . n 
B 1 16 SER 16 14 14 SER SER B . n 
B 1 17 LYS 17 15 15 LYS LYS B . n 
B 1 18 ASN 18 16 16 ASN ASN B . n 
B 1 19 TYR 19 17 17 TYR TYR B . n 
B 1 20 HIS 20 18 18 HIS HIS B . n 
B 1 21 LEU 21 19 19 LEU LEU B . n 
B 1 22 GLU 22 20 20 GLU GLU B . n 
B 1 23 ASN 23 21 21 ASN ASN B . n 
B 1 24 GLU 24 22 22 GLU GLU B . n 
B 1 25 ILE 25 23 23 ILE ILE B . n 
B 1 26 ALA 26 24 24 ALA ALA B . n 
B 1 27 ARG 27 25 25 ARG ARG B . n 
B 1 28 ILE 28 26 26 ILE ILE B . n 
B 1 29 LYS 29 27 27 LYS LYS B . n 
B 1 30 LYS 30 28 28 LYS LYS B . n 
B 1 31 LEU 31 29 29 LEU LEU B . n 
B 1 32 VAL 32 30 30 VAL VAL B . n 
B 1 33 GLY 33 31 31 GLY GLY B . n 
B 1 34 GLU 34 32 32 GLU GLU B . n 
B 1 35 ARG 35 33 33 ARG ARG B . n 
C 1 1  GLY 1  -1 -1 GLY GLY C . n 
C 1 2  SER 2  0  0  SER SER C . n 
C 1 3  ARG 3  1  1  ARG ARG C . n 
C 1 4  MET 4  2  2  MET MET C . n 
C 1 5  LYS 5  3  3  LYS LYS C . n 
C 1 6  GLN 6  4  4  GLN GLN C . n 
C 1 7  LEU 7  5  5  LEU LEU C . n 
C 1 8  GLU 8  6  6  GLU GLU C . n 
C 1 9  ASP 9  7  7  ASP ASP C . n 
C 1 10 LYS 10 8  8  LYS LYS C . n 
C 1 11 VAL 11 9  9  VAL VAL C . n 
C 1 12 GLU 12 10 10 GLU GLU C . n 
C 1 13 GLU 13 11 11 GLU GLU C . n 
C 1 14 LEU 14 12 12 LEU LEU C . n 
C 1 15 LEU 15 13 13 LEU LEU C . n 
C 1 16 SER 16 14 14 SER SER C . n 
C 1 17 LYS 17 15 15 LYS LYS C . n 
C 1 18 ASN 18 16 16 ASN ASN C . n 
C 1 19 TYR 19 17 17 TYR TYR C . n 
C 1 20 HIS 20 18 18 HIS HIS C . n 
C 1 21 LEU 21 19 19 LEU LEU C . n 
C 1 22 GLU 22 20 20 GLU GLU C . n 
C 1 23 ASN 23 21 21 ASN ASN C . n 
C 1 24 GLU 24 22 22 GLU GLU C . n 
C 1 25 ILE 25 23 23 ILE ILE C . n 
C 1 26 ALA 26 24 24 ALA ALA C . n 
C 1 27 ARG 27 25 25 ARG ARG C . n 
C 1 28 ILE 28 26 26 ILE ILE C . n 
C 1 29 LYS 29 27 27 LYS LYS C . n 
C 1 30 LYS 30 28 28 LYS LYS C . n 
C 1 31 LEU 31 29 29 LEU LEU C . n 
C 1 32 VAL 32 30 30 VAL VAL C . n 
C 1 33 GLY 33 31 31 GLY GLY C . n 
C 1 34 GLU 34 32 32 GLU GLU C . n 
C 1 35 ARG 35 33 ?  ?   ?   C . n 
# 
loop_
_pdbx_nonpoly_scheme.asym_id 
_pdbx_nonpoly_scheme.entity_id 
_pdbx_nonpoly_scheme.mon_id 
_pdbx_nonpoly_scheme.ndb_seq_num 
_pdbx_nonpoly_scheme.pdb_seq_num 
_pdbx_nonpoly_scheme.auth_seq_num 
_pdbx_nonpoly_scheme.pdb_mon_id 
_pdbx_nonpoly_scheme.auth_mon_id 
_pdbx_nonpoly_scheme.pdb_strand_id 
_pdbx_nonpoly_scheme.pdb_ins_code 
D 2 HOH 1  34 34 HOH HOH A . 
D 2 HOH 2  35 35 HOH HOH A . 
D 2 HOH 3  36 36 HOH HOH A . 
D 2 HOH 4  37 37 HOH HOH A . 
D 2 HOH 5  38 38 HOH HOH A . 
D 2 HOH 6  39 39 HOH HOH A . 
D 2 HOH 7  40 40 HOH HOH A . 
D 2 HOH 8  41 41 HOH HOH A . 
D 2 HOH 9  42 42 HOH HOH A . 
D 2 HOH 10 43 43 HOH HOH A . 
D 2 HOH 11 44 44 HOH HOH A . 
D 2 HOH 12 45 45 HOH HOH A . 
D 2 HOH 13 46 46 HOH HOH A . 
D 2 HOH 14 47 47 HOH HOH A . 
D 2 HOH 15 48 48 HOH HOH A . 
D 2 HOH 16 49 49 HOH HOH A . 
D 2 HOH 17 50 50 HOH HOH A . 
D 2 HOH 18 51 51 HOH HOH A . 
D 2 HOH 19 52 52 HOH HOH A . 
E 2 HOH 1  34 34 HOH HOH B . 
E 2 HOH 2  35 35 HOH HOH B . 
E 2 HOH 3  36 36 HOH HOH B . 
E 2 HOH 4  37 37 HOH HOH B . 
E 2 HOH 5  38 38 HOH HOH B . 
E 2 HOH 6  39 39 HOH HOH B . 
E 2 HOH 7  40 40 HOH HOH B . 
E 2 HOH 8  41 41 HOH HOH B . 
E 2 HOH 9  42 42 HOH HOH B . 
E 2 HOH 10 43 43 HOH HOH B . 
E 2 HOH 11 44 44 HOH HOH B . 
E 2 HOH 12 45 45 HOH HOH B . 
E 2 HOH 13 46 46 HOH HOH B . 
E 2 HOH 14 47 47 HOH HOH B . 
E 2 HOH 15 48 48 HOH HOH B . 
E 2 HOH 16 49 49 HOH HOH B . 
E 2 HOH 17 50 50 HOH HOH B . 
E 2 HOH 18 51 51 HOH HOH B . 
E 2 HOH 19 52 52 HOH HOH B . 
E 2 HOH 20 53 53 HOH HOH B . 
E 2 HOH 21 54 54 HOH HOH B . 
E 2 HOH 22 55 55 HOH HOH B . 
E 2 HOH 23 56 56 HOH HOH B . 
F 2 HOH 1  34 34 HOH HOH C . 
F 2 HOH 2  35 35 HOH HOH C . 
F 2 HOH 3  36 36 HOH HOH C . 
F 2 HOH 4  37 37 HOH HOH C . 
F 2 HOH 5  38 38 HOH HOH C . 
F 2 HOH 6  39 39 HOH HOH C . 
F 2 HOH 7  40 40 HOH HOH C . 
F 2 HOH 8  41 41 HOH HOH C . 
F 2 HOH 9  42 42 HOH HOH C . 
F 2 HOH 10 43 43 HOH HOH C . 
F 2 HOH 11 44 44 HOH HOH C . 
F 2 HOH 12 45 45 HOH HOH C . 
F 2 HOH 13 46 46 HOH HOH C . 
F 2 HOH 14 47 47 HOH HOH C . 
F 2 HOH 15 48 48 HOH HOH C . 
F 2 HOH 16 49 49 HOH HOH C . 
F 2 HOH 17 50 50 HOH HOH C . 
F 2 HOH 18 51 51 HOH HOH C . 
F 2 HOH 19 52 52 HOH HOH C . 
F 2 HOH 20 53 53 HOH HOH C . 
# 
_pdbx_struct_assembly.id                   1 
_pdbx_struct_assembly.details              author_and_software_defined_assembly 
_pdbx_struct_assembly.method_details       PISA 
_pdbx_struct_assembly.oligomeric_details   trimeric 
_pdbx_struct_assembly.oligomeric_count     3 
# 
_pdbx_struct_assembly_gen.assembly_id       1 
_pdbx_struct_assembly_gen.oper_expression   1 
_pdbx_struct_assembly_gen.asym_id_list      A,B,C,D,E,F 
# 
loop_
_pdbx_struct_assembly_prop.biol_id 
_pdbx_struct_assembly_prop.type 
_pdbx_struct_assembly_prop.value 
_pdbx_struct_assembly_prop.details 
1 'ABSA (A^2)' 4110 ? 
1 MORE         -37  ? 
1 'SSA (A^2)'  7250 ? 
# 
_pdbx_struct_oper_list.id                   1 
_pdbx_struct_oper_list.type                 'identity operation' 
_pdbx_struct_oper_list.name                 1_555 
_pdbx_struct_oper_list.symmetry_operation   x,y,z 
_pdbx_struct_oper_list.matrix[1][1]         1.0000000000 
_pdbx_struct_oper_list.matrix[1][2]         0.0000000000 
_pdbx_struct_oper_list.matrix[1][3]         0.0000000000 
_pdbx_struct_oper_list.vector[1]            0.0000000000 
_pdbx_struct_oper_list.matrix[2][1]         0.0000000000 
_pdbx_struct_oper_list.matrix[2][2]         1.0000000000 
_pdbx_struct_oper_list.matrix[2][3]         0.0000000000 
_pdbx_struct_oper_list.vector[2]            0.0000000000 
_pdbx_struct_oper_list.matrix[3][1]         0.0000000000 
_pdbx_struct_oper_list.matrix[3][2]         0.0000000000 
_pdbx_struct_oper_list.matrix[3][3]         1.0000000000 
_pdbx_struct_oper_list.vector[3]            0.0000000000 
# 
loop_
_pdbx_audit_revision_history.ordinal 
_pdbx_audit_revision_history.data_content_type 
_pdbx_audit_revision_history.major_revision 
_pdbx_audit_revision_history.minor_revision 
_pdbx_audit_revision_history.revision_date 
1 'Structure model' 1 0 2010-03-09 
2 'Structure model' 1 1 2011-07-13 
3 'Structure model' 1 2 2013-01-16 
4 'Structure model' 1 3 2021-11-10 
5 'Structure model' 1 4 2023-11-01 
# 
_pdbx_audit_revision_details.ordinal             1 
_pdbx_audit_revision_details.revision_ordinal    1 
_pdbx_audit_revision_details.data_content_type   'Structure model' 
_pdbx_audit_revision_details.provider            repository 
_pdbx_audit_revision_details.type                'Initial release' 
_pdbx_audit_revision_details.description         ? 
_pdbx_audit_revision_details.details             ? 
# 
loop_
_pdbx_audit_revision_group.ordinal 
_pdbx_audit_revision_group.revision_ordinal 
_pdbx_audit_revision_group.data_content_type 
_pdbx_audit_revision_group.group 
1 2 'Structure model' Advisory                    
2 2 'Structure model' 'Version format compliance' 
3 3 'Structure model' 'Database references'       
4 4 'Structure model' 'Database references'       
5 5 'Structure model' 'Data collection'           
6 5 'Structure model' 'Refinement description'    
# 
loop_
_pdbx_audit_revision_category.ordinal 
_pdbx_audit_revision_category.revision_ordinal 
_pdbx_audit_revision_category.data_content_type 
_pdbx_audit_revision_category.category 
1 4 'Structure model' database_2                    
2 4 'Structure model' struct_ref_seq_dif            
3 5 'Structure model' chem_comp_atom                
4 5 'Structure model' chem_comp_bond                
5 5 'Structure model' pdbx_initial_refinement_model 
# 
loop_
_pdbx_audit_revision_item.ordinal 
_pdbx_audit_revision_item.revision_ordinal 
_pdbx_audit_revision_item.data_content_type 
_pdbx_audit_revision_item.item 
1 4 'Structure model' '_database_2.pdbx_DOI'                
2 4 'Structure model' '_database_2.pdbx_database_accession' 
3 4 'Structure model' '_struct_ref_seq_dif.details'         
# 
loop_
_pdbx_refine_tls.id 
_pdbx_refine_tls.details 
_pdbx_refine_tls.method 
_pdbx_refine_tls.origin_x 
_pdbx_refine_tls.origin_y 
_pdbx_refine_tls.origin_z 
_pdbx_refine_tls.T[1][1] 
_pdbx_refine_tls.T[2][2] 
_pdbx_refine_tls.T[3][3] 
_pdbx_refine_tls.T[1][2] 
_pdbx_refine_tls.T[1][3] 
_pdbx_refine_tls.T[2][3] 
_pdbx_refine_tls.L[1][1] 
_pdbx_refine_tls.L[2][2] 
_pdbx_refine_tls.L[3][3] 
_pdbx_refine_tls.L[1][2] 
_pdbx_refine_tls.L[1][3] 
_pdbx_refine_tls.L[2][3] 
_pdbx_refine_tls.S[1][1] 
_pdbx_refine_tls.S[1][2] 
_pdbx_refine_tls.S[1][3] 
_pdbx_refine_tls.S[2][1] 
_pdbx_refine_tls.S[2][2] 
_pdbx_refine_tls.S[2][3] 
_pdbx_refine_tls.S[3][1] 
_pdbx_refine_tls.S[3][2] 
_pdbx_refine_tls.S[3][3] 
_pdbx_refine_tls.pdbx_refine_id 
1 ? refined -4.0359 -0.3260 3.8498  0.0078 0.0296 0.0094 -0.0079 0.0131  -0.0003 2.7924 2.2322 2.0170 -2.3295 2.3732 -1.9762 0.0574 -0.1417 -0.0143 -0.1547 0.0109  -0.0033 0.1190 -0.0905 -0.0683 'X-RAY DIFFRACTION' 
2 ? refined 3.4806  4.0781  0.0409  0.0110 0.0006 0.0451 -0.0306 -0.0200 -0.0295 5.0977 3.5239 1.2040 -4.1836 1.9685 -1.8160 0.0103 -0.0431 0.1245  -0.0827 -0.0243 -0.1199 0.0448 -0.0300 0.0139  'X-RAY DIFFRACTION' 
3 ? refined 0.2690  -4.0324 -4.0314 0.0108 0.0181 0.0233 -0.0004 0.0029  -0.0067 0.9392 2.0336 2.6295 -1.3793 1.3226 -2.0208 0.0684 0.0599  0.0047  -0.0209 -0.0704 0.0287  0.0468 0.0979  0.0019  'X-RAY DIFFRACTION' 
# 
loop_
_pdbx_refine_tls_group.id 
_pdbx_refine_tls_group.refine_tls_id 
_pdbx_refine_tls_group.beg_auth_asym_id 
_pdbx_refine_tls_group.beg_auth_seq_id 
_pdbx_refine_tls_group.beg_label_asym_id 
_pdbx_refine_tls_group.beg_label_seq_id 
_pdbx_refine_tls_group.end_auth_asym_id 
_pdbx_refine_tls_group.end_auth_seq_id 
_pdbx_refine_tls_group.end_label_asym_id 
_pdbx_refine_tls_group.end_label_seq_id 
_pdbx_refine_tls_group.selection 
_pdbx_refine_tls_group.selection_details 
_pdbx_refine_tls_group.pdbx_refine_id 
1 1 A -1 ? ? A 33 ? ? ? ? 'X-RAY DIFFRACTION' 
2 2 B -1 ? ? B 33 ? ? ? ? 'X-RAY DIFFRACTION' 
3 3 C -1 ? ? C 32 ? ? ? ? 'X-RAY DIFFRACTION' 
# 
loop_
_software.name 
_software.classification 
_software.version 
_software.citation_id 
_software.pdbx_ordinal 
PHASER phasing          .        ? 1 
REFMAC refinement       5.2.0019 ? 2 
XDS    'data reduction' .        ? 3 
XSCALE 'data scaling'   .        ? 4 
# 
_pdbx_unobs_or_zero_occ_residues.id               1 
_pdbx_unobs_or_zero_occ_residues.PDB_model_num    1 
_pdbx_unobs_or_zero_occ_residues.polymer_flag     Y 
_pdbx_unobs_or_zero_occ_residues.occupancy_flag   1 
_pdbx_unobs_or_zero_occ_residues.auth_asym_id     C 
_pdbx_unobs_or_zero_occ_residues.auth_comp_id     ARG 
_pdbx_unobs_or_zero_occ_residues.auth_seq_id      33 
_pdbx_unobs_or_zero_occ_residues.PDB_ins_code     ? 
_pdbx_unobs_or_zero_occ_residues.label_asym_id    C 
_pdbx_unobs_or_zero_occ_residues.label_comp_id    ARG 
_pdbx_unobs_or_zero_occ_residues.label_seq_id     35 
# 
loop_
_chem_comp_atom.comp_id 
_chem_comp_atom.atom_id 
_chem_comp_atom.type_symbol 
_chem_comp_atom.pdbx_aromatic_flag 
_chem_comp_atom.pdbx_stereo_config 
_chem_comp_atom.pdbx_ordinal 
ALA N    N N N 1   
ALA CA   C N S 2   
ALA C    C N N 3   
ALA O    O N N 4   
ALA CB   C N N 5   
ALA OXT  O N N 6   
ALA H    H N N 7   
ALA H2   H N N 8   
ALA HA   H N N 9   
ALA HB1  H N N 10  
ALA HB2  H N N 11  
ALA HB3  H N N 12  
ALA HXT  H N N 13  
ARG N    N N N 14  
ARG CA   C N S 15  
ARG C    C N N 16  
ARG O    O N N 17  
ARG CB   C N N 18  
ARG CG   C N N 19  
ARG CD   C N N 20  
ARG NE   N N N 21  
ARG CZ   C N N 22  
ARG NH1  N N N 23  
ARG NH2  N N N 24  
ARG OXT  O N N 25  
ARG H    H N N 26  
ARG H2   H N N 27  
ARG HA   H N N 28  
ARG HB2  H N N 29  
ARG HB3  H N N 30  
ARG HG2  H N N 31  
ARG HG3  H N N 32  
ARG HD2  H N N 33  
ARG HD3  H N N 34  
ARG HE   H N N 35  
ARG HH11 H N N 36  
ARG HH12 H N N 37  
ARG HH21 H N N 38  
ARG HH22 H N N 39  
ARG HXT  H N N 40  
ASN N    N N N 41  
ASN CA   C N S 42  
ASN C    C N N 43  
ASN O    O N N 44  
ASN CB   C N N 45  
ASN CG   C N N 46  
ASN OD1  O N N 47  
ASN ND2  N N N 48  
ASN OXT  O N N 49  
ASN H    H N N 50  
ASN H2   H N N 51  
ASN HA   H N N 52  
ASN HB2  H N N 53  
ASN HB3  H N N 54  
ASN HD21 H N N 55  
ASN HD22 H N N 56  
ASN HXT  H N N 57  
ASP N    N N N 58  
ASP CA   C N S 59  
ASP C    C N N 60  
ASP O    O N N 61  
ASP CB   C N N 62  
ASP CG   C N N 63  
ASP OD1  O N N 64  
ASP OD2  O N N 65  
ASP OXT  O N N 66  
ASP H    H N N 67  
ASP H2   H N N 68  
ASP HA   H N N 69  
ASP HB2  H N N 70  
ASP HB3  H N N 71  
ASP HD2  H N N 72  
ASP HXT  H N N 73  
GLN N    N N N 74  
GLN CA   C N S 75  
GLN C    C N N 76  
GLN O    O N N 77  
GLN CB   C N N 78  
GLN CG   C N N 79  
GLN CD   C N N 80  
GLN OE1  O N N 81  
GLN NE2  N N N 82  
GLN OXT  O N N 83  
GLN H    H N N 84  
GLN H2   H N N 85  
GLN HA   H N N 86  
GLN HB2  H N N 87  
GLN HB3  H N N 88  
GLN HG2  H N N 89  
GLN HG3  H N N 90  
GLN HE21 H N N 91  
GLN HE22 H N N 92  
GLN HXT  H N N 93  
GLU N    N N N 94  
GLU CA   C N S 95  
GLU C    C N N 96  
GLU O    O N N 97  
GLU CB   C N N 98  
GLU CG   C N N 99  
GLU CD   C N N 100 
GLU OE1  O N N 101 
GLU OE2  O N N 102 
GLU OXT  O N N 103 
GLU H    H N N 104 
GLU H2   H N N 105 
GLU HA   H N N 106 
GLU HB2  H N N 107 
GLU HB3  H N N 108 
GLU HG2  H N N 109 
GLU HG3  H N N 110 
GLU HE2  H N N 111 
GLU HXT  H N N 112 
GLY N    N N N 113 
GLY CA   C N N 114 
GLY C    C N N 115 
GLY O    O N N 116 
GLY OXT  O N N 117 
GLY H    H N N 118 
GLY H2   H N N 119 
GLY HA2  H N N 120 
GLY HA3  H N N 121 
GLY HXT  H N N 122 
HIS N    N N N 123 
HIS CA   C N S 124 
HIS C    C N N 125 
HIS O    O N N 126 
HIS CB   C N N 127 
HIS CG   C Y N 128 
HIS ND1  N Y N 129 
HIS CD2  C Y N 130 
HIS CE1  C Y N 131 
HIS NE2  N Y N 132 
HIS OXT  O N N 133 
HIS H    H N N 134 
HIS H2   H N N 135 
HIS HA   H N N 136 
HIS HB2  H N N 137 
HIS HB3  H N N 138 
HIS HD1  H N N 139 
HIS HD2  H N N 140 
HIS HE1  H N N 141 
HIS HE2  H N N 142 
HIS HXT  H N N 143 
HOH O    O N N 144 
HOH H1   H N N 145 
HOH H2   H N N 146 
ILE N    N N N 147 
ILE CA   C N S 148 
ILE C    C N N 149 
ILE O    O N N 150 
ILE CB   C N S 151 
ILE CG1  C N N 152 
ILE CG2  C N N 153 
ILE CD1  C N N 154 
ILE OXT  O N N 155 
ILE H    H N N 156 
ILE H2   H N N 157 
ILE HA   H N N 158 
ILE HB   H N N 159 
ILE HG12 H N N 160 
ILE HG13 H N N 161 
ILE HG21 H N N 162 
ILE HG22 H N N 163 
ILE HG23 H N N 164 
ILE HD11 H N N 165 
ILE HD12 H N N 166 
ILE HD13 H N N 167 
ILE HXT  H N N 168 
LEU N    N N N 169 
LEU CA   C N S 170 
LEU C    C N N 171 
LEU O    O N N 172 
LEU CB   C N N 173 
LEU CG   C N N 174 
LEU CD1  C N N 175 
LEU CD2  C N N 176 
LEU OXT  O N N 177 
LEU H    H N N 178 
LEU H2   H N N 179 
LEU HA   H N N 180 
LEU HB2  H N N 181 
LEU HB3  H N N 182 
LEU HG   H N N 183 
LEU HD11 H N N 184 
LEU HD12 H N N 185 
LEU HD13 H N N 186 
LEU HD21 H N N 187 
LEU HD22 H N N 188 
LEU HD23 H N N 189 
LEU HXT  H N N 190 
LYS N    N N N 191 
LYS CA   C N S 192 
LYS C    C N N 193 
LYS O    O N N 194 
LYS CB   C N N 195 
LYS CG   C N N 196 
LYS CD   C N N 197 
LYS CE   C N N 198 
LYS NZ   N N N 199 
LYS OXT  O N N 200 
LYS H    H N N 201 
LYS H2   H N N 202 
LYS HA   H N N 203 
LYS HB2  H N N 204 
LYS HB3  H N N 205 
LYS HG2  H N N 206 
LYS HG3  H N N 207 
LYS HD2  H N N 208 
LYS HD3  H N N 209 
LYS HE2  H N N 210 
LYS HE3  H N N 211 
LYS HZ1  H N N 212 
LYS HZ2  H N N 213 
LYS HZ3  H N N 214 
LYS HXT  H N N 215 
MET N    N N N 216 
MET CA   C N S 217 
MET C    C N N 218 
MET O    O N N 219 
MET CB   C N N 220 
MET CG   C N N 221 
MET SD   S N N 222 
MET CE   C N N 223 
MET OXT  O N N 224 
MET H    H N N 225 
MET H2   H N N 226 
MET HA   H N N 227 
MET HB2  H N N 228 
MET HB3  H N N 229 
MET HG2  H N N 230 
MET HG3  H N N 231 
MET HE1  H N N 232 
MET HE2  H N N 233 
MET HE3  H N N 234 
MET HXT  H N N 235 
SER N    N N N 236 
SER CA   C N S 237 
SER C    C N N 238 
SER O    O N N 239 
SER CB   C N N 240 
SER OG   O N N 241 
SER OXT  O N N 242 
SER H    H N N 243 
SER H2   H N N 244 
SER HA   H N N 245 
SER HB2  H N N 246 
SER HB3  H N N 247 
SER HG   H N N 248 
SER HXT  H N N 249 
TYR N    N N N 250 
TYR CA   C N S 251 
TYR C    C N N 252 
TYR O    O N N 253 
TYR CB   C N N 254 
TYR CG   C Y N 255 
TYR CD1  C Y N 256 
TYR CD2  C Y N 257 
TYR CE1  C Y N 258 
TYR CE2  C Y N 259 
TYR CZ   C Y N 260 
TYR OH   O N N 261 
TYR OXT  O N N 262 
TYR H    H N N 263 
TYR H2   H N N 264 
TYR HA   H N N 265 
TYR HB2  H N N 266 
TYR HB3  H N N 267 
TYR HD1  H N N 268 
TYR HD2  H N N 269 
TYR HE1  H N N 270 
TYR HE2  H N N 271 
TYR HH   H N N 272 
TYR HXT  H N N 273 
VAL N    N N N 274 
VAL CA   C N S 275 
VAL C    C N N 276 
VAL O    O N N 277 
VAL CB   C N N 278 
VAL CG1  C N N 279 
VAL CG2  C N N 280 
VAL OXT  O N N 281 
VAL H    H N N 282 
VAL H2   H N N 283 
VAL HA   H N N 284 
VAL HB   H N N 285 
VAL HG11 H N N 286 
VAL HG12 H N N 287 
VAL HG13 H N N 288 
VAL HG21 H N N 289 
VAL HG22 H N N 290 
VAL HG23 H N N 291 
VAL HXT  H N N 292 
# 
loop_
_chem_comp_bond.comp_id 
_chem_comp_bond.atom_id_1 
_chem_comp_bond.atom_id_2 
_chem_comp_bond.value_order 
_chem_comp_bond.pdbx_aromatic_flag 
_chem_comp_bond.pdbx_stereo_config 
_chem_comp_bond.pdbx_ordinal 
ALA N   CA   sing N N 1   
ALA N   H    sing N N 2   
ALA N   H2   sing N N 3   
ALA CA  C    sing N N 4   
ALA CA  CB   sing N N 5   
ALA CA  HA   sing N N 6   
ALA C   O    doub N N 7   
ALA C   OXT  sing N N 8   
ALA CB  HB1  sing N N 9   
ALA CB  HB2  sing N N 10  
ALA CB  HB3  sing N N 11  
ALA OXT HXT  sing N N 12  
ARG N   CA   sing N N 13  
ARG N   H    sing N N 14  
ARG N   H2   sing N N 15  
ARG CA  C    sing N N 16  
ARG CA  CB   sing N N 17  
ARG CA  HA   sing N N 18  
ARG C   O    doub N N 19  
ARG C   OXT  sing N N 20  
ARG CB  CG   sing N N 21  
ARG CB  HB2  sing N N 22  
ARG CB  HB3  sing N N 23  
ARG CG  CD   sing N N 24  
ARG CG  HG2  sing N N 25  
ARG CG  HG3  sing N N 26  
ARG CD  NE   sing N N 27  
ARG CD  HD2  sing N N 28  
ARG CD  HD3  sing N N 29  
ARG NE  CZ   sing N N 30  
ARG NE  HE   sing N N 31  
ARG CZ  NH1  sing N N 32  
ARG CZ  NH2  doub N N 33  
ARG NH1 HH11 sing N N 34  
ARG NH1 HH12 sing N N 35  
ARG NH2 HH21 sing N N 36  
ARG NH2 HH22 sing N N 37  
ARG OXT HXT  sing N N 38  
ASN N   CA   sing N N 39  
ASN N   H    sing N N 40  
ASN N   H2   sing N N 41  
ASN CA  C    sing N N 42  
ASN CA  CB   sing N N 43  
ASN CA  HA   sing N N 44  
ASN C   O    doub N N 45  
ASN C   OXT  sing N N 46  
ASN CB  CG   sing N N 47  
ASN CB  HB2  sing N N 48  
ASN CB  HB3  sing N N 49  
ASN CG  OD1  doub N N 50  
ASN CG  ND2  sing N N 51  
ASN ND2 HD21 sing N N 52  
ASN ND2 HD22 sing N N 53  
ASN OXT HXT  sing N N 54  
ASP N   CA   sing N N 55  
ASP N   H    sing N N 56  
ASP N   H2   sing N N 57  
ASP CA  C    sing N N 58  
ASP CA  CB   sing N N 59  
ASP CA  HA   sing N N 60  
ASP C   O    doub N N 61  
ASP C   OXT  sing N N 62  
ASP CB  CG   sing N N 63  
ASP CB  HB2  sing N N 64  
ASP CB  HB3  sing N N 65  
ASP CG  OD1  doub N N 66  
ASP CG  OD2  sing N N 67  
ASP OD2 HD2  sing N N 68  
ASP OXT HXT  sing N N 69  
GLN N   CA   sing N N 70  
GLN N   H    sing N N 71  
GLN N   H2   sing N N 72  
GLN CA  C    sing N N 73  
GLN CA  CB   sing N N 74  
GLN CA  HA   sing N N 75  
GLN C   O    doub N N 76  
GLN C   OXT  sing N N 77  
GLN CB  CG   sing N N 78  
GLN CB  HB2  sing N N 79  
GLN CB  HB3  sing N N 80  
GLN CG  CD   sing N N 81  
GLN CG  HG2  sing N N 82  
GLN CG  HG3  sing N N 83  
GLN CD  OE1  doub N N 84  
GLN CD  NE2  sing N N 85  
GLN NE2 HE21 sing N N 86  
GLN NE2 HE22 sing N N 87  
GLN OXT HXT  sing N N 88  
GLU N   CA   sing N N 89  
GLU N   H    sing N N 90  
GLU N   H2   sing N N 91  
GLU CA  C    sing N N 92  
GLU CA  CB   sing N N 93  
GLU CA  HA   sing N N 94  
GLU C   O    doub N N 95  
GLU C   OXT  sing N N 96  
GLU CB  CG   sing N N 97  
GLU CB  HB2  sing N N 98  
GLU CB  HB3  sing N N 99  
GLU CG  CD   sing N N 100 
GLU CG  HG2  sing N N 101 
GLU CG  HG3  sing N N 102 
GLU CD  OE1  doub N N 103 
GLU CD  OE2  sing N N 104 
GLU OE2 HE2  sing N N 105 
GLU OXT HXT  sing N N 106 
GLY N   CA   sing N N 107 
GLY N   H    sing N N 108 
GLY N   H2   sing N N 109 
GLY CA  C    sing N N 110 
GLY CA  HA2  sing N N 111 
GLY CA  HA3  sing N N 112 
GLY C   O    doub N N 113 
GLY C   OXT  sing N N 114 
GLY OXT HXT  sing N N 115 
HIS N   CA   sing N N 116 
HIS N   H    sing N N 117 
HIS N   H2   sing N N 118 
HIS CA  C    sing N N 119 
HIS CA  CB   sing N N 120 
HIS CA  HA   sing N N 121 
HIS C   O    doub N N 122 
HIS C   OXT  sing N N 123 
HIS CB  CG   sing N N 124 
HIS CB  HB2  sing N N 125 
HIS CB  HB3  sing N N 126 
HIS CG  ND1  sing Y N 127 
HIS CG  CD2  doub Y N 128 
HIS ND1 CE1  doub Y N 129 
HIS ND1 HD1  sing N N 130 
HIS CD2 NE2  sing Y N 131 
HIS CD2 HD2  sing N N 132 
HIS CE1 NE2  sing Y N 133 
HIS CE1 HE1  sing N N 134 
HIS NE2 HE2  sing N N 135 
HIS OXT HXT  sing N N 136 
HOH O   H1   sing N N 137 
HOH O   H2   sing N N 138 
ILE N   CA   sing N N 139 
ILE N   H    sing N N 140 
ILE N   H2   sing N N 141 
ILE CA  C    sing N N 142 
ILE CA  CB   sing N N 143 
ILE CA  HA   sing N N 144 
ILE C   O    doub N N 145 
ILE C   OXT  sing N N 146 
ILE CB  CG1  sing N N 147 
ILE CB  CG2  sing N N 148 
ILE CB  HB   sing N N 149 
ILE CG1 CD1  sing N N 150 
ILE CG1 HG12 sing N N 151 
ILE CG1 HG13 sing N N 152 
ILE CG2 HG21 sing N N 153 
ILE CG2 HG22 sing N N 154 
ILE CG2 HG23 sing N N 155 
ILE CD1 HD11 sing N N 156 
ILE CD1 HD12 sing N N 157 
ILE CD1 HD13 sing N N 158 
ILE OXT HXT  sing N N 159 
LEU N   CA   sing N N 160 
LEU N   H    sing N N 161 
LEU N   H2   sing N N 162 
LEU CA  C    sing N N 163 
LEU CA  CB   sing N N 164 
LEU CA  HA   sing N N 165 
LEU C   O    doub N N 166 
LEU C   OXT  sing N N 167 
LEU CB  CG   sing N N 168 
LEU CB  HB2  sing N N 169 
LEU CB  HB3  sing N N 170 
LEU CG  CD1  sing N N 171 
LEU CG  CD2  sing N N 172 
LEU CG  HG   sing N N 173 
LEU CD1 HD11 sing N N 174 
LEU CD1 HD12 sing N N 175 
LEU CD1 HD13 sing N N 176 
LEU CD2 HD21 sing N N 177 
LEU CD2 HD22 sing N N 178 
LEU CD2 HD23 sing N N 179 
LEU OXT HXT  sing N N 180 
LYS N   CA   sing N N 181 
LYS N   H    sing N N 182 
LYS N   H2   sing N N 183 
LYS CA  C    sing N N 184 
LYS CA  CB   sing N N 185 
LYS CA  HA   sing N N 186 
LYS C   O    doub N N 187 
LYS C   OXT  sing N N 188 
LYS CB  CG   sing N N 189 
LYS CB  HB2  sing N N 190 
LYS CB  HB3  sing N N 191 
LYS CG  CD   sing N N 192 
LYS CG  HG2  sing N N 193 
LYS CG  HG3  sing N N 194 
LYS CD  CE   sing N N 195 
LYS CD  HD2  sing N N 196 
LYS CD  HD3  sing N N 197 
LYS CE  NZ   sing N N 198 
LYS CE  HE2  sing N N 199 
LYS CE  HE3  sing N N 200 
LYS NZ  HZ1  sing N N 201 
LYS NZ  HZ2  sing N N 202 
LYS NZ  HZ3  sing N N 203 
LYS OXT HXT  sing N N 204 
MET N   CA   sing N N 205 
MET N   H    sing N N 206 
MET N   H2   sing N N 207 
MET CA  C    sing N N 208 
MET CA  CB   sing N N 209 
MET CA  HA   sing N N 210 
MET C   O    doub N N 211 
MET C   OXT  sing N N 212 
MET CB  CG   sing N N 213 
MET CB  HB2  sing N N 214 
MET CB  HB3  sing N N 215 
MET CG  SD   sing N N 216 
MET CG  HG2  sing N N 217 
MET CG  HG3  sing N N 218 
MET SD  CE   sing N N 219 
MET CE  HE1  sing N N 220 
MET CE  HE2  sing N N 221 
MET CE  HE3  sing N N 222 
MET OXT HXT  sing N N 223 
SER N   CA   sing N N 224 
SER N   H    sing N N 225 
SER N   H2   sing N N 226 
SER CA  C    sing N N 227 
SER CA  CB   sing N N 228 
SER CA  HA   sing N N 229 
SER C   O    doub N N 230 
SER C   OXT  sing N N 231 
SER CB  OG   sing N N 232 
SER CB  HB2  sing N N 233 
SER CB  HB3  sing N N 234 
SER OG  HG   sing N N 235 
SER OXT HXT  sing N N 236 
TYR N   CA   sing N N 237 
TYR N   H    sing N N 238 
TYR N   H2   sing N N 239 
TYR CA  C    sing N N 240 
TYR CA  CB   sing N N 241 
TYR CA  HA   sing N N 242 
TYR C   O    doub N N 243 
TYR C   OXT  sing N N 244 
TYR CB  CG   sing N N 245 
TYR CB  HB2  sing N N 246 
TYR CB  HB3  sing N N 247 
TYR CG  CD1  doub Y N 248 
TYR CG  CD2  sing Y N 249 
TYR CD1 CE1  sing Y N 250 
TYR CD1 HD1  sing N N 251 
TYR CD2 CE2  doub Y N 252 
TYR CD2 HD2  sing N N 253 
TYR CE1 CZ   doub Y N 254 
TYR CE1 HE1  sing N N 255 
TYR CE2 CZ   sing Y N 256 
TYR CE2 HE2  sing N N 257 
TYR CZ  OH   sing N N 258 
TYR OH  HH   sing N N 259 
TYR OXT HXT  sing N N 260 
VAL N   CA   sing N N 261 
VAL N   H    sing N N 262 
VAL N   H2   sing N N 263 
VAL CA  C    sing N N 264 
VAL CA  CB   sing N N 265 
VAL CA  HA   sing N N 266 
VAL C   O    doub N N 267 
VAL C   OXT  sing N N 268 
VAL CB  CG1  sing N N 269 
VAL CB  CG2  sing N N 270 
VAL CB  HB   sing N N 271 
VAL CG1 HG11 sing N N 272 
VAL CG1 HG12 sing N N 273 
VAL CG1 HG13 sing N N 274 
VAL CG2 HG21 sing N N 275 
VAL CG2 HG22 sing N N 276 
VAL CG2 HG23 sing N N 277 
VAL OXT HXT  sing N N 278 
# 
_pdbx_entity_nonpoly.entity_id   2 
_pdbx_entity_nonpoly.name        water 
_pdbx_entity_nonpoly.comp_id     HOH 
# 
_pdbx_initial_refinement_model.id               1 
_pdbx_initial_refinement_model.entity_id_list   ? 
_pdbx_initial_refinement_model.type             'experimental model' 
_pdbx_initial_refinement_model.source_name      PDB 
_pdbx_initial_refinement_model.accession_code   2O7H 
_pdbx_initial_refinement_model.details          ? 
# 
